data_4JHS
# 
_entry.id   4JHS 
# 
_audit_conform.dict_name       mmcif_pdbx.dic 
_audit_conform.dict_version    5.399 
_audit_conform.dict_location   http://mmcif.pdb.org/dictionaries/ascii/mmcif_pdbx.dic 
# 
loop_
_database_2.database_id 
_database_2.database_code 
_database_2.pdbx_database_accession 
_database_2.pdbx_DOI 
PDB   4JHS         pdb_00004jhs 10.2210/pdb4jhs/pdb 
RCSB  RCSB078062   ?            ?                   
WWPDB D_1000078062 ?            ?                   
# 
loop_
_pdbx_audit_revision_history.ordinal 
_pdbx_audit_revision_history.data_content_type 
_pdbx_audit_revision_history.major_revision 
_pdbx_audit_revision_history.minor_revision 
_pdbx_audit_revision_history.revision_date 
1 'Structure model' 1 0 2013-04-24 
2 'Structure model' 1 1 2017-11-15 
3 'Structure model' 1 2 2023-09-20 
4 'Structure model' 1 3 2024-11-27 
# 
_pdbx_audit_revision_details.ordinal             1 
_pdbx_audit_revision_details.revision_ordinal    1 
_pdbx_audit_revision_details.data_content_type   'Structure model' 
_pdbx_audit_revision_details.provider            repository 
_pdbx_audit_revision_details.type                'Initial release' 
_pdbx_audit_revision_details.description         ? 
_pdbx_audit_revision_details.details             ? 
# 
loop_
_pdbx_audit_revision_group.ordinal 
_pdbx_audit_revision_group.revision_ordinal 
_pdbx_audit_revision_group.data_content_type 
_pdbx_audit_revision_group.group 
1 2 'Structure model' 'Refinement description' 
2 3 'Structure model' 'Data collection'        
3 3 'Structure model' 'Database references'    
4 3 'Structure model' 'Derived calculations'   
5 3 'Structure model' 'Refinement description' 
6 4 'Structure model' 'Structure summary'      
# 
loop_
_pdbx_audit_revision_category.ordinal 
_pdbx_audit_revision_category.revision_ordinal 
_pdbx_audit_revision_category.data_content_type 
_pdbx_audit_revision_category.category 
1 2 'Structure model' software                      
2 3 'Structure model' chem_comp_atom                
3 3 'Structure model' chem_comp_bond                
4 3 'Structure model' database_2                    
5 3 'Structure model' pdbx_initial_refinement_model 
6 3 'Structure model' struct_ref_seq_dif            
7 3 'Structure model' struct_site                   
8 4 'Structure model' pdbx_entry_details            
9 4 'Structure model' pdbx_modification_feature     
# 
loop_
_pdbx_audit_revision_item.ordinal 
_pdbx_audit_revision_item.revision_ordinal 
_pdbx_audit_revision_item.data_content_type 
_pdbx_audit_revision_item.item 
1 2 'Structure model' '_software.name'                      
2 3 'Structure model' '_database_2.pdbx_DOI'                
3 3 'Structure model' '_database_2.pdbx_database_accession' 
4 3 'Structure model' '_struct_ref_seq_dif.details'         
5 3 'Structure model' '_struct_site.pdbx_auth_asym_id'      
6 3 'Structure model' '_struct_site.pdbx_auth_comp_id'      
7 3 'Structure model' '_struct_site.pdbx_auth_seq_id'       
# 
_pdbx_database_status.entry_id                        4JHS 
_pdbx_database_status.status_code                     REL 
_pdbx_database_status.deposit_site                    RCSB 
_pdbx_database_status.process_site                    RCSB 
_pdbx_database_status.recvd_initial_deposition_date   2013-03-05 
_pdbx_database_status.status_code_sf                  REL 
_pdbx_database_status.status_code_mr                  ? 
_pdbx_database_status.SG_entry                        Y 
_pdbx_database_status.status_code_cs                  ? 
_pdbx_database_status.methods_development_category    ? 
_pdbx_database_status.pdb_format_compatible           Y 
_pdbx_database_status.status_code_nmr_data            ? 
# 
_pdbx_database_related.db_name        TargetTrack 
_pdbx_database_related.db_id          NYSGRC-016193 
_pdbx_database_related.details        . 
_pdbx_database_related.content_type   unspecified 
# 
loop_
_audit_author.name 
_audit_author.pdbx_ordinal 
'Bonanno, J.B.'                                             1  
'Toro, R.'                                                  2  
'Gizzi, A.'                                                 3  
'Chan, M.K.'                                                4  
'Garrett-Thomson, S.C.'                                     5  
'Patel, H.'                                                 6  
'Lim, S.'                                                   7  
'Matikainen, B.'                                            8  
'Celikgil, A.'                                              9  
'Garforth, S.'                                              10 
'Hillerich, B.'                                             11 
'Seidel, R.'                                                12 
'Rand, J.H.'                                                13 
'Almo, S.C.'                                                14 
'New York Structural Genomics Research Consortium (NYSGRC)' 15 
'Atoms-to-Animals: The Immune Function Network (IFN)'       16 
# 
_citation.id                        primary 
_citation.title                     'Crystal structure of a C-terminal two domain fragment of human beta-2-glycoprotein 1' 
_citation.journal_abbrev            'To be Published' 
_citation.journal_volume            ? 
_citation.page_first                ? 
_citation.page_last                 ? 
_citation.year                      ? 
_citation.journal_id_ASTM           ? 
_citation.country                   ? 
_citation.journal_id_ISSN           ? 
_citation.journal_id_CSD            0353 
_citation.book_publisher            ? 
_citation.pdbx_database_id_PubMed   ? 
_citation.pdbx_database_id_DOI      ? 
# 
loop_
_citation_author.citation_id 
_citation_author.name 
_citation_author.ordinal 
_citation_author.identifier_ORCID 
primary 'Bonanno, J.B.'         1  ? 
primary 'Toro, R.'              2  ? 
primary 'Gizzi, A.'             3  ? 
primary 'Chan, M.K.'            4  ? 
primary 'Garrett-Thomson, S.C.' 5  ? 
primary 'Patel, H.'             6  ? 
primary 'Lim, S.'               7  ? 
primary 'Matikainen, B.'        8  ? 
primary 'Celikgil, A.'          9  ? 
primary 'Garforth, S.'          10 ? 
primary 'Hillerich, B.'         11 ? 
primary 'Seidel, R.'            12 ? 
primary 'Rand, J.H.'            13 ? 
primary 'Almo, S.C.'            14 ? 
# 
loop_
_entity.id 
_entity.type 
_entity.src_method 
_entity.pdbx_description 
_entity.formula_weight 
_entity.pdbx_number_of_molecules 
_entity.pdbx_ec 
_entity.pdbx_mutation 
_entity.pdbx_fragment 
_entity.details 
1 polymer     man 'Beta-2-glycoprotein 1' 20722.479 1 ? ? 'C-terminal two domain fragment (UNP residues 203-345)' ? 
2 non-polymer syn 'SULFATE ION'           96.063    3 ? ? ?                                                       ? 
# 
_entity_name_com.entity_id   1 
_entity_name_com.name        
;APC inhibitor, Activated protein C-binding protein, Anticardiolipin cofactor, Apolipoprotein H, Apo-H, Beta-2-glycoprotein I, B2GPI, Beta(2)GPI
;
# 
_entity_poly.entity_id                      1 
_entity_poly.type                           'polypeptide(L)' 
_entity_poly.nstd_linkage                   no 
_entity_poly.nstd_monomer                   no 
_entity_poly.pdbx_seq_one_letter_code       
;QDYKDDDDKHHHHHHHHHHENLYFQSHVLFIFPRTSGVKCPFPSRPDNGFVNYPAKPTLYYKDKATFGCHDGYSLDGPEE
IECTKLGNWSAMPSCKASCKVPVKKATVVYQGERVKIQEKFKNGMLHGDKVSFFCKNKEKKCSYTEDAQCIDGTIEVPKC
FKEHSSLAFWKTDASDVKPC
;
_entity_poly.pdbx_seq_one_letter_code_can   
;QDYKDDDDKHHHHHHHHHHENLYFQSHVLFIFPRTSGVKCPFPSRPDNGFVNYPAKPTLYYKDKATFGCHDGYSLDGPEE
IECTKLGNWSAMPSCKASCKVPVKKATVVYQGERVKIQEKFKNGMLHGDKVSFFCKNKEKKCSYTEDAQCIDGTIEVPKC
FKEHSSLAFWKTDASDVKPC
;
_entity_poly.pdbx_strand_id                 A 
_entity_poly.pdbx_target_identifier         NYSGRC-016193 
# 
_pdbx_entity_nonpoly.entity_id   2 
_pdbx_entity_nonpoly.name        'SULFATE ION' 
_pdbx_entity_nonpoly.comp_id     SO4 
# 
loop_
_entity_poly_seq.entity_id 
_entity_poly_seq.num 
_entity_poly_seq.mon_id 
_entity_poly_seq.hetero 
1 1   GLN n 
1 2   ASP n 
1 3   TYR n 
1 4   LYS n 
1 5   ASP n 
1 6   ASP n 
1 7   ASP n 
1 8   ASP n 
1 9   LYS n 
1 10  HIS n 
1 11  HIS n 
1 12  HIS n 
1 13  HIS n 
1 14  HIS n 
1 15  HIS n 
1 16  HIS n 
1 17  HIS n 
1 18  HIS n 
1 19  HIS n 
1 20  GLU n 
1 21  ASN n 
1 22  LEU n 
1 23  TYR n 
1 24  PHE n 
1 25  GLN n 
1 26  SER n 
1 27  HIS n 
1 28  VAL n 
1 29  LEU n 
1 30  PHE n 
1 31  ILE n 
1 32  PHE n 
1 33  PRO n 
1 34  ARG n 
1 35  THR n 
1 36  SER n 
1 37  GLY n 
1 38  VAL n 
1 39  LYS n 
1 40  CYS n 
1 41  PRO n 
1 42  PHE n 
1 43  PRO n 
1 44  SER n 
1 45  ARG n 
1 46  PRO n 
1 47  ASP n 
1 48  ASN n 
1 49  GLY n 
1 50  PHE n 
1 51  VAL n 
1 52  ASN n 
1 53  TYR n 
1 54  PRO n 
1 55  ALA n 
1 56  LYS n 
1 57  PRO n 
1 58  THR n 
1 59  LEU n 
1 60  TYR n 
1 61  TYR n 
1 62  LYS n 
1 63  ASP n 
1 64  LYS n 
1 65  ALA n 
1 66  THR n 
1 67  PHE n 
1 68  GLY n 
1 69  CYS n 
1 70  HIS n 
1 71  ASP n 
1 72  GLY n 
1 73  TYR n 
1 74  SER n 
1 75  LEU n 
1 76  ASP n 
1 77  GLY n 
1 78  PRO n 
1 79  GLU n 
1 80  GLU n 
1 81  ILE n 
1 82  GLU n 
1 83  CYS n 
1 84  THR n 
1 85  LYS n 
1 86  LEU n 
1 87  GLY n 
1 88  ASN n 
1 89  TRP n 
1 90  SER n 
1 91  ALA n 
1 92  MET n 
1 93  PRO n 
1 94  SER n 
1 95  CYS n 
1 96  LYS n 
1 97  ALA n 
1 98  SER n 
1 99  CYS n 
1 100 LYS n 
1 101 VAL n 
1 102 PRO n 
1 103 VAL n 
1 104 LYS n 
1 105 LYS n 
1 106 ALA n 
1 107 THR n 
1 108 VAL n 
1 109 VAL n 
1 110 TYR n 
1 111 GLN n 
1 112 GLY n 
1 113 GLU n 
1 114 ARG n 
1 115 VAL n 
1 116 LYS n 
1 117 ILE n 
1 118 GLN n 
1 119 GLU n 
1 120 LYS n 
1 121 PHE n 
1 122 LYS n 
1 123 ASN n 
1 124 GLY n 
1 125 MET n 
1 126 LEU n 
1 127 HIS n 
1 128 GLY n 
1 129 ASP n 
1 130 LYS n 
1 131 VAL n 
1 132 SER n 
1 133 PHE n 
1 134 PHE n 
1 135 CYS n 
1 136 LYS n 
1 137 ASN n 
1 138 LYS n 
1 139 GLU n 
1 140 LYS n 
1 141 LYS n 
1 142 CYS n 
1 143 SER n 
1 144 TYR n 
1 145 THR n 
1 146 GLU n 
1 147 ASP n 
1 148 ALA n 
1 149 GLN n 
1 150 CYS n 
1 151 ILE n 
1 152 ASP n 
1 153 GLY n 
1 154 THR n 
1 155 ILE n 
1 156 GLU n 
1 157 VAL n 
1 158 PRO n 
1 159 LYS n 
1 160 CYS n 
1 161 PHE n 
1 162 LYS n 
1 163 GLU n 
1 164 HIS n 
1 165 SER n 
1 166 SER n 
1 167 LEU n 
1 168 ALA n 
1 169 PHE n 
1 170 TRP n 
1 171 LYS n 
1 172 THR n 
1 173 ASP n 
1 174 ALA n 
1 175 SER n 
1 176 ASP n 
1 177 VAL n 
1 178 LYS n 
1 179 PRO n 
1 180 CYS n 
# 
_entity_src_gen.entity_id                          1 
_entity_src_gen.pdbx_src_id                        1 
_entity_src_gen.pdbx_alt_source_flag               sample 
_entity_src_gen.pdbx_seq_type                      ? 
_entity_src_gen.pdbx_beg_seq_num                   ? 
_entity_src_gen.pdbx_end_seq_num                   ? 
_entity_src_gen.gene_src_common_name               human 
_entity_src_gen.gene_src_genus                     ? 
_entity_src_gen.pdbx_gene_src_gene                 'APOH, B2G1' 
_entity_src_gen.gene_src_species                   ? 
_entity_src_gen.gene_src_strain                    ? 
_entity_src_gen.gene_src_tissue                    ? 
_entity_src_gen.gene_src_tissue_fraction           ? 
_entity_src_gen.gene_src_details                   ? 
_entity_src_gen.pdbx_gene_src_fragment             ? 
_entity_src_gen.pdbx_gene_src_scientific_name      'Homo sapiens' 
_entity_src_gen.pdbx_gene_src_ncbi_taxonomy_id     9606 
_entity_src_gen.pdbx_gene_src_variant              ? 
_entity_src_gen.pdbx_gene_src_cell_line            ? 
_entity_src_gen.pdbx_gene_src_atcc                 ? 
_entity_src_gen.pdbx_gene_src_organ                ? 
_entity_src_gen.pdbx_gene_src_organelle            ? 
_entity_src_gen.pdbx_gene_src_cell                 ? 
_entity_src_gen.pdbx_gene_src_cellular_location    ? 
_entity_src_gen.host_org_common_name               ? 
_entity_src_gen.pdbx_host_org_scientific_name      'TRICHOPLUSIA NI' 
_entity_src_gen.pdbx_host_org_ncbi_taxonomy_id     7111 
_entity_src_gen.host_org_genus                     ? 
_entity_src_gen.pdbx_host_org_gene                 ? 
_entity_src_gen.pdbx_host_org_organ                ? 
_entity_src_gen.host_org_species                   ? 
_entity_src_gen.pdbx_host_org_tissue               ? 
_entity_src_gen.pdbx_host_org_tissue_fraction      ? 
_entity_src_gen.pdbx_host_org_strain               BTI-TN-5B1-4 
_entity_src_gen.pdbx_host_org_variant              ? 
_entity_src_gen.pdbx_host_org_cell_line            ? 
_entity_src_gen.pdbx_host_org_atcc                 ? 
_entity_src_gen.pdbx_host_org_culture_collection   ? 
_entity_src_gen.pdbx_host_org_cell                 ? 
_entity_src_gen.pdbx_host_org_organelle            ? 
_entity_src_gen.pdbx_host_org_cellular_location    ? 
_entity_src_gen.pdbx_host_org_vector_type          plasmid 
_entity_src_gen.pdbx_host_org_vector               ? 
_entity_src_gen.host_org_details                   ? 
_entity_src_gen.expression_system_id               ? 
_entity_src_gen.plasmid_name                       pIEx 
_entity_src_gen.plasmid_details                    ? 
_entity_src_gen.pdbx_description                   ? 
# 
loop_
_chem_comp.id 
_chem_comp.type 
_chem_comp.mon_nstd_flag 
_chem_comp.name 
_chem_comp.pdbx_synonyms 
_chem_comp.formula 
_chem_comp.formula_weight 
ALA 'L-peptide linking' y ALANINE         ? 'C3 H7 N O2'     89.093  
ARG 'L-peptide linking' y ARGININE        ? 'C6 H15 N4 O2 1' 175.209 
ASN 'L-peptide linking' y ASPARAGINE      ? 'C4 H8 N2 O3'    132.118 
ASP 'L-peptide linking' y 'ASPARTIC ACID' ? 'C4 H7 N O4'     133.103 
CYS 'L-peptide linking' y CYSTEINE        ? 'C3 H7 N O2 S'   121.158 
GLN 'L-peptide linking' y GLUTAMINE       ? 'C5 H10 N2 O3'   146.144 
GLU 'L-peptide linking' y 'GLUTAMIC ACID' ? 'C5 H9 N O4'     147.129 
GLY 'peptide linking'   y GLYCINE         ? 'C2 H5 N O2'     75.067  
HIS 'L-peptide linking' y HISTIDINE       ? 'C6 H10 N3 O2 1' 156.162 
ILE 'L-peptide linking' y ISOLEUCINE      ? 'C6 H13 N O2'    131.173 
LEU 'L-peptide linking' y LEUCINE         ? 'C6 H13 N O2'    131.173 
LYS 'L-peptide linking' y LYSINE          ? 'C6 H15 N2 O2 1' 147.195 
MET 'L-peptide linking' y METHIONINE      ? 'C5 H11 N O2 S'  149.211 
PHE 'L-peptide linking' y PHENYLALANINE   ? 'C9 H11 N O2'    165.189 
PRO 'L-peptide linking' y PROLINE         ? 'C5 H9 N O2'     115.130 
SER 'L-peptide linking' y SERINE          ? 'C3 H7 N O3'     105.093 
SO4 non-polymer         . 'SULFATE ION'   ? 'O4 S -2'        96.063  
THR 'L-peptide linking' y THREONINE       ? 'C4 H9 N O3'     119.119 
TRP 'L-peptide linking' y TRYPTOPHAN      ? 'C11 H12 N2 O2'  204.225 
TYR 'L-peptide linking' y TYROSINE        ? 'C9 H11 N O3'    181.189 
VAL 'L-peptide linking' y VALINE          ? 'C5 H11 N O2'    117.146 
# 
loop_
_pdbx_poly_seq_scheme.asym_id 
_pdbx_poly_seq_scheme.entity_id 
_pdbx_poly_seq_scheme.seq_id 
_pdbx_poly_seq_scheme.mon_id 
_pdbx_poly_seq_scheme.ndb_seq_num 
_pdbx_poly_seq_scheme.pdb_seq_num 
_pdbx_poly_seq_scheme.auth_seq_num 
_pdbx_poly_seq_scheme.pdb_mon_id 
_pdbx_poly_seq_scheme.auth_mon_id 
_pdbx_poly_seq_scheme.pdb_strand_id 
_pdbx_poly_seq_scheme.pdb_ins_code 
_pdbx_poly_seq_scheme.hetero 
A 1 1   GLN 1   166 ?   ?   ?   A . n 
A 1 2   ASP 2   167 ?   ?   ?   A . n 
A 1 3   TYR 3   168 ?   ?   ?   A . n 
A 1 4   LYS 4   169 ?   ?   ?   A . n 
A 1 5   ASP 5   170 ?   ?   ?   A . n 
A 1 6   ASP 6   171 ?   ?   ?   A . n 
A 1 7   ASP 7   172 ?   ?   ?   A . n 
A 1 8   ASP 8   173 ?   ?   ?   A . n 
A 1 9   LYS 9   174 ?   ?   ?   A . n 
A 1 10  HIS 10  175 ?   ?   ?   A . n 
A 1 11  HIS 11  176 ?   ?   ?   A . n 
A 1 12  HIS 12  177 ?   ?   ?   A . n 
A 1 13  HIS 13  178 ?   ?   ?   A . n 
A 1 14  HIS 14  179 ?   ?   ?   A . n 
A 1 15  HIS 15  180 ?   ?   ?   A . n 
A 1 16  HIS 16  181 ?   ?   ?   A . n 
A 1 17  HIS 17  182 ?   ?   ?   A . n 
A 1 18  HIS 18  183 ?   ?   ?   A . n 
A 1 19  HIS 19  184 ?   ?   ?   A . n 
A 1 20  GLU 20  185 ?   ?   ?   A . n 
A 1 21  ASN 21  186 ?   ?   ?   A . n 
A 1 22  LEU 22  187 ?   ?   ?   A . n 
A 1 23  TYR 23  188 ?   ?   ?   A . n 
A 1 24  PHE 24  189 ?   ?   ?   A . n 
A 1 25  GLN 25  190 ?   ?   ?   A . n 
A 1 26  SER 26  191 ?   ?   ?   A . n 
A 1 27  HIS 27  192 ?   ?   ?   A . n 
A 1 28  VAL 28  193 ?   ?   ?   A . n 
A 1 29  LEU 29  194 ?   ?   ?   A . n 
A 1 30  PHE 30  195 ?   ?   ?   A . n 
A 1 31  ILE 31  196 ?   ?   ?   A . n 
A 1 32  PHE 32  197 ?   ?   ?   A . n 
A 1 33  PRO 33  198 ?   ?   ?   A . n 
A 1 34  ARG 34  199 ?   ?   ?   A . n 
A 1 35  THR 35  200 ?   ?   ?   A . n 
A 1 36  SER 36  201 ?   ?   ?   A . n 
A 1 37  GLY 37  202 ?   ?   ?   A . n 
A 1 38  VAL 38  203 ?   ?   ?   A . n 
A 1 39  LYS 39  204 204 LYS LYS A . n 
A 1 40  CYS 40  205 205 CYS CYS A . n 
A 1 41  PRO 41  206 206 PRO PRO A . n 
A 1 42  PHE 42  207 207 PHE PHE A . n 
A 1 43  PRO 43  208 208 PRO PRO A . n 
A 1 44  SER 44  209 209 SER SER A . n 
A 1 45  ARG 45  210 210 ARG ARG A . n 
A 1 46  PRO 46  211 211 PRO PRO A . n 
A 1 47  ASP 47  212 212 ASP ASP A . n 
A 1 48  ASN 48  213 213 ASN ASN A . n 
A 1 49  GLY 49  214 214 GLY GLY A . n 
A 1 50  PHE 50  215 215 PHE PHE A . n 
A 1 51  VAL 51  216 216 VAL VAL A . n 
A 1 52  ASN 52  217 217 ASN ASN A . n 
A 1 53  TYR 53  218 218 TYR TYR A . n 
A 1 54  PRO 54  219 219 PRO PRO A . n 
A 1 55  ALA 55  220 220 ALA ALA A . n 
A 1 56  LYS 56  221 221 LYS LYS A . n 
A 1 57  PRO 57  222 222 PRO PRO A . n 
A 1 58  THR 58  223 223 THR THR A . n 
A 1 59  LEU 59  224 224 LEU LEU A . n 
A 1 60  TYR 60  225 225 TYR TYR A . n 
A 1 61  TYR 61  226 226 TYR TYR A . n 
A 1 62  LYS 62  227 227 LYS LYS A . n 
A 1 63  ASP 63  228 228 ASP ASP A . n 
A 1 64  LYS 64  229 229 LYS LYS A . n 
A 1 65  ALA 65  230 230 ALA ALA A . n 
A 1 66  THR 66  231 231 THR THR A . n 
A 1 67  PHE 67  232 232 PHE PHE A . n 
A 1 68  GLY 68  233 233 GLY GLY A . n 
A 1 69  CYS 69  234 234 CYS CYS A . n 
A 1 70  HIS 70  235 235 HIS HIS A . n 
A 1 71  ASP 71  236 236 ASP ASP A . n 
A 1 72  GLY 72  237 237 GLY GLY A . n 
A 1 73  TYR 73  238 238 TYR TYR A . n 
A 1 74  SER 74  239 239 SER SER A . n 
A 1 75  LEU 75  240 240 LEU LEU A . n 
A 1 76  ASP 76  241 241 ASP ASP A . n 
A 1 77  GLY 77  242 242 GLY GLY A . n 
A 1 78  PRO 78  243 243 PRO PRO A . n 
A 1 79  GLU 79  244 244 GLU GLU A . n 
A 1 80  GLU 80  245 245 GLU GLU A . n 
A 1 81  ILE 81  246 246 ILE ILE A . n 
A 1 82  GLU 82  247 247 GLU GLU A . n 
A 1 83  CYS 83  248 248 CYS CYS A . n 
A 1 84  THR 84  249 249 THR THR A . n 
A 1 85  LYS 85  250 250 LYS LYS A . n 
A 1 86  LEU 86  251 251 LEU LEU A . n 
A 1 87  GLY 87  252 252 GLY GLY A . n 
A 1 88  ASN 88  253 253 ASN ASN A . n 
A 1 89  TRP 89  254 254 TRP TRP A . n 
A 1 90  SER 90  255 255 SER SER A . n 
A 1 91  ALA 91  256 256 ALA ALA A . n 
A 1 92  MET 92  257 257 MET MET A . n 
A 1 93  PRO 93  258 258 PRO PRO A . n 
A 1 94  SER 94  259 259 SER SER A . n 
A 1 95  CYS 95  260 260 CYS CYS A . n 
A 1 96  LYS 96  261 261 LYS LYS A . n 
A 1 97  ALA 97  262 262 ALA ALA A . n 
A 1 98  SER 98  263 263 SER SER A . n 
A 1 99  CYS 99  264 264 CYS CYS A . n 
A 1 100 LYS 100 265 265 LYS LYS A . n 
A 1 101 VAL 101 266 266 VAL VAL A . n 
A 1 102 PRO 102 267 267 PRO PRO A . n 
A 1 103 VAL 103 268 268 VAL VAL A . n 
A 1 104 LYS 104 269 269 LYS LYS A . n 
A 1 105 LYS 105 270 270 LYS LYS A . n 
A 1 106 ALA 106 271 271 ALA ALA A . n 
A 1 107 THR 107 272 272 THR THR A . n 
A 1 108 VAL 108 273 273 VAL VAL A . n 
A 1 109 VAL 109 274 274 VAL VAL A . n 
A 1 110 TYR 110 275 275 TYR TYR A . n 
A 1 111 GLN 111 276 276 GLN GLN A . n 
A 1 112 GLY 112 277 277 GLY GLY A . n 
A 1 113 GLU 113 278 278 GLU GLU A . n 
A 1 114 ARG 114 279 279 ARG ARG A . n 
A 1 115 VAL 115 280 280 VAL VAL A . n 
A 1 116 LYS 116 281 281 LYS LYS A . n 
A 1 117 ILE 117 282 282 ILE ILE A . n 
A 1 118 GLN 118 283 283 GLN GLN A . n 
A 1 119 GLU 119 284 284 GLU GLU A . n 
A 1 120 LYS 120 285 285 LYS LYS A . n 
A 1 121 PHE 121 286 286 PHE PHE A . n 
A 1 122 LYS 122 287 287 LYS LYS A . n 
A 1 123 ASN 123 288 288 ASN ASN A . n 
A 1 124 GLY 124 289 289 GLY GLY A . n 
A 1 125 MET 125 290 290 MET MET A . n 
A 1 126 LEU 126 291 291 LEU LEU A . n 
A 1 127 HIS 127 292 292 HIS HIS A . n 
A 1 128 GLY 128 293 293 GLY GLY A . n 
A 1 129 ASP 129 294 294 ASP ASP A . n 
A 1 130 LYS 130 295 295 LYS LYS A . n 
A 1 131 VAL 131 296 296 VAL VAL A . n 
A 1 132 SER 132 297 297 SER SER A . n 
A 1 133 PHE 133 298 298 PHE PHE A . n 
A 1 134 PHE 134 299 299 PHE PHE A . n 
A 1 135 CYS 135 300 300 CYS CYS A . n 
A 1 136 LYS 136 301 301 LYS LYS A . n 
A 1 137 ASN 137 302 302 ASN ASN A . n 
A 1 138 LYS 138 303 303 LYS LYS A . n 
A 1 139 GLU 139 304 304 GLU GLU A . n 
A 1 140 LYS 140 305 305 LYS LYS A . n 
A 1 141 LYS 141 306 306 LYS LYS A . n 
A 1 142 CYS 142 307 307 CYS CYS A . n 
A 1 143 SER 143 308 308 SER SER A . n 
A 1 144 TYR 144 309 309 TYR TYR A . n 
A 1 145 THR 145 310 310 THR THR A . n 
A 1 146 GLU 146 311 311 GLU GLU A . n 
A 1 147 ASP 147 312 312 ASP ASP A . n 
A 1 148 ALA 148 313 313 ALA ALA A . n 
A 1 149 GLN 149 314 314 GLN GLN A . n 
A 1 150 CYS 150 315 315 CYS CYS A . n 
A 1 151 ILE 151 316 316 ILE ILE A . n 
A 1 152 ASP 152 317 317 ASP ASP A . n 
A 1 153 GLY 153 318 318 GLY GLY A . n 
A 1 154 THR 154 319 319 THR THR A . n 
A 1 155 ILE 155 320 320 ILE ILE A . n 
A 1 156 GLU 156 321 321 GLU GLU A . n 
A 1 157 VAL 157 322 322 VAL VAL A . n 
A 1 158 PRO 158 323 323 PRO PRO A . n 
A 1 159 LYS 159 324 324 LYS LYS A . n 
A 1 160 CYS 160 325 325 CYS CYS A . n 
A 1 161 PHE 161 326 326 PHE PHE A . n 
A 1 162 LYS 162 327 327 LYS LYS A . n 
A 1 163 GLU 163 328 328 GLU GLU A . n 
A 1 164 HIS 164 329 329 HIS HIS A . n 
A 1 165 SER 165 330 330 SER SER A . n 
A 1 166 SER 166 331 331 SER SER A . n 
A 1 167 LEU 167 332 332 LEU LEU A . n 
A 1 168 ALA 168 333 333 ALA ALA A . n 
A 1 169 PHE 169 334 334 PHE PHE A . n 
A 1 170 TRP 170 335 335 TRP TRP A . n 
A 1 171 LYS 171 336 336 LYS LYS A . n 
A 1 172 THR 172 337 337 THR THR A . n 
A 1 173 ASP 173 338 338 ASP ASP A . n 
A 1 174 ALA 174 339 339 ALA ALA A . n 
A 1 175 SER 175 340 340 SER SER A . n 
A 1 176 ASP 176 341 341 ASP ASP A . n 
A 1 177 VAL 177 342 342 VAL VAL A . n 
A 1 178 LYS 178 343 343 LYS LYS A . n 
A 1 179 PRO 179 344 344 PRO PRO A . n 
A 1 180 CYS 180 345 345 CYS CYS A . n 
# 
loop_
_pdbx_nonpoly_scheme.asym_id 
_pdbx_nonpoly_scheme.entity_id 
_pdbx_nonpoly_scheme.mon_id 
_pdbx_nonpoly_scheme.ndb_seq_num 
_pdbx_nonpoly_scheme.pdb_seq_num 
_pdbx_nonpoly_scheme.auth_seq_num 
_pdbx_nonpoly_scheme.pdb_mon_id 
_pdbx_nonpoly_scheme.auth_mon_id 
_pdbx_nonpoly_scheme.pdb_strand_id 
_pdbx_nonpoly_scheme.pdb_ins_code 
B 2 SO4 1 401 1 SO4 SO4 A . 
C 2 SO4 1 402 2 SO4 SO4 A . 
D 2 SO4 1 403 3 SO4 SO4 A . 
# 
loop_
_pdbx_unobs_or_zero_occ_atoms.id 
_pdbx_unobs_or_zero_occ_atoms.PDB_model_num 
_pdbx_unobs_or_zero_occ_atoms.polymer_flag 
_pdbx_unobs_or_zero_occ_atoms.occupancy_flag 
_pdbx_unobs_or_zero_occ_atoms.auth_asym_id 
_pdbx_unobs_or_zero_occ_atoms.auth_comp_id 
_pdbx_unobs_or_zero_occ_atoms.auth_seq_id 
_pdbx_unobs_or_zero_occ_atoms.PDB_ins_code 
_pdbx_unobs_or_zero_occ_atoms.auth_atom_id 
_pdbx_unobs_or_zero_occ_atoms.label_alt_id 
_pdbx_unobs_or_zero_occ_atoms.label_asym_id 
_pdbx_unobs_or_zero_occ_atoms.label_comp_id 
_pdbx_unobs_or_zero_occ_atoms.label_seq_id 
_pdbx_unobs_or_zero_occ_atoms.label_atom_id 
1  1 Y 1 A LYS 227 ? CG  ? A LYS 62  CG  
2  1 Y 1 A LYS 227 ? CD  ? A LYS 62  CD  
3  1 Y 1 A LYS 227 ? CE  ? A LYS 62  CE  
4  1 Y 1 A LYS 227 ? NZ  ? A LYS 62  NZ  
5  1 Y 1 A LYS 250 ? CG  ? A LYS 85  CG  
6  1 Y 1 A LYS 250 ? CD  ? A LYS 85  CD  
7  1 Y 1 A LYS 250 ? CE  ? A LYS 85  CE  
8  1 Y 1 A LYS 250 ? NZ  ? A LYS 85  NZ  
9  1 Y 1 A LEU 251 ? CG  ? A LEU 86  CG  
10 1 Y 1 A LEU 251 ? CD1 ? A LEU 86  CD1 
11 1 Y 1 A LEU 251 ? CD2 ? A LEU 86  CD2 
12 1 Y 1 A GLU 304 ? CG  ? A GLU 139 CG  
13 1 Y 1 A GLU 304 ? CD  ? A GLU 139 CD  
14 1 Y 1 A GLU 304 ? OE1 ? A GLU 139 OE1 
15 1 Y 1 A GLU 304 ? OE2 ? A GLU 139 OE2 
16 1 Y 1 A LYS 306 ? CG  ? A LYS 141 CG  
17 1 Y 1 A LYS 306 ? CD  ? A LYS 141 CD  
18 1 Y 1 A LYS 306 ? CE  ? A LYS 141 CE  
19 1 Y 1 A LYS 306 ? NZ  ? A LYS 141 NZ  
# 
loop_
_software.pdbx_ordinal 
_software.name 
_software.version 
_software.date 
_software.type 
_software.contact_author 
_software.contact_author_email 
_software.classification 
_software.location 
_software.language 
_software.citation_id 
1 SCALA       3.3.20 2011/05/18       other   'Phil R. Evans'      pre@mrc-lmb.cam.ac.uk    'data scaling'    
http://www.ccp4.ac.uk/dist/html/scala.html   Fortran_77 ? 
2 REFMAC      .      ?                program 'Garib N. Murshudov' garib@ysbl.york.ac.uk    refinement        
http://www.ccp4.ac.uk/dist/html/refmac5.html Fortran_77 ? 
3 PDB_EXTRACT 3.11   'April 22, 2011' package PDB                  deposit@deposit.rcsb.org 'data extraction' 
http://sw-tools.pdb.org/apps/PDB_EXTRACT/    C++        ? 
4 MAR345      .      ?                ?       ?                    ?                        'data collection' ? ?          ? 
5 MOSFLM      .      ?                ?       ?                    ?                        'data reduction'  ? ?          ? 
6 MOLREP      .      ?                ?       ?                    ?                        phasing           ? ?          ? 
7 Coot        .      ?                ?       ?                    ?                        'model building'  ? ?          ? 
# 
_cell.length_a           157.790 
_cell.length_b           157.790 
_cell.length_c           157.790 
_cell.angle_alpha        90.000 
_cell.angle_beta         90.000 
_cell.angle_gamma        90.000 
_cell.entry_id           4JHS 
_cell.pdbx_unique_axis   ? 
_cell.Z_PDB              48 
_cell.length_a_esd       ? 
_cell.length_b_esd       ? 
_cell.length_c_esd       ? 
_cell.angle_alpha_esd    ? 
_cell.angle_beta_esd     ? 
_cell.angle_gamma_esd    ? 
# 
_symmetry.space_group_name_H-M             'I 41 3 2' 
_symmetry.entry_id                         4JHS 
_symmetry.Int_Tables_number                214 
_symmetry.pdbx_full_space_group_name_H-M   ? 
_symmetry.cell_setting                     ? 
_symmetry.space_group_name_Hall            ? 
# 
_exptl.crystals_number   1 
_exptl.entry_id          4JHS 
_exptl.method            'X-RAY DIFFRACTION' 
# 
_exptl_crystal.id                    1 
_exptl_crystal.density_Matthews      3.95 
_exptl_crystal.density_meas          ? 
_exptl_crystal.density_percent_sol   68.86 
_exptl_crystal.description           ? 
_exptl_crystal.F_000                 ? 
_exptl_crystal.preparation           ? 
# 
_exptl_crystal_grow.crystal_id      1 
_exptl_crystal_grow.method          'VAPOR DIFFUSION' 
_exptl_crystal_grow.pH              4.6 
_exptl_crystal_grow.temp            294 
_exptl_crystal_grow.pdbx_details    
'100mM sodium acetate trihydrate pH 4.6, 2.0M ammonium sulfate, vapor diffusion, temperature 294K' 
_exptl_crystal_grow.temp_details    ? 
_exptl_crystal_grow.pdbx_pH_range   ? 
# 
_diffrn.id                     1 
_diffrn.ambient_temp           100 
_diffrn.ambient_temp_details   ? 
_diffrn.crystal_id             1 
# 
_diffrn_detector.diffrn_id              1 
_diffrn_detector.detector               CCD 
_diffrn_detector.type                   'ADSC QUANTUM 315r' 
_diffrn_detector.pdbx_collection_date   2011-06-19 
_diffrn_detector.details                ? 
# 
_diffrn_radiation.diffrn_id                        1 
_diffrn_radiation.pdbx_diffrn_protocol             'SINGLE WAVELENGTH' 
_diffrn_radiation.monochromator                    'Si(111)' 
_diffrn_radiation.wavelength_id                    1 
_diffrn_radiation.pdbx_monochromatic_or_laue_m_l   M 
_diffrn_radiation.pdbx_scattering_type             x-ray 
# 
_diffrn_radiation_wavelength.id           1 
_diffrn_radiation_wavelength.wavelength   0.97950 
_diffrn_radiation_wavelength.wt           1.0 
# 
_diffrn_source.diffrn_id                   1 
_diffrn_source.source                      SYNCHROTRON 
_diffrn_source.type                        'NSLS BEAMLINE X29A' 
_diffrn_source.pdbx_wavelength_list        0.97950 
_diffrn_source.pdbx_wavelength             ? 
_diffrn_source.pdbx_synchrotron_site       NSLS 
_diffrn_source.pdbx_synchrotron_beamline   X29A 
# 
_reflns.entry_id                     4JHS 
_reflns.d_resolution_high            3.0 
_reflns.d_resolution_low             50.0 
_reflns.number_all                   7030 
_reflns.number_obs                   7030 
_reflns.pdbx_netI_over_sigmaI        16.900 
_reflns.pdbx_Rsym_value              0.180 
_reflns.pdbx_redundancy              21.500 
_reflns.percent_possible_obs         100.000 
_reflns.observed_criterion_sigma_F   -3 
_reflns.observed_criterion_sigma_I   -3 
_reflns.pdbx_Rmerge_I_obs            ? 
_reflns.B_iso_Wilson_estimate        70.3 
_reflns.R_free_details               ? 
_reflns.limit_h_max                  ? 
_reflns.limit_h_min                  ? 
_reflns.limit_k_max                  ? 
_reflns.limit_k_min                  ? 
_reflns.limit_l_max                  ? 
_reflns.limit_l_min                  ? 
_reflns.observed_criterion_F_max     ? 
_reflns.observed_criterion_F_min     ? 
_reflns.pdbx_chi_squared             ? 
_reflns.pdbx_scaling_rejects         ? 
_reflns.pdbx_ordinal                 1 
_reflns.pdbx_diffrn_id               1 
# 
loop_
_reflns_shell.d_res_high 
_reflns_shell.d_res_low 
_reflns_shell.number_measured_obs 
_reflns_shell.number_measured_all 
_reflns_shell.number_unique_obs 
_reflns_shell.Rmerge_I_obs 
_reflns_shell.meanI_over_sigI_obs 
_reflns_shell.pdbx_Rsym_value 
_reflns_shell.pdbx_chi_squared 
_reflns_shell.pdbx_redundancy 
_reflns_shell.percent_possible_obs 
_reflns_shell.number_unique_all 
_reflns_shell.percent_possible_all 
_reflns_shell.pdbx_ordinal 
_reflns_shell.pdbx_diffrn_id 
3.000 3.160  ? 21340 ? 0.819 1.000 0.819 ? 21.400 ? 999 100.000 1  1 
3.160 3.350  ? 20768 ? 0.514 1.500 0.514 ? 21.800 ? 951 100.000 2  1 
3.350 3.590  ? 19731 ? 0.344 2.300 0.344 ? 22.100 ? 892 100.000 3  1 
3.590 3.870  ? 18342 ? 0.233 3.300 0.233 ? 22.200 ? 825 100.000 4  1 
3.870 4.240  ? 17162 ? 0.150 5.000 0.150 ? 22.100 ? 777 100.000 5  1 
4.240 4.740  ? 15184 ? 0.119 6.200 0.119 ? 21.600 ? 702 100.000 6  1 
4.740 5.480  ? 13456 ? 0.120 6.100 0.120 ? 21.100 ? 639 100.000 7  1 
5.480 6.710  ? 10528 ? 0.114 6.100 0.114 ? 19.500 ? 541 100.000 8  1 
6.710 9.490  ? 9214  ? 0.073 9.000 0.073 ? 21.300 ? 433 100.000 9  1 
9.490 49.898 ? 5088  ? 0.059 9.700 0.059 ? 18.800 ? 271 99.400  10 1 
# 
_refine.entry_id                                 4JHS 
_refine.ls_d_res_high                            3.0 
_refine.ls_d_res_low                             20.0 
_refine.pdbx_ls_sigma_F                          0 
_refine.pdbx_data_cutoff_high_absF               ? 
_refine.pdbx_data_cutoff_low_absF                ? 
_refine.ls_percent_reflns_obs                    99.95 
_refine.ls_number_reflns_obs                     6984 
_refine.ls_number_reflns_all                     6987 
_refine.pdbx_ls_cross_valid_method               THROUGHOUT 
_refine.pdbx_R_Free_selection_details            Random 
_refine.details                                  ? 
_refine.ls_R_factor_all                          0.2086 
_refine.ls_R_factor_obs                          ? 
_refine.ls_R_factor_R_work                       0.2066 
_refine.ls_wR_factor_R_work                      0.1818 
_refine.ls_R_factor_R_free                       0.2496 
_refine.ls_wR_factor_R_free                      0.2260 
_refine.ls_percent_reflns_R_free                 ? 
_refine.ls_number_reflns_R_free                  331 
_refine.ls_R_factor_R_free_error                 ? 
_refine.B_iso_mean                               53.8027 
_refine.solvent_model_param_bsol                 ? 
_refine.solvent_model_param_ksol                 ? 
_refine.pdbx_isotropic_thermal_model             ? 
_refine.aniso_B[1][1]                            ? 
_refine.aniso_B[2][2]                            ? 
_refine.aniso_B[3][3]                            ? 
_refine.aniso_B[1][2]                            ? 
_refine.aniso_B[1][3]                            ? 
_refine.aniso_B[2][3]                            ? 
_refine.correlation_coeff_Fo_to_Fc               ? 
_refine.correlation_coeff_Fo_to_Fc_free          ? 
_refine.overall_SU_R_Cruickshank_DPI             0.4440 
_refine.overall_SU_R_free                        0.3104 
_refine.pdbx_overall_ESU_R                       ? 
_refine.pdbx_overall_ESU_R_Free                  ? 
_refine.overall_SU_ML                            ? 
_refine.overall_SU_B                             ? 
_refine.solvent_model_details                    ? 
_refine.pdbx_solvent_vdw_probe_radii             ? 
_refine.pdbx_solvent_ion_probe_radii             ? 
_refine.pdbx_solvent_shrinkage_radii             ? 
_refine.ls_number_parameters                     ? 
_refine.ls_number_restraints                     ? 
_refine.pdbx_starting_model                      1C1Z 
_refine.pdbx_method_to_determine_struct          'MOLECULAR REPLACEMENT' 
_refine.pdbx_stereochemistry_target_values       'Engh & Huber' 
_refine.pdbx_stereochem_target_val_spec_case     ? 
_refine.overall_FOM_work_R_set                   0.8611 
_refine.B_iso_max                                110.960 
_refine.B_iso_min                                25.750 
_refine.pdbx_overall_phase_error                 ? 
_refine.occupancy_max                            1.000 
_refine.occupancy_min                            1.000 
_refine.pdbx_ls_sigma_I                          ? 
_refine.ls_redundancy_reflns_obs                 ? 
_refine.ls_R_factor_R_free_error_details         ? 
_refine.pdbx_data_cutoff_high_rms_absF           ? 
_refine.overall_FOM_free_R_set                   ? 
_refine.pdbx_diffrn_id                           1 
_refine.pdbx_refine_id                           'X-RAY DIFFRACTION' 
_refine.pdbx_TLS_residual_ADP_flag               ? 
_refine.pdbx_overall_SU_R_free_Cruickshank_DPI   ? 
_refine.pdbx_overall_SU_R_Blow_DPI               ? 
_refine.pdbx_overall_SU_R_free_Blow_DPI          ? 
# 
_refine_hist.pdbx_refine_id                   'X-RAY DIFFRACTION' 
_refine_hist.cycle_id                         LAST 
_refine_hist.pdbx_number_atoms_protein        1097 
_refine_hist.pdbx_number_atoms_nucleic_acid   0 
_refine_hist.pdbx_number_atoms_ligand         15 
_refine_hist.number_atoms_solvent             0 
_refine_hist.number_atoms_total               1112 
_refine_hist.d_res_high                       3.0 
_refine_hist.d_res_low                        20.0 
# 
loop_
_refine_ls_restr.type 
_refine_ls_restr.dev_ideal 
_refine_ls_restr.dev_ideal_target 
_refine_ls_restr.number 
_refine_ls_restr.weight 
_refine_ls_restr.pdbx_restraint_function 
_refine_ls_restr.pdbx_refine_id 
r_bond_refined_d       0.010  ? ? ? ? 'X-RAY DIFFRACTION' 
r_angle_refined_deg    1.370  ? ? ? ? 'X-RAY DIFFRACTION' 
r_dihedral_angle_1_deg 7.206  ? ? ? ? 'X-RAY DIFFRACTION' 
r_dihedral_angle_2_deg 37.724 ? ? ? ? 'X-RAY DIFFRACTION' 
r_chiral_restr         0.071  ? ? ? ? 'X-RAY DIFFRACTION' 
r_gen_planes_refined   0.005  ? ? ? ? 'X-RAY DIFFRACTION' 
r_dihedral_angle_3_deg 22.262 ? ? ? ? 'X-RAY DIFFRACTION' 
r_dihedral_angle_4_deg 23.261 ? ? ? ? 'X-RAY DIFFRACTION' 
# 
_refine_ls_shell.d_res_high                       3.000 
_refine_ls_shell.d_res_low                        3.076 
_refine_ls_shell.number_reflns_obs                492 
_refine_ls_shell.number_reflns_R_free             24 
_refine_ls_shell.R_factor_R_work                  0.285 
_refine_ls_shell.R_factor_R_free                  0.421 
_refine_ls_shell.R_factor_R_free_error            ? 
_refine_ls_shell.percent_reflns_obs               100.00 
_refine_ls_shell.percent_reflns_R_free            ? 
_refine_ls_shell.pdbx_total_number_of_bins_used   ? 
_refine_ls_shell.number_reflns_R_work             ? 
_refine_ls_shell.redundancy_reflns_obs            ? 
_refine_ls_shell.number_reflns_all                ? 
_refine_ls_shell.R_factor_all                     ? 
_refine_ls_shell.pdbx_refine_id                   'X-RAY DIFFRACTION' 
# 
_struct.entry_id                  4JHS 
_struct.title                     'Crystal structure of a C-terminal two domain fragment of human beta-2-glycoprotein 1' 
_struct.pdbx_model_details        ? 
_struct.pdbx_CASP_flag            ? 
_struct.pdbx_model_type_details   ? 
# 
_struct_keywords.entry_id        4JHS 
_struct_keywords.text            
;STRUCTURAL GENOMICS, GLYCOPROTEIN, PSI-Biology, New York Structural Genomics Research Consortium, NYSGRC, Atoms-to-Animals: The Immune Function Network, IFN, SIGNALING PROTEIN
;
_struct_keywords.pdbx_keywords   'SIGNALING PROTEIN' 
# 
loop_
_struct_asym.id 
_struct_asym.pdbx_blank_PDB_chainid_flag 
_struct_asym.pdbx_modified 
_struct_asym.entity_id 
_struct_asym.details 
A N N 1 ? 
B N N 2 ? 
C N N 2 ? 
D N N 2 ? 
# 
_struct_ref.id                         1 
_struct_ref.db_name                    UNP 
_struct_ref.db_code                    APOH_HUMAN 
_struct_ref.pdbx_db_accession          P02749 
_struct_ref.entity_id                  1 
_struct_ref.pdbx_seq_one_letter_code   
;VKCPFPSRPDNGFVNYPAKPTLYYKDKATFGCHDGYSLDGPEEIECTKLGNWSAMPSCKASCKVPVKKATVVYQGERVKI
QEKFKNGMLHGDKVSFFCKNKEKKCSYTEDAQCIDGTIEVPKCFKEHSSLAFWKTDASDVKPC
;
_struct_ref.pdbx_align_begin           203 
_struct_ref.pdbx_db_isoform            ? 
# 
_struct_ref_seq.align_id                      1 
_struct_ref_seq.ref_id                        1 
_struct_ref_seq.pdbx_PDB_id_code              4JHS 
_struct_ref_seq.pdbx_strand_id                A 
_struct_ref_seq.seq_align_beg                 38 
_struct_ref_seq.pdbx_seq_align_beg_ins_code   ? 
_struct_ref_seq.seq_align_end                 180 
_struct_ref_seq.pdbx_seq_align_end_ins_code   ? 
_struct_ref_seq.pdbx_db_accession             P02749 
_struct_ref_seq.db_align_beg                  203 
_struct_ref_seq.pdbx_db_align_beg_ins_code    ? 
_struct_ref_seq.db_align_end                  345 
_struct_ref_seq.pdbx_db_align_end_ins_code    ? 
_struct_ref_seq.pdbx_auth_seq_align_beg       203 
_struct_ref_seq.pdbx_auth_seq_align_end       345 
# 
loop_
_struct_ref_seq_dif.align_id 
_struct_ref_seq_dif.pdbx_pdb_id_code 
_struct_ref_seq_dif.mon_id 
_struct_ref_seq_dif.pdbx_pdb_strand_id 
_struct_ref_seq_dif.seq_num 
_struct_ref_seq_dif.pdbx_pdb_ins_code 
_struct_ref_seq_dif.pdbx_seq_db_name 
_struct_ref_seq_dif.pdbx_seq_db_accession_code 
_struct_ref_seq_dif.db_mon_id 
_struct_ref_seq_dif.pdbx_seq_db_seq_num 
_struct_ref_seq_dif.details 
_struct_ref_seq_dif.pdbx_auth_seq_num 
_struct_ref_seq_dif.pdbx_ordinal 
1 4JHS GLN A 1  ? UNP P02749 ? ? 'expression tag' 166 1  
1 4JHS ASP A 2  ? UNP P02749 ? ? 'expression tag' 167 2  
1 4JHS TYR A 3  ? UNP P02749 ? ? 'expression tag' 168 3  
1 4JHS LYS A 4  ? UNP P02749 ? ? 'expression tag' 169 4  
1 4JHS ASP A 5  ? UNP P02749 ? ? 'expression tag' 170 5  
1 4JHS ASP A 6  ? UNP P02749 ? ? 'expression tag' 171 6  
1 4JHS ASP A 7  ? UNP P02749 ? ? 'expression tag' 172 7  
1 4JHS ASP A 8  ? UNP P02749 ? ? 'expression tag' 173 8  
1 4JHS LYS A 9  ? UNP P02749 ? ? 'expression tag' 174 9  
1 4JHS HIS A 10 ? UNP P02749 ? ? 'expression tag' 175 10 
1 4JHS HIS A 11 ? UNP P02749 ? ? 'expression tag' 176 11 
1 4JHS HIS A 12 ? UNP P02749 ? ? 'expression tag' 177 12 
1 4JHS HIS A 13 ? UNP P02749 ? ? 'expression tag' 178 13 
1 4JHS HIS A 14 ? UNP P02749 ? ? 'expression tag' 179 14 
1 4JHS HIS A 15 ? UNP P02749 ? ? 'expression tag' 180 15 
1 4JHS HIS A 16 ? UNP P02749 ? ? 'expression tag' 181 16 
1 4JHS HIS A 17 ? UNP P02749 ? ? 'expression tag' 182 17 
1 4JHS HIS A 18 ? UNP P02749 ? ? 'expression tag' 183 18 
1 4JHS HIS A 19 ? UNP P02749 ? ? 'expression tag' 184 19 
1 4JHS GLU A 20 ? UNP P02749 ? ? 'expression tag' 185 20 
1 4JHS ASN A 21 ? UNP P02749 ? ? 'expression tag' 186 21 
1 4JHS LEU A 22 ? UNP P02749 ? ? 'expression tag' 187 22 
1 4JHS TYR A 23 ? UNP P02749 ? ? 'expression tag' 188 23 
1 4JHS PHE A 24 ? UNP P02749 ? ? 'expression tag' 189 24 
1 4JHS GLN A 25 ? UNP P02749 ? ? 'expression tag' 190 25 
1 4JHS SER A 26 ? UNP P02749 ? ? 'expression tag' 191 26 
1 4JHS HIS A 27 ? UNP P02749 ? ? 'expression tag' 192 27 
1 4JHS VAL A 28 ? UNP P02749 ? ? 'expression tag' 193 28 
1 4JHS LEU A 29 ? UNP P02749 ? ? 'expression tag' 194 29 
1 4JHS PHE A 30 ? UNP P02749 ? ? 'expression tag' 195 30 
1 4JHS ILE A 31 ? UNP P02749 ? ? 'expression tag' 196 31 
1 4JHS PHE A 32 ? UNP P02749 ? ? 'expression tag' 197 32 
1 4JHS PRO A 33 ? UNP P02749 ? ? 'expression tag' 198 33 
1 4JHS ARG A 34 ? UNP P02749 ? ? 'expression tag' 199 34 
1 4JHS THR A 35 ? UNP P02749 ? ? 'expression tag' 200 35 
1 4JHS SER A 36 ? UNP P02749 ? ? 'expression tag' 201 36 
1 4JHS GLY A 37 ? UNP P02749 ? ? 'expression tag' 202 37 
# 
_pdbx_struct_assembly.id                   1 
_pdbx_struct_assembly.details              author_and_software_defined_assembly 
_pdbx_struct_assembly.method_details       PISA 
_pdbx_struct_assembly.oligomeric_details   monomeric 
_pdbx_struct_assembly.oligomeric_count     1 
# 
_pdbx_struct_assembly_gen.assembly_id       1 
_pdbx_struct_assembly_gen.oper_expression   1 
_pdbx_struct_assembly_gen.asym_id_list      A,B,C,D 
# 
_pdbx_struct_oper_list.id                   1 
_pdbx_struct_oper_list.type                 'identity operation' 
_pdbx_struct_oper_list.name                 1_555 
_pdbx_struct_oper_list.symmetry_operation   x,y,z 
_pdbx_struct_oper_list.matrix[1][1]         1.0000000000 
_pdbx_struct_oper_list.matrix[1][2]         0.0000000000 
_pdbx_struct_oper_list.matrix[1][3]         0.0000000000 
_pdbx_struct_oper_list.vector[1]            0.0000000000 
_pdbx_struct_oper_list.matrix[2][1]         0.0000000000 
_pdbx_struct_oper_list.matrix[2][2]         1.0000000000 
_pdbx_struct_oper_list.matrix[2][3]         0.0000000000 
_pdbx_struct_oper_list.vector[2]            0.0000000000 
_pdbx_struct_oper_list.matrix[3][1]         0.0000000000 
_pdbx_struct_oper_list.matrix[3][2]         0.0000000000 
_pdbx_struct_oper_list.matrix[3][3]         1.0000000000 
_pdbx_struct_oper_list.vector[3]            0.0000000000 
# 
_struct_biol.id        1 
_struct_biol.details   ? 
# 
loop_
_struct_conf.conf_type_id 
_struct_conf.id 
_struct_conf.pdbx_PDB_helix_id 
_struct_conf.beg_label_comp_id 
_struct_conf.beg_label_asym_id 
_struct_conf.beg_label_seq_id 
_struct_conf.pdbx_beg_PDB_ins_code 
_struct_conf.end_label_comp_id 
_struct_conf.end_label_asym_id 
_struct_conf.end_label_seq_id 
_struct_conf.pdbx_end_PDB_ins_code 
_struct_conf.beg_auth_comp_id 
_struct_conf.beg_auth_asym_id 
_struct_conf.beg_auth_seq_id 
_struct_conf.end_auth_comp_id 
_struct_conf.end_auth_asym_id 
_struct_conf.end_auth_seq_id 
_struct_conf.pdbx_PDB_helix_class 
_struct_conf.details 
_struct_conf.pdbx_PDB_helix_length 
HELX_P HELX_P1 1 ILE A 117 ? PHE A 121 ? ILE A 282 PHE A 286 1 ? 5 
HELX_P HELX_P2 2 ASP A 173 ? VAL A 177 ? ASP A 338 VAL A 342 5 ? 5 
# 
_struct_conf_type.id          HELX_P 
_struct_conf_type.criteria    ? 
_struct_conf_type.reference   ? 
# 
loop_
_struct_conn.id 
_struct_conn.conn_type_id 
_struct_conn.pdbx_leaving_atom_flag 
_struct_conn.pdbx_PDB_id 
_struct_conn.ptnr1_label_asym_id 
_struct_conn.ptnr1_label_comp_id 
_struct_conn.ptnr1_label_seq_id 
_struct_conn.ptnr1_label_atom_id 
_struct_conn.pdbx_ptnr1_label_alt_id 
_struct_conn.pdbx_ptnr1_PDB_ins_code 
_struct_conn.pdbx_ptnr1_standard_comp_id 
_struct_conn.ptnr1_symmetry 
_struct_conn.ptnr2_label_asym_id 
_struct_conn.ptnr2_label_comp_id 
_struct_conn.ptnr2_label_seq_id 
_struct_conn.ptnr2_label_atom_id 
_struct_conn.pdbx_ptnr2_label_alt_id 
_struct_conn.pdbx_ptnr2_PDB_ins_code 
_struct_conn.ptnr1_auth_asym_id 
_struct_conn.ptnr1_auth_comp_id 
_struct_conn.ptnr1_auth_seq_id 
_struct_conn.ptnr2_auth_asym_id 
_struct_conn.ptnr2_auth_comp_id 
_struct_conn.ptnr2_auth_seq_id 
_struct_conn.ptnr2_symmetry 
_struct_conn.pdbx_ptnr3_label_atom_id 
_struct_conn.pdbx_ptnr3_label_seq_id 
_struct_conn.pdbx_ptnr3_label_comp_id 
_struct_conn.pdbx_ptnr3_label_asym_id 
_struct_conn.pdbx_ptnr3_label_alt_id 
_struct_conn.pdbx_ptnr3_PDB_ins_code 
_struct_conn.details 
_struct_conn.pdbx_dist_value 
_struct_conn.pdbx_value_order 
_struct_conn.pdbx_role 
disulf1 disulf ? ? A CYS 40  SG ? ? ? 1_555 A CYS 83  SG ? ? A CYS 205 A CYS 248 1_555 ? ? ? ? ? ? ? 2.040 ? ? 
disulf2 disulf ? ? A CYS 69  SG ? ? ? 1_555 A CYS 95  SG ? ? A CYS 234 A CYS 260 1_555 ? ? ? ? ? ? ? 2.071 ? ? 
disulf3 disulf ? ? A CYS 99  SG ? ? ? 1_555 A CYS 150 SG ? ? A CYS 264 A CYS 315 1_555 ? ? ? ? ? ? ? 2.053 ? ? 
disulf4 disulf ? ? A CYS 135 SG ? ? ? 1_555 A CYS 160 SG ? ? A CYS 300 A CYS 325 1_555 ? ? ? ? ? ? ? 2.092 ? ? 
disulf5 disulf ? ? A CYS 142 SG ? ? ? 1_555 A CYS 180 SG ? ? A CYS 307 A CYS 345 1_555 ? ? ? ? ? ? ? 2.047 ? ? 
# 
_struct_conn_type.id          disulf 
_struct_conn_type.criteria    ? 
_struct_conn_type.reference   ? 
# 
loop_
_pdbx_modification_feature.ordinal 
_pdbx_modification_feature.label_comp_id 
_pdbx_modification_feature.label_asym_id 
_pdbx_modification_feature.label_seq_id 
_pdbx_modification_feature.label_alt_id 
_pdbx_modification_feature.modified_residue_label_comp_id 
_pdbx_modification_feature.modified_residue_label_asym_id 
_pdbx_modification_feature.modified_residue_label_seq_id 
_pdbx_modification_feature.modified_residue_label_alt_id 
_pdbx_modification_feature.auth_comp_id 
_pdbx_modification_feature.auth_asym_id 
_pdbx_modification_feature.auth_seq_id 
_pdbx_modification_feature.PDB_ins_code 
_pdbx_modification_feature.symmetry 
_pdbx_modification_feature.modified_residue_auth_comp_id 
_pdbx_modification_feature.modified_residue_auth_asym_id 
_pdbx_modification_feature.modified_residue_auth_seq_id 
_pdbx_modification_feature.modified_residue_PDB_ins_code 
_pdbx_modification_feature.modified_residue_symmetry 
_pdbx_modification_feature.comp_id_linking_atom 
_pdbx_modification_feature.modified_residue_id_linking_atom 
_pdbx_modification_feature.modified_residue_id 
_pdbx_modification_feature.ref_pcm_id 
_pdbx_modification_feature.ref_comp_id 
_pdbx_modification_feature.type 
_pdbx_modification_feature.category 
1 CYS A 40  ? CYS A 83  ? CYS A 205 ? 1_555 CYS A 248 ? 1_555 SG SG . . . None 'Disulfide bridge' 
2 CYS A 69  ? CYS A 95  ? CYS A 234 ? 1_555 CYS A 260 ? 1_555 SG SG . . . None 'Disulfide bridge' 
3 CYS A 99  ? CYS A 150 ? CYS A 264 ? 1_555 CYS A 315 ? 1_555 SG SG . . . None 'Disulfide bridge' 
4 CYS A 135 ? CYS A 160 ? CYS A 300 ? 1_555 CYS A 325 ? 1_555 SG SG . . . None 'Disulfide bridge' 
5 CYS A 142 ? CYS A 180 ? CYS A 307 ? 1_555 CYS A 345 ? 1_555 SG SG . . . None 'Disulfide bridge' 
# 
loop_
_struct_sheet.id 
_struct_sheet.type 
_struct_sheet.number_strands 
_struct_sheet.details 
A ? 3 ? 
B ? 2 ? 
C ? 4 ? 
# 
loop_
_struct_sheet_order.sheet_id 
_struct_sheet_order.range_id_1 
_struct_sheet_order.range_id_2 
_struct_sheet_order.offset 
_struct_sheet_order.sense 
A 1 2 ? anti-parallel 
A 2 3 ? anti-parallel 
B 1 2 ? anti-parallel 
C 1 2 ? anti-parallel 
C 2 3 ? anti-parallel 
C 3 4 ? anti-parallel 
# 
loop_
_struct_sheet_range.sheet_id 
_struct_sheet_range.id 
_struct_sheet_range.beg_label_comp_id 
_struct_sheet_range.beg_label_asym_id 
_struct_sheet_range.beg_label_seq_id 
_struct_sheet_range.pdbx_beg_PDB_ins_code 
_struct_sheet_range.end_label_comp_id 
_struct_sheet_range.end_label_asym_id 
_struct_sheet_range.end_label_seq_id 
_struct_sheet_range.pdbx_end_PDB_ins_code 
_struct_sheet_range.beg_auth_comp_id 
_struct_sheet_range.beg_auth_asym_id 
_struct_sheet_range.beg_auth_seq_id 
_struct_sheet_range.end_auth_comp_id 
_struct_sheet_range.end_auth_asym_id 
_struct_sheet_range.end_auth_seq_id 
A 1 GLY A 49  ? ASN A 52  ? GLY A 214 ASN A 217 
A 2 LYS A 64  ? CYS A 69  ? LYS A 229 CYS A 234 
A 3 GLU A 80  ? GLU A 82  ? GLU A 245 GLU A 247 
B 1 TYR A 73  ? ASP A 76  ? TYR A 238 ASP A 241 
B 2 SER A 94  ? ALA A 97  ? SER A 259 ALA A 262 
C 1 GLU A 113 ? LYS A 116 ? GLU A 278 LYS A 281 
C 2 THR A 107 ? TYR A 110 ? THR A 272 TYR A 275 
C 3 LYS A 130 ? ASN A 137 ? LYS A 295 ASN A 302 
C 4 CYS A 142 ? GLN A 149 ? CYS A 307 GLN A 314 
# 
loop_
_pdbx_struct_sheet_hbond.sheet_id 
_pdbx_struct_sheet_hbond.range_id_1 
_pdbx_struct_sheet_hbond.range_id_2 
_pdbx_struct_sheet_hbond.range_1_label_atom_id 
_pdbx_struct_sheet_hbond.range_1_label_comp_id 
_pdbx_struct_sheet_hbond.range_1_label_asym_id 
_pdbx_struct_sheet_hbond.range_1_label_seq_id 
_pdbx_struct_sheet_hbond.range_1_PDB_ins_code 
_pdbx_struct_sheet_hbond.range_1_auth_atom_id 
_pdbx_struct_sheet_hbond.range_1_auth_comp_id 
_pdbx_struct_sheet_hbond.range_1_auth_asym_id 
_pdbx_struct_sheet_hbond.range_1_auth_seq_id 
_pdbx_struct_sheet_hbond.range_2_label_atom_id 
_pdbx_struct_sheet_hbond.range_2_label_comp_id 
_pdbx_struct_sheet_hbond.range_2_label_asym_id 
_pdbx_struct_sheet_hbond.range_2_label_seq_id 
_pdbx_struct_sheet_hbond.range_2_PDB_ins_code 
_pdbx_struct_sheet_hbond.range_2_auth_atom_id 
_pdbx_struct_sheet_hbond.range_2_auth_comp_id 
_pdbx_struct_sheet_hbond.range_2_auth_asym_id 
_pdbx_struct_sheet_hbond.range_2_auth_seq_id 
A 1 2 N PHE A 50  ? N PHE A 215 O GLY A 68  ? O GLY A 233 
A 2 3 N ALA A 65  ? N ALA A 230 O ILE A 81  ? O ILE A 246 
B 1 2 N ASP A 76  ? N ASP A 241 O SER A 94  ? O SER A 259 
C 1 2 O VAL A 115 ? O VAL A 280 N VAL A 108 ? N VAL A 273 
C 2 3 N VAL A 109 ? N VAL A 274 O SER A 132 ? O SER A 297 
C 3 4 N CYS A 135 ? N CYS A 300 O TYR A 144 ? O TYR A 309 
# 
loop_
_struct_site.id 
_struct_site.pdbx_evidence_code 
_struct_site.pdbx_auth_asym_id 
_struct_site.pdbx_auth_comp_id 
_struct_site.pdbx_auth_seq_id 
_struct_site.pdbx_auth_ins_code 
_struct_site.pdbx_num_residues 
_struct_site.details 
AC1 Software A SO4 401 ? 4 'BINDING SITE FOR RESIDUE SO4 A 401' 
AC2 Software A SO4 402 ? 5 'BINDING SITE FOR RESIDUE SO4 A 402' 
AC3 Software A SO4 403 ? 3 'BINDING SITE FOR RESIDUE SO4 A 403' 
# 
loop_
_struct_site_gen.id 
_struct_site_gen.site_id 
_struct_site_gen.pdbx_num_res 
_struct_site_gen.label_comp_id 
_struct_site_gen.label_asym_id 
_struct_site_gen.label_seq_id 
_struct_site_gen.pdbx_auth_ins_code 
_struct_site_gen.auth_comp_id 
_struct_site_gen.auth_asym_id 
_struct_site_gen.auth_seq_id 
_struct_site_gen.label_atom_id 
_struct_site_gen.label_alt_id 
_struct_site_gen.symmetry 
_struct_site_gen.details 
1  AC1 4 LYS A 136 ? LYS A 301 . ? 1_555 ? 
2  AC1 4 LYS A 138 ? LYS A 303 . ? 1_555 ? 
3  AC1 4 HIS A 164 ? HIS A 329 . ? 1_555 ? 
4  AC1 4 LYS A 171 ? LYS A 336 . ? 1_555 ? 
5  AC2 5 LYS A 136 ? LYS A 301 . ? 1_555 ? 
6  AC2 5 LYS A 138 ? LYS A 303 . ? 1_555 ? 
7  AC2 5 TRP A 170 ? TRP A 335 . ? 1_555 ? 
8  AC2 5 LYS A 171 ? LYS A 336 . ? 1_555 ? 
9  AC2 5 THR A 172 ? THR A 337 . ? 1_555 ? 
10 AC3 3 ARG A 45  ? ARG A 210 . ? 1_555 ? 
11 AC3 3 ASN A 48  ? ASN A 213 . ? 1_555 ? 
12 AC3 3 HIS A 70  ? HIS A 235 . ? 1_555 ? 
# 
_pdbx_entry_details.entry_id                   4JHS 
_pdbx_entry_details.compound_details           ? 
_pdbx_entry_details.source_details             ? 
_pdbx_entry_details.nonpolymer_details         ? 
_pdbx_entry_details.sequence_details           ? 
_pdbx_entry_details.has_ligand_of_interest     ? 
_pdbx_entry_details.has_protein_modification   Y 
# 
loop_
_pdbx_validate_torsion.id 
_pdbx_validate_torsion.PDB_model_num 
_pdbx_validate_torsion.auth_comp_id 
_pdbx_validate_torsion.auth_asym_id 
_pdbx_validate_torsion.auth_seq_id 
_pdbx_validate_torsion.PDB_ins_code 
_pdbx_validate_torsion.label_alt_id 
_pdbx_validate_torsion.phi 
_pdbx_validate_torsion.psi 
1 1 TYR A 226 ? ? 164.24  142.69 
2 1 LYS A 227 ? ? 62.17   -8.04  
3 1 SER A 255 ? ? -58.38  -6.65  
4 1 ALA A 256 ? ? 179.10  178.41 
5 1 MET A 257 ? ? -153.47 86.61  
# 
loop_
_pdbx_SG_project.id 
_pdbx_SG_project.project_name 
_pdbx_SG_project.full_name_of_center 
_pdbx_SG_project.initial_of_center 
1 PSI:Biology 'New York Structural Genomics Research Consortium' NYSGRC 
2 PSI:Biology 'Atoms-to-Animals: The Immune Function Network'    IFN    
# 
loop_
_pdbx_unobs_or_zero_occ_residues.id 
_pdbx_unobs_or_zero_occ_residues.PDB_model_num 
_pdbx_unobs_or_zero_occ_residues.polymer_flag 
_pdbx_unobs_or_zero_occ_residues.occupancy_flag 
_pdbx_unobs_or_zero_occ_residues.auth_asym_id 
_pdbx_unobs_or_zero_occ_residues.auth_comp_id 
_pdbx_unobs_or_zero_occ_residues.auth_seq_id 
_pdbx_unobs_or_zero_occ_residues.PDB_ins_code 
_pdbx_unobs_or_zero_occ_residues.label_asym_id 
_pdbx_unobs_or_zero_occ_residues.label_comp_id 
_pdbx_unobs_or_zero_occ_residues.label_seq_id 
1  1 Y 1 A GLN 166 ? A GLN 1  
2  1 Y 1 A ASP 167 ? A ASP 2  
3  1 Y 1 A TYR 168 ? A TYR 3  
4  1 Y 1 A LYS 169 ? A LYS 4  
5  1 Y 1 A ASP 170 ? A ASP 5  
6  1 Y 1 A ASP 171 ? A ASP 6  
7  1 Y 1 A ASP 172 ? A ASP 7  
8  1 Y 1 A ASP 173 ? A ASP 8  
9  1 Y 1 A LYS 174 ? A LYS 9  
10 1 Y 1 A HIS 175 ? A HIS 10 
11 1 Y 1 A HIS 176 ? A HIS 11 
12 1 Y 1 A HIS 177 ? A HIS 12 
13 1 Y 1 A HIS 178 ? A HIS 13 
14 1 Y 1 A HIS 179 ? A HIS 14 
15 1 Y 1 A HIS 180 ? A HIS 15 
16 1 Y 1 A HIS 181 ? A HIS 16 
17 1 Y 1 A HIS 182 ? A HIS 17 
18 1 Y 1 A HIS 183 ? A HIS 18 
19 1 Y 1 A HIS 184 ? A HIS 19 
20 1 Y 1 A GLU 185 ? A GLU 20 
21 1 Y 1 A ASN 186 ? A ASN 21 
22 1 Y 1 A LEU 187 ? A LEU 22 
23 1 Y 1 A TYR 188 ? A TYR 23 
24 1 Y 1 A PHE 189 ? A PHE 24 
25 1 Y 1 A GLN 190 ? A GLN 25 
26 1 Y 1 A SER 191 ? A SER 26 
27 1 Y 1 A HIS 192 ? A HIS 27 
28 1 Y 1 A VAL 193 ? A VAL 28 
29 1 Y 1 A LEU 194 ? A LEU 29 
30 1 Y 1 A PHE 195 ? A PHE 30 
31 1 Y 1 A ILE 196 ? A ILE 31 
32 1 Y 1 A PHE 197 ? A PHE 32 
33 1 Y 1 A PRO 198 ? A PRO 33 
34 1 Y 1 A ARG 199 ? A ARG 34 
35 1 Y 1 A THR 200 ? A THR 35 
36 1 Y 1 A SER 201 ? A SER 36 
37 1 Y 1 A GLY 202 ? A GLY 37 
38 1 Y 1 A VAL 203 ? A VAL 38 
# 
loop_
_chem_comp_atom.comp_id 
_chem_comp_atom.atom_id 
_chem_comp_atom.type_symbol 
_chem_comp_atom.pdbx_aromatic_flag 
_chem_comp_atom.pdbx_stereo_config 
_chem_comp_atom.pdbx_ordinal 
ALA N    N N N 1   
ALA CA   C N S 2   
ALA C    C N N 3   
ALA O    O N N 4   
ALA CB   C N N 5   
ALA OXT  O N N 6   
ALA H    H N N 7   
ALA H2   H N N 8   
ALA HA   H N N 9   
ALA HB1  H N N 10  
ALA HB2  H N N 11  
ALA HB3  H N N 12  
ALA HXT  H N N 13  
ARG N    N N N 14  
ARG CA   C N S 15  
ARG C    C N N 16  
ARG O    O N N 17  
ARG CB   C N N 18  
ARG CG   C N N 19  
ARG CD   C N N 20  
ARG NE   N N N 21  
ARG CZ   C N N 22  
ARG NH1  N N N 23  
ARG NH2  N N N 24  
ARG OXT  O N N 25  
ARG H    H N N 26  
ARG H2   H N N 27  
ARG HA   H N N 28  
ARG HB2  H N N 29  
ARG HB3  H N N 30  
ARG HG2  H N N 31  
ARG HG3  H N N 32  
ARG HD2  H N N 33  
ARG HD3  H N N 34  
ARG HE   H N N 35  
ARG HH11 H N N 36  
ARG HH12 H N N 37  
ARG HH21 H N N 38  
ARG HH22 H N N 39  
ARG HXT  H N N 40  
ASN N    N N N 41  
ASN CA   C N S 42  
ASN C    C N N 43  
ASN O    O N N 44  
ASN CB   C N N 45  
ASN CG   C N N 46  
ASN OD1  O N N 47  
ASN ND2  N N N 48  
ASN OXT  O N N 49  
ASN H    H N N 50  
ASN H2   H N N 51  
ASN HA   H N N 52  
ASN HB2  H N N 53  
ASN HB3  H N N 54  
ASN HD21 H N N 55  
ASN HD22 H N N 56  
ASN HXT  H N N 57  
ASP N    N N N 58  
ASP CA   C N S 59  
ASP C    C N N 60  
ASP O    O N N 61  
ASP CB   C N N 62  
ASP CG   C N N 63  
ASP OD1  O N N 64  
ASP OD2  O N N 65  
ASP OXT  O N N 66  
ASP H    H N N 67  
ASP H2   H N N 68  
ASP HA   H N N 69  
ASP HB2  H N N 70  
ASP HB3  H N N 71  
ASP HD2  H N N 72  
ASP HXT  H N N 73  
CYS N    N N N 74  
CYS CA   C N R 75  
CYS C    C N N 76  
CYS O    O N N 77  
CYS CB   C N N 78  
CYS SG   S N N 79  
CYS OXT  O N N 80  
CYS H    H N N 81  
CYS H2   H N N 82  
CYS HA   H N N 83  
CYS HB2  H N N 84  
CYS HB3  H N N 85  
CYS HG   H N N 86  
CYS HXT  H N N 87  
GLN N    N N N 88  
GLN CA   C N S 89  
GLN C    C N N 90  
GLN O    O N N 91  
GLN CB   C N N 92  
GLN CG   C N N 93  
GLN CD   C N N 94  
GLN OE1  O N N 95  
GLN NE2  N N N 96  
GLN OXT  O N N 97  
GLN H    H N N 98  
GLN H2   H N N 99  
GLN HA   H N N 100 
GLN HB2  H N N 101 
GLN HB3  H N N 102 
GLN HG2  H N N 103 
GLN HG3  H N N 104 
GLN HE21 H N N 105 
GLN HE22 H N N 106 
GLN HXT  H N N 107 
GLU N    N N N 108 
GLU CA   C N S 109 
GLU C    C N N 110 
GLU O    O N N 111 
GLU CB   C N N 112 
GLU CG   C N N 113 
GLU CD   C N N 114 
GLU OE1  O N N 115 
GLU OE2  O N N 116 
GLU OXT  O N N 117 
GLU H    H N N 118 
GLU H2   H N N 119 
GLU HA   H N N 120 
GLU HB2  H N N 121 
GLU HB3  H N N 122 
GLU HG2  H N N 123 
GLU HG3  H N N 124 
GLU HE2  H N N 125 
GLU HXT  H N N 126 
GLY N    N N N 127 
GLY CA   C N N 128 
GLY C    C N N 129 
GLY O    O N N 130 
GLY OXT  O N N 131 
GLY H    H N N 132 
GLY H2   H N N 133 
GLY HA2  H N N 134 
GLY HA3  H N N 135 
GLY HXT  H N N 136 
HIS N    N N N 137 
HIS CA   C N S 138 
HIS C    C N N 139 
HIS O    O N N 140 
HIS CB   C N N 141 
HIS CG   C Y N 142 
HIS ND1  N Y N 143 
HIS CD2  C Y N 144 
HIS CE1  C Y N 145 
HIS NE2  N Y N 146 
HIS OXT  O N N 147 
HIS H    H N N 148 
HIS H2   H N N 149 
HIS HA   H N N 150 
HIS HB2  H N N 151 
HIS HB3  H N N 152 
HIS HD1  H N N 153 
HIS HD2  H N N 154 
HIS HE1  H N N 155 
HIS HE2  H N N 156 
HIS HXT  H N N 157 
ILE N    N N N 158 
ILE CA   C N S 159 
ILE C    C N N 160 
ILE O    O N N 161 
ILE CB   C N S 162 
ILE CG1  C N N 163 
ILE CG2  C N N 164 
ILE CD1  C N N 165 
ILE OXT  O N N 166 
ILE H    H N N 167 
ILE H2   H N N 168 
ILE HA   H N N 169 
ILE HB   H N N 170 
ILE HG12 H N N 171 
ILE HG13 H N N 172 
ILE HG21 H N N 173 
ILE HG22 H N N 174 
ILE HG23 H N N 175 
ILE HD11 H N N 176 
ILE HD12 H N N 177 
ILE HD13 H N N 178 
ILE HXT  H N N 179 
LEU N    N N N 180 
LEU CA   C N S 181 
LEU C    C N N 182 
LEU O    O N N 183 
LEU CB   C N N 184 
LEU CG   C N N 185 
LEU CD1  C N N 186 
LEU CD2  C N N 187 
LEU OXT  O N N 188 
LEU H    H N N 189 
LEU H2   H N N 190 
LEU HA   H N N 191 
LEU HB2  H N N 192 
LEU HB3  H N N 193 
LEU HG   H N N 194 
LEU HD11 H N N 195 
LEU HD12 H N N 196 
LEU HD13 H N N 197 
LEU HD21 H N N 198 
LEU HD22 H N N 199 
LEU HD23 H N N 200 
LEU HXT  H N N 201 
LYS N    N N N 202 
LYS CA   C N S 203 
LYS C    C N N 204 
LYS O    O N N 205 
LYS CB   C N N 206 
LYS CG   C N N 207 
LYS CD   C N N 208 
LYS CE   C N N 209 
LYS NZ   N N N 210 
LYS OXT  O N N 211 
LYS H    H N N 212 
LYS H2   H N N 213 
LYS HA   H N N 214 
LYS HB2  H N N 215 
LYS HB3  H N N 216 
LYS HG2  H N N 217 
LYS HG3  H N N 218 
LYS HD2  H N N 219 
LYS HD3  H N N 220 
LYS HE2  H N N 221 
LYS HE3  H N N 222 
LYS HZ1  H N N 223 
LYS HZ2  H N N 224 
LYS HZ3  H N N 225 
LYS HXT  H N N 226 
MET N    N N N 227 
MET CA   C N S 228 
MET C    C N N 229 
MET O    O N N 230 
MET CB   C N N 231 
MET CG   C N N 232 
MET SD   S N N 233 
MET CE   C N N 234 
MET OXT  O N N 235 
MET H    H N N 236 
MET H2   H N N 237 
MET HA   H N N 238 
MET HB2  H N N 239 
MET HB3  H N N 240 
MET HG2  H N N 241 
MET HG3  H N N 242 
MET HE1  H N N 243 
MET HE2  H N N 244 
MET HE3  H N N 245 
MET HXT  H N N 246 
PHE N    N N N 247 
PHE CA   C N S 248 
PHE C    C N N 249 
PHE O    O N N 250 
PHE CB   C N N 251 
PHE CG   C Y N 252 
PHE CD1  C Y N 253 
PHE CD2  C Y N 254 
PHE CE1  C Y N 255 
PHE CE2  C Y N 256 
PHE CZ   C Y N 257 
PHE OXT  O N N 258 
PHE H    H N N 259 
PHE H2   H N N 260 
PHE HA   H N N 261 
PHE HB2  H N N 262 
PHE HB3  H N N 263 
PHE HD1  H N N 264 
PHE HD2  H N N 265 
PHE HE1  H N N 266 
PHE HE2  H N N 267 
PHE HZ   H N N 268 
PHE HXT  H N N 269 
PRO N    N N N 270 
PRO CA   C N S 271 
PRO C    C N N 272 
PRO O    O N N 273 
PRO CB   C N N 274 
PRO CG   C N N 275 
PRO CD   C N N 276 
PRO OXT  O N N 277 
PRO H    H N N 278 
PRO HA   H N N 279 
PRO HB2  H N N 280 
PRO HB3  H N N 281 
PRO HG2  H N N 282 
PRO HG3  H N N 283 
PRO HD2  H N N 284 
PRO HD3  H N N 285 
PRO HXT  H N N 286 
SER N    N N N 287 
SER CA   C N S 288 
SER C    C N N 289 
SER O    O N N 290 
SER CB   C N N 291 
SER OG   O N N 292 
SER OXT  O N N 293 
SER H    H N N 294 
SER H2   H N N 295 
SER HA   H N N 296 
SER HB2  H N N 297 
SER HB3  H N N 298 
SER HG   H N N 299 
SER HXT  H N N 300 
SO4 S    S N N 301 
SO4 O1   O N N 302 
SO4 O2   O N N 303 
SO4 O3   O N N 304 
SO4 O4   O N N 305 
THR N    N N N 306 
THR CA   C N S 307 
THR C    C N N 308 
THR O    O N N 309 
THR CB   C N R 310 
THR OG1  O N N 311 
THR CG2  C N N 312 
THR OXT  O N N 313 
THR H    H N N 314 
THR H2   H N N 315 
THR HA   H N N 316 
THR HB   H N N 317 
THR HG1  H N N 318 
THR HG21 H N N 319 
THR HG22 H N N 320 
THR HG23 H N N 321 
THR HXT  H N N 322 
TRP N    N N N 323 
TRP CA   C N S 324 
TRP C    C N N 325 
TRP O    O N N 326 
TRP CB   C N N 327 
TRP CG   C Y N 328 
TRP CD1  C Y N 329 
TRP CD2  C Y N 330 
TRP NE1  N Y N 331 
TRP CE2  C Y N 332 
TRP CE3  C Y N 333 
TRP CZ2  C Y N 334 
TRP CZ3  C Y N 335 
TRP CH2  C Y N 336 
TRP OXT  O N N 337 
TRP H    H N N 338 
TRP H2   H N N 339 
TRP HA   H N N 340 
TRP HB2  H N N 341 
TRP HB3  H N N 342 
TRP HD1  H N N 343 
TRP HE1  H N N 344 
TRP HE3  H N N 345 
TRP HZ2  H N N 346 
TRP HZ3  H N N 347 
TRP HH2  H N N 348 
TRP HXT  H N N 349 
TYR N    N N N 350 
TYR CA   C N S 351 
TYR C    C N N 352 
TYR O    O N N 353 
TYR CB   C N N 354 
TYR CG   C Y N 355 
TYR CD1  C Y N 356 
TYR CD2  C Y N 357 
TYR CE1  C Y N 358 
TYR CE2  C Y N 359 
TYR CZ   C Y N 360 
TYR OH   O N N 361 
TYR OXT  O N N 362 
TYR H    H N N 363 
TYR H2   H N N 364 
TYR HA   H N N 365 
TYR HB2  H N N 366 
TYR HB3  H N N 367 
TYR HD1  H N N 368 
TYR HD2  H N N 369 
TYR HE1  H N N 370 
TYR HE2  H N N 371 
TYR HH   H N N 372 
TYR HXT  H N N 373 
VAL N    N N N 374 
VAL CA   C N S 375 
VAL C    C N N 376 
VAL O    O N N 377 
VAL CB   C N N 378 
VAL CG1  C N N 379 
VAL CG2  C N N 380 
VAL OXT  O N N 381 
VAL H    H N N 382 
VAL H2   H N N 383 
VAL HA   H N N 384 
VAL HB   H N N 385 
VAL HG11 H N N 386 
VAL HG12 H N N 387 
VAL HG13 H N N 388 
VAL HG21 H N N 389 
VAL HG22 H N N 390 
VAL HG23 H N N 391 
VAL HXT  H N N 392 
# 
loop_
_chem_comp_bond.comp_id 
_chem_comp_bond.atom_id_1 
_chem_comp_bond.atom_id_2 
_chem_comp_bond.value_order 
_chem_comp_bond.pdbx_aromatic_flag 
_chem_comp_bond.pdbx_stereo_config 
_chem_comp_bond.pdbx_ordinal 
ALA N   CA   sing N N 1   
ALA N   H    sing N N 2   
ALA N   H2   sing N N 3   
ALA CA  C    sing N N 4   
ALA CA  CB   sing N N 5   
ALA CA  HA   sing N N 6   
ALA C   O    doub N N 7   
ALA C   OXT  sing N N 8   
ALA CB  HB1  sing N N 9   
ALA CB  HB2  sing N N 10  
ALA CB  HB3  sing N N 11  
ALA OXT HXT  sing N N 12  
ARG N   CA   sing N N 13  
ARG N   H    sing N N 14  
ARG N   H2   sing N N 15  
ARG CA  C    sing N N 16  
ARG CA  CB   sing N N 17  
ARG CA  HA   sing N N 18  
ARG C   O    doub N N 19  
ARG C   OXT  sing N N 20  
ARG CB  CG   sing N N 21  
ARG CB  HB2  sing N N 22  
ARG CB  HB3  sing N N 23  
ARG CG  CD   sing N N 24  
ARG CG  HG2  sing N N 25  
ARG CG  HG3  sing N N 26  
ARG CD  NE   sing N N 27  
ARG CD  HD2  sing N N 28  
ARG CD  HD3  sing N N 29  
ARG NE  CZ   sing N N 30  
ARG NE  HE   sing N N 31  
ARG CZ  NH1  sing N N 32  
ARG CZ  NH2  doub N N 33  
ARG NH1 HH11 sing N N 34  
ARG NH1 HH12 sing N N 35  
ARG NH2 HH21 sing N N 36  
ARG NH2 HH22 sing N N 37  
ARG OXT HXT  sing N N 38  
ASN N   CA   sing N N 39  
ASN N   H    sing N N 40  
ASN N   H2   sing N N 41  
ASN CA  C    sing N N 42  
ASN CA  CB   sing N N 43  
ASN CA  HA   sing N N 44  
ASN C   O    doub N N 45  
ASN C   OXT  sing N N 46  
ASN CB  CG   sing N N 47  
ASN CB  HB2  sing N N 48  
ASN CB  HB3  sing N N 49  
ASN CG  OD1  doub N N 50  
ASN CG  ND2  sing N N 51  
ASN ND2 HD21 sing N N 52  
ASN ND2 HD22 sing N N 53  
ASN OXT HXT  sing N N 54  
ASP N   CA   sing N N 55  
ASP N   H    sing N N 56  
ASP N   H2   sing N N 57  
ASP CA  C    sing N N 58  
ASP CA  CB   sing N N 59  
ASP CA  HA   sing N N 60  
ASP C   O    doub N N 61  
ASP C   OXT  sing N N 62  
ASP CB  CG   sing N N 63  
ASP CB  HB2  sing N N 64  
ASP CB  HB3  sing N N 65  
ASP CG  OD1  doub N N 66  
ASP CG  OD2  sing N N 67  
ASP OD2 HD2  sing N N 68  
ASP OXT HXT  sing N N 69  
CYS N   CA   sing N N 70  
CYS N   H    sing N N 71  
CYS N   H2   sing N N 72  
CYS CA  C    sing N N 73  
CYS CA  CB   sing N N 74  
CYS CA  HA   sing N N 75  
CYS C   O    doub N N 76  
CYS C   OXT  sing N N 77  
CYS CB  SG   sing N N 78  
CYS CB  HB2  sing N N 79  
CYS CB  HB3  sing N N 80  
CYS SG  HG   sing N N 81  
CYS OXT HXT  sing N N 82  
GLN N   CA   sing N N 83  
GLN N   H    sing N N 84  
GLN N   H2   sing N N 85  
GLN CA  C    sing N N 86  
GLN CA  CB   sing N N 87  
GLN CA  HA   sing N N 88  
GLN C   O    doub N N 89  
GLN C   OXT  sing N N 90  
GLN CB  CG   sing N N 91  
GLN CB  HB2  sing N N 92  
GLN CB  HB3  sing N N 93  
GLN CG  CD   sing N N 94  
GLN CG  HG2  sing N N 95  
GLN CG  HG3  sing N N 96  
GLN CD  OE1  doub N N 97  
GLN CD  NE2  sing N N 98  
GLN NE2 HE21 sing N N 99  
GLN NE2 HE22 sing N N 100 
GLN OXT HXT  sing N N 101 
GLU N   CA   sing N N 102 
GLU N   H    sing N N 103 
GLU N   H2   sing N N 104 
GLU CA  C    sing N N 105 
GLU CA  CB   sing N N 106 
GLU CA  HA   sing N N 107 
GLU C   O    doub N N 108 
GLU C   OXT  sing N N 109 
GLU CB  CG   sing N N 110 
GLU CB  HB2  sing N N 111 
GLU CB  HB3  sing N N 112 
GLU CG  CD   sing N N 113 
GLU CG  HG2  sing N N 114 
GLU CG  HG3  sing N N 115 
GLU CD  OE1  doub N N 116 
GLU CD  OE2  sing N N 117 
GLU OE2 HE2  sing N N 118 
GLU OXT HXT  sing N N 119 
GLY N   CA   sing N N 120 
GLY N   H    sing N N 121 
GLY N   H2   sing N N 122 
GLY CA  C    sing N N 123 
GLY CA  HA2  sing N N 124 
GLY CA  HA3  sing N N 125 
GLY C   O    doub N N 126 
GLY C   OXT  sing N N 127 
GLY OXT HXT  sing N N 128 
HIS N   CA   sing N N 129 
HIS N   H    sing N N 130 
HIS N   H2   sing N N 131 
HIS CA  C    sing N N 132 
HIS CA  CB   sing N N 133 
HIS CA  HA   sing N N 134 
HIS C   O    doub N N 135 
HIS C   OXT  sing N N 136 
HIS CB  CG   sing N N 137 
HIS CB  HB2  sing N N 138 
HIS CB  HB3  sing N N 139 
HIS CG  ND1  sing Y N 140 
HIS CG  CD2  doub Y N 141 
HIS ND1 CE1  doub Y N 142 
HIS ND1 HD1  sing N N 143 
HIS CD2 NE2  sing Y N 144 
HIS CD2 HD2  sing N N 145 
HIS CE1 NE2  sing Y N 146 
HIS CE1 HE1  sing N N 147 
HIS NE2 HE2  sing N N 148 
HIS OXT HXT  sing N N 149 
ILE N   CA   sing N N 150 
ILE N   H    sing N N 151 
ILE N   H2   sing N N 152 
ILE CA  C    sing N N 153 
ILE CA  CB   sing N N 154 
ILE CA  HA   sing N N 155 
ILE C   O    doub N N 156 
ILE C   OXT  sing N N 157 
ILE CB  CG1  sing N N 158 
ILE CB  CG2  sing N N 159 
ILE CB  HB   sing N N 160 
ILE CG1 CD1  sing N N 161 
ILE CG1 HG12 sing N N 162 
ILE CG1 HG13 sing N N 163 
ILE CG2 HG21 sing N N 164 
ILE CG2 HG22 sing N N 165 
ILE CG2 HG23 sing N N 166 
ILE CD1 HD11 sing N N 167 
ILE CD1 HD12 sing N N 168 
ILE CD1 HD13 sing N N 169 
ILE OXT HXT  sing N N 170 
LEU N   CA   sing N N 171 
LEU N   H    sing N N 172 
LEU N   H2   sing N N 173 
LEU CA  C    sing N N 174 
LEU CA  CB   sing N N 175 
LEU CA  HA   sing N N 176 
LEU C   O    doub N N 177 
LEU C   OXT  sing N N 178 
LEU CB  CG   sing N N 179 
LEU CB  HB2  sing N N 180 
LEU CB  HB3  sing N N 181 
LEU CG  CD1  sing N N 182 
LEU CG  CD2  sing N N 183 
LEU CG  HG   sing N N 184 
LEU CD1 HD11 sing N N 185 
LEU CD1 HD12 sing N N 186 
LEU CD1 HD13 sing N N 187 
LEU CD2 HD21 sing N N 188 
LEU CD2 HD22 sing N N 189 
LEU CD2 HD23 sing N N 190 
LEU OXT HXT  sing N N 191 
LYS N   CA   sing N N 192 
LYS N   H    sing N N 193 
LYS N   H2   sing N N 194 
LYS CA  C    sing N N 195 
LYS CA  CB   sing N N 196 
LYS CA  HA   sing N N 197 
LYS C   O    doub N N 198 
LYS C   OXT  sing N N 199 
LYS CB  CG   sing N N 200 
LYS CB  HB2  sing N N 201 
LYS CB  HB3  sing N N 202 
LYS CG  CD   sing N N 203 
LYS CG  HG2  sing N N 204 
LYS CG  HG3  sing N N 205 
LYS CD  CE   sing N N 206 
LYS CD  HD2  sing N N 207 
LYS CD  HD3  sing N N 208 
LYS CE  NZ   sing N N 209 
LYS CE  HE2  sing N N 210 
LYS CE  HE3  sing N N 211 
LYS NZ  HZ1  sing N N 212 
LYS NZ  HZ2  sing N N 213 
LYS NZ  HZ3  sing N N 214 
LYS OXT HXT  sing N N 215 
MET N   CA   sing N N 216 
MET N   H    sing N N 217 
MET N   H2   sing N N 218 
MET CA  C    sing N N 219 
MET CA  CB   sing N N 220 
MET CA  HA   sing N N 221 
MET C   O    doub N N 222 
MET C   OXT  sing N N 223 
MET CB  CG   sing N N 224 
MET CB  HB2  sing N N 225 
MET CB  HB3  sing N N 226 
MET CG  SD   sing N N 227 
MET CG  HG2  sing N N 228 
MET CG  HG3  sing N N 229 
MET SD  CE   sing N N 230 
MET CE  HE1  sing N N 231 
MET CE  HE2  sing N N 232 
MET CE  HE3  sing N N 233 
MET OXT HXT  sing N N 234 
PHE N   CA   sing N N 235 
PHE N   H    sing N N 236 
PHE N   H2   sing N N 237 
PHE CA  C    sing N N 238 
PHE CA  CB   sing N N 239 
PHE CA  HA   sing N N 240 
PHE C   O    doub N N 241 
PHE C   OXT  sing N N 242 
PHE CB  CG   sing N N 243 
PHE CB  HB2  sing N N 244 
PHE CB  HB3  sing N N 245 
PHE CG  CD1  doub Y N 246 
PHE CG  CD2  sing Y N 247 
PHE CD1 CE1  sing Y N 248 
PHE CD1 HD1  sing N N 249 
PHE CD2 CE2  doub Y N 250 
PHE CD2 HD2  sing N N 251 
PHE CE1 CZ   doub Y N 252 
PHE CE1 HE1  sing N N 253 
PHE CE2 CZ   sing Y N 254 
PHE CE2 HE2  sing N N 255 
PHE CZ  HZ   sing N N 256 
PHE OXT HXT  sing N N 257 
PRO N   CA   sing N N 258 
PRO N   CD   sing N N 259 
PRO N   H    sing N N 260 
PRO CA  C    sing N N 261 
PRO CA  CB   sing N N 262 
PRO CA  HA   sing N N 263 
PRO C   O    doub N N 264 
PRO C   OXT  sing N N 265 
PRO CB  CG   sing N N 266 
PRO CB  HB2  sing N N 267 
PRO CB  HB3  sing N N 268 
PRO CG  CD   sing N N 269 
PRO CG  HG2  sing N N 270 
PRO CG  HG3  sing N N 271 
PRO CD  HD2  sing N N 272 
PRO CD  HD3  sing N N 273 
PRO OXT HXT  sing N N 274 
SER N   CA   sing N N 275 
SER N   H    sing N N 276 
SER N   H2   sing N N 277 
SER CA  C    sing N N 278 
SER CA  CB   sing N N 279 
SER CA  HA   sing N N 280 
SER C   O    doub N N 281 
SER C   OXT  sing N N 282 
SER CB  OG   sing N N 283 
SER CB  HB2  sing N N 284 
SER CB  HB3  sing N N 285 
SER OG  HG   sing N N 286 
SER OXT HXT  sing N N 287 
SO4 S   O1   doub N N 288 
SO4 S   O2   doub N N 289 
SO4 S   O3   sing N N 290 
SO4 S   O4   sing N N 291 
THR N   CA   sing N N 292 
THR N   H    sing N N 293 
THR N   H2   sing N N 294 
THR CA  C    sing N N 295 
THR CA  CB   sing N N 296 
THR CA  HA   sing N N 297 
THR C   O    doub N N 298 
THR C   OXT  sing N N 299 
THR CB  OG1  sing N N 300 
THR CB  CG2  sing N N 301 
THR CB  HB   sing N N 302 
THR OG1 HG1  sing N N 303 
THR CG2 HG21 sing N N 304 
THR CG2 HG22 sing N N 305 
THR CG2 HG23 sing N N 306 
THR OXT HXT  sing N N 307 
TRP N   CA   sing N N 308 
TRP N   H    sing N N 309 
TRP N   H2   sing N N 310 
TRP CA  C    sing N N 311 
TRP CA  CB   sing N N 312 
TRP CA  HA   sing N N 313 
TRP C   O    doub N N 314 
TRP C   OXT  sing N N 315 
TRP CB  CG   sing N N 316 
TRP CB  HB2  sing N N 317 
TRP CB  HB3  sing N N 318 
TRP CG  CD1  doub Y N 319 
TRP CG  CD2  sing Y N 320 
TRP CD1 NE1  sing Y N 321 
TRP CD1 HD1  sing N N 322 
TRP CD2 CE2  doub Y N 323 
TRP CD2 CE3  sing Y N 324 
TRP NE1 CE2  sing Y N 325 
TRP NE1 HE1  sing N N 326 
TRP CE2 CZ2  sing Y N 327 
TRP CE3 CZ3  doub Y N 328 
TRP CE3 HE3  sing N N 329 
TRP CZ2 CH2  doub Y N 330 
TRP CZ2 HZ2  sing N N 331 
TRP CZ3 CH2  sing Y N 332 
TRP CZ3 HZ3  sing N N 333 
TRP CH2 HH2  sing N N 334 
TRP OXT HXT  sing N N 335 
TYR N   CA   sing N N 336 
TYR N   H    sing N N 337 
TYR N   H2   sing N N 338 
TYR CA  C    sing N N 339 
TYR CA  CB   sing N N 340 
TYR CA  HA   sing N N 341 
TYR C   O    doub N N 342 
TYR C   OXT  sing N N 343 
TYR CB  CG   sing N N 344 
TYR CB  HB2  sing N N 345 
TYR CB  HB3  sing N N 346 
TYR CG  CD1  doub Y N 347 
TYR CG  CD2  sing Y N 348 
TYR CD1 CE1  sing Y N 349 
TYR CD1 HD1  sing N N 350 
TYR CD2 CE2  doub Y N 351 
TYR CD2 HD2  sing N N 352 
TYR CE1 CZ   doub Y N 353 
TYR CE1 HE1  sing N N 354 
TYR CE2 CZ   sing Y N 355 
TYR CE2 HE2  sing N N 356 
TYR CZ  OH   sing N N 357 
TYR OH  HH   sing N N 358 
TYR OXT HXT  sing N N 359 
VAL N   CA   sing N N 360 
VAL N   H    sing N N 361 
VAL N   H2   sing N N 362 
VAL CA  C    sing N N 363 
VAL CA  CB   sing N N 364 
VAL CA  HA   sing N N 365 
VAL C   O    doub N N 366 
VAL C   OXT  sing N N 367 
VAL CB  CG1  sing N N 368 
VAL CB  CG2  sing N N 369 
VAL CB  HB   sing N N 370 
VAL CG1 HG11 sing N N 371 
VAL CG1 HG12 sing N N 372 
VAL CG1 HG13 sing N N 373 
VAL CG2 HG21 sing N N 374 
VAL CG2 HG22 sing N N 375 
VAL CG2 HG23 sing N N 376 
VAL OXT HXT  sing N N 377 
# 
_pdbx_initial_refinement_model.id               1 
_pdbx_initial_refinement_model.entity_id_list   ? 
_pdbx_initial_refinement_model.type             'experimental model' 
_pdbx_initial_refinement_model.source_name      PDB 
_pdbx_initial_refinement_model.accession_code   1C1Z 
_pdbx_initial_refinement_model.details          ? 
# 
_atom_sites.entry_id                    4JHS 
_atom_sites.fract_transf_matrix[1][1]   0.00410820 
_atom_sites.fract_transf_matrix[1][2]   -0.00099226 
_atom_sites.fract_transf_matrix[1][3]   -0.00472318 
_atom_sites.fract_transf_matrix[2][1]   0.00333298 
_atom_sites.fract_transf_matrix[2][2]   -0.00390272 
_atom_sites.fract_transf_matrix[2][3]   0.00371891 
_atom_sites.fract_transf_matrix[3][1]   -0.00349059 
_atom_sites.fract_transf_matrix[3][2]   -0.00489433 
_atom_sites.fract_transf_matrix[3][3]   -0.00200788 
_atom_sites.fract_transf_vector[1]      -0.037478 
_atom_sites.fract_transf_vector[2]      -0.189443 
_atom_sites.fract_transf_vector[3]      0.047456 
# 
loop_
_atom_type.symbol 
C 
N 
O 
S 
# 
loop_
_atom_site.group_PDB 
_atom_site.id 
_atom_site.type_symbol 
_atom_site.label_atom_id 
_atom_site.label_alt_id 
_atom_site.label_comp_id 
_atom_site.label_asym_id 
_atom_site.label_entity_id 
_atom_site.label_seq_id 
_atom_site.pdbx_PDB_ins_code 
_atom_site.Cartn_x 
_atom_site.Cartn_y 
_atom_site.Cartn_z 
_atom_site.occupancy 
_atom_site.B_iso_or_equiv 
_atom_site.pdbx_formal_charge 
_atom_site.auth_seq_id 
_atom_site.auth_comp_id 
_atom_site.auth_asym_id 
_atom_site.auth_atom_id 
_atom_site.pdbx_PDB_model_num 
ATOM   1    N N   . LYS A 1 39  ? -32.250 -15.880 -1.888  1.00 76.29  ? 204 LYS A N   1 
ATOM   2    C CA  . LYS A 1 39  ? -31.027 -16.693 -1.582  1.00 85.71  ? 204 LYS A CA  1 
ATOM   3    C C   . LYS A 1 39  ? -29.705 -16.066 -2.059  1.00 92.03  ? 204 LYS A C   1 
ATOM   4    O O   . LYS A 1 39  ? -29.624 -15.504 -3.157  1.00 97.69  ? 204 LYS A O   1 
ATOM   5    C CB  . LYS A 1 39  ? -31.119 -18.088 -2.201  1.00 88.37  ? 204 LYS A CB  1 
ATOM   6    C CG  . LYS A 1 39  ? -30.069 -19.057 -1.661  1.00 91.70  ? 204 LYS A CG  1 
ATOM   7    C CD  . LYS A 1 39  ? -29.370 -19.833 -2.767  1.00 93.74  ? 204 LYS A CD  1 
ATOM   8    C CE  . LYS A 1 39  ? -30.352 -20.686 -3.552  1.00 94.60  ? 204 LYS A CE  1 
ATOM   9    N NZ  . LYS A 1 39  ? -29.706 -21.928 -4.047  1.00 98.11  ? 204 LYS A NZ  1 
ATOM   10   N N   . CYS A 1 40  ? -28.679 -16.190 -1.211  1.00 91.98  ? 205 CYS A N   1 
ATOM   11   C CA  . CYS A 1 40  ? -27.294 -15.864 -1.547  1.00 84.45  ? 205 CYS A CA  1 
ATOM   12   C C   . CYS A 1 40  ? -26.421 -17.110 -1.322  1.00 79.35  ? 205 CYS A C   1 
ATOM   13   O O   . CYS A 1 40  ? -26.718 -17.941 -0.449  1.00 73.44  ? 205 CYS A O   1 
ATOM   14   C CB  . CYS A 1 40  ? -26.799 -14.704 -0.679  1.00 83.96  ? 205 CYS A CB  1 
ATOM   15   S SG  . CYS A 1 40  ? -27.031 -13.066 -1.410  1.00 93.32  ? 205 CYS A SG  1 
ATOM   16   N N   . PRO A 1 41  ? -25.351 -17.258 -2.116  1.00 74.07  ? 206 PRO A N   1 
ATOM   17   C CA  . PRO A 1 41  ? -24.423 -18.356 -1.830  1.00 76.81  ? 206 PRO A CA  1 
ATOM   18   C C   . PRO A 1 41  ? -23.478 -18.005 -0.676  1.00 79.09  ? 206 PRO A C   1 
ATOM   19   O O   . PRO A 1 41  ? -23.410 -16.845 -0.254  1.00 81.24  ? 206 PRO A O   1 
ATOM   20   C CB  . PRO A 1 41  ? -23.639 -18.505 -3.139  1.00 73.32  ? 206 PRO A CB  1 
ATOM   21   C CG  . PRO A 1 41  ? -23.691 -17.155 -3.773  1.00 71.86  ? 206 PRO A CG  1 
ATOM   22   C CD  . PRO A 1 41  ? -24.930 -16.453 -3.276  1.00 71.53  ? 206 PRO A CD  1 
ATOM   23   N N   . PHE A 1 42  ? -22.756 -18.996 -0.171  1.00 74.83  ? 207 PHE A N   1 
ATOM   24   C CA  . PHE A 1 42  ? -21.700 -18.728 0.788   1.00 71.92  ? 207 PHE A CA  1 
ATOM   25   C C   . PHE A 1 42  ? -20.519 -18.073 0.080   1.00 68.82  ? 207 PHE A C   1 
ATOM   26   O O   . PHE A 1 42  ? -19.934 -18.680 -0.825  1.00 66.46  ? 207 PHE A O   1 
ATOM   27   C CB  . PHE A 1 42  ? -21.228 -20.013 1.439   1.00 77.35  ? 207 PHE A CB  1 
ATOM   28   C CG  . PHE A 1 42  ? -22.233 -20.618 2.358   1.00 85.98  ? 207 PHE A CG  1 
ATOM   29   C CD1 . PHE A 1 42  ? -22.410 -20.104 3.637   1.00 89.08  ? 207 PHE A CD1 1 
ATOM   30   C CD2 . PHE A 1 42  ? -23.007 -21.700 1.950   1.00 87.95  ? 207 PHE A CD2 1 
ATOM   31   C CE1 . PHE A 1 42  ? -23.340 -20.661 4.495   1.00 90.63  ? 207 PHE A CE1 1 
ATOM   32   C CE2 . PHE A 1 42  ? -23.937 -22.261 2.805   1.00 88.72  ? 207 PHE A CE2 1 
ATOM   33   C CZ  . PHE A 1 42  ? -24.105 -21.741 4.080   1.00 89.52  ? 207 PHE A CZ  1 
ATOM   34   N N   . PRO A 1 43  ? -20.147 -16.845 0.498   1.00 65.65  ? 208 PRO A N   1 
ATOM   35   C CA  . PRO A 1 43  ? -19.021 -16.155 -0.126  1.00 61.68  ? 208 PRO A CA  1 
ATOM   36   C C   . PRO A 1 43  ? -17.723 -16.842 0.246   1.00 57.88  ? 208 PRO A C   1 
ATOM   37   O O   . PRO A 1 43  ? -17.602 -17.359 1.352   1.00 56.98  ? 208 PRO A O   1 
ATOM   38   C CB  . PRO A 1 43  ? -19.081 -14.768 0.495   1.00 62.94  ? 208 PRO A CB  1 
ATOM   39   C CG  . PRO A 1 43  ? -19.647 -15.000 1.855   1.00 63.28  ? 208 PRO A CG  1 
ATOM   40   C CD  . PRO A 1 43  ? -20.591 -16.157 1.727   1.00 65.30  ? 208 PRO A CD  1 
ATOM   41   N N   . SER A 1 44  ? -16.774 -16.875 -0.679  1.00 56.84  ? 209 SER A N   1 
ATOM   42   C CA  . SER A 1 44  ? -15.509 -17.573 -0.457  1.00 54.98  ? 209 SER A CA  1 
ATOM   43   C C   . SER A 1 44  ? -14.551 -16.706 0.343   1.00 54.40  ? 209 SER A C   1 
ATOM   44   O O   . SER A 1 44  ? -14.558 -15.479 0.234   1.00 54.07  ? 209 SER A O   1 
ATOM   45   C CB  . SER A 1 44  ? -14.879 -17.995 -1.789  1.00 54.06  ? 209 SER A CB  1 
ATOM   46   O OG  . SER A 1 44  ? -15.508 -17.335 -2.876  1.00 53.98  ? 209 SER A OG  1 
ATOM   47   N N   . ARG A 1 45  ? -13.742 -17.351 1.170   1.00 54.54  ? 210 ARG A N   1 
ATOM   48   C CA  . ARG A 1 45  ? -12.717 -16.643 1.908   1.00 54.85  ? 210 ARG A CA  1 
ATOM   49   C C   . ARG A 1 45  ? -11.825 -15.959 0.899   1.00 57.66  ? 210 ARG A C   1 
ATOM   50   O O   . ARG A 1 45  ? -11.477 -16.564 -0.110  1.00 58.96  ? 210 ARG A O   1 
ATOM   51   C CB  . ARG A 1 45  ? -11.882 -17.583 2.770   1.00 55.80  ? 210 ARG A CB  1 
ATOM   52   C CG  . ARG A 1 45  ? -11.433 -18.849 2.061   1.00 58.38  ? 210 ARG A CG  1 
ATOM   53   C CD  . ARG A 1 45  ? -10.322 -19.560 2.797   1.00 61.15  ? 210 ARG A CD  1 
ATOM   54   N NE  . ARG A 1 45  ? -9.103  -18.755 2.824   1.00 66.40  ? 210 ARG A NE  1 
ATOM   55   C CZ  . ARG A 1 45  ? -7.864  -19.241 2.812   1.00 71.20  ? 210 ARG A CZ  1 
ATOM   56   N NH1 . ARG A 1 45  ? -7.635  -20.557 2.761   1.00 77.06  ? 210 ARG A NH1 1 
ATOM   57   N NH2 . ARG A 1 45  ? -6.843  -18.395 2.845   1.00 69.35  ? 210 ARG A NH2 1 
ATOM   58   N N   . PRO A 1 46  ? -11.473 -14.685 1.152   1.00 56.63  ? 211 PRO A N   1 
ATOM   59   C CA  . PRO A 1 46  ? -10.527 -14.014 0.296   1.00 50.29  ? 211 PRO A CA  1 
ATOM   60   C C   . PRO A 1 46  ? -9.132  -14.551 0.555   1.00 46.68  ? 211 PRO A C   1 
ATOM   61   O O   . PRO A 1 46  ? -8.827  -14.954 1.675   1.00 40.16  ? 211 PRO A O   1 
ATOM   62   C CB  . PRO A 1 46  ? -10.644 -12.563 0.739   1.00 51.87  ? 211 PRO A CB  1 
ATOM   63   C CG  . PRO A 1 46  ? -10.947 -12.658 2.183   1.00 52.70  ? 211 PRO A CG  1 
ATOM   64   C CD  . PRO A 1 46  ? -11.847 -13.849 2.308   1.00 55.56  ? 211 PRO A CD  1 
ATOM   65   N N   . ASP A 1 47  ? -8.313  -14.562 -0.492  1.00 48.77  ? 212 ASP A N   1 
ATOM   66   C CA  . ASP A 1 47  ? -6.930  -14.999 -0.406  1.00 50.38  ? 212 ASP A CA  1 
ATOM   67   C C   . ASP A 1 47  ? -6.210  -14.215 0.683   1.00 47.13  ? 212 ASP A C   1 
ATOM   68   O O   . ASP A 1 47  ? -6.417  -13.011 0.846   1.00 44.23  ? 212 ASP A O   1 
ATOM   69   C CB  . ASP A 1 47  ? -6.212  -14.768 -1.737  1.00 57.06  ? 212 ASP A CB  1 
ATOM   70   C CG  . ASP A 1 47  ? -6.671  -15.717 -2.840  1.00 62.39  ? 212 ASP A CG  1 
ATOM   71   O OD1 . ASP A 1 47  ? -6.156  -16.854 -2.890  1.00 69.25  ? 212 ASP A OD1 1 
ATOM   72   O OD2 . ASP A 1 47  ? -7.516  -15.316 -3.675  1.00 64.22  ? 212 ASP A OD2 1 
ATOM   73   N N   . ASN A 1 48  ? -5.385  -14.924 1.437   1.00 45.06  ? 213 ASN A N   1 
ATOM   74   C CA  . ASN A 1 48  ? -4.651  -14.349 2.556   1.00 46.39  ? 213 ASN A CA  1 
ATOM   75   C C   . ASN A 1 48  ? -5.525  -13.672 3.604   1.00 45.45  ? 213 ASN A C   1 
ATOM   76   O O   . ASN A 1 48  ? -5.057  -12.840 4.380   1.00 49.28  ? 213 ASN A O   1 
ATOM   77   C CB  . ASN A 1 48  ? -3.584  -13.400 2.035   1.00 46.48  ? 213 ASN A CB  1 
ATOM   78   C CG  . ASN A 1 48  ? -2.805  -14.004 0.891   1.00 46.32  ? 213 ASN A CG  1 
ATOM   79   O OD1 . ASN A 1 48  ? -1.963  -14.883 1.092   1.00 43.44  ? 213 ASN A OD1 1 
ATOM   80   N ND2 . ASN A 1 48  ? -3.092  -13.548 -0.321  1.00 46.22  ? 213 ASN A ND2 1 
ATOM   81   N N   . GLY A 1 49  ? -6.790  -14.056 3.649   1.00 42.87  ? 214 GLY A N   1 
ATOM   82   C CA  . GLY A 1 49  ? -7.689  -13.554 4.662   1.00 40.82  ? 214 GLY A CA  1 
ATOM   83   C C   . GLY A 1 49  ? -8.696  -14.603 5.073   1.00 38.89  ? 214 GLY A C   1 
ATOM   84   O O   . GLY A 1 49  ? -8.464  -15.807 4.913   1.00 37.22  ? 214 GLY A O   1 
ATOM   85   N N   . PHE A 1 50  ? -9.813  -14.126 5.604   1.00 36.12  ? 215 PHE A N   1 
ATOM   86   C CA  . PHE A 1 50  ? -10.859 -14.986 6.072   1.00 36.13  ? 215 PHE A CA  1 
ATOM   87   C C   . PHE A 1 50  ? -12.183 -14.252 6.074   1.00 35.65  ? 215 PHE A C   1 
ATOM   88   O O   . PHE A 1 50  ? -12.230 -13.044 5.916   1.00 37.07  ? 215 PHE A O   1 
ATOM   89   C CB  . PHE A 1 50  ? -10.532 -15.485 7.472   1.00 36.23  ? 215 PHE A CB  1 
ATOM   90   C CG  . PHE A 1 50  ? -10.295 -14.393 8.460   1.00 35.91  ? 215 PHE A CG  1 
ATOM   91   C CD1 . PHE A 1 50  ? -11.359 -13.725 9.044   1.00 36.39  ? 215 PHE A CD1 1 
ATOM   92   C CD2 . PHE A 1 50  ? -9.001  -14.040 8.818   1.00 37.23  ? 215 PHE A CD2 1 
ATOM   93   C CE1 . PHE A 1 50  ? -11.135 -12.715 9.963   1.00 37.09  ? 215 PHE A CE1 1 
ATOM   94   C CE2 . PHE A 1 50  ? -8.767  -13.031 9.734   1.00 37.19  ? 215 PHE A CE2 1 
ATOM   95   C CZ  . PHE A 1 50  ? -9.838  -12.365 10.305  1.00 37.34  ? 215 PHE A CZ  1 
ATOM   96   N N   . VAL A 1 51  ? -13.250 -15.007 6.287   1.00 35.46  ? 216 VAL A N   1 
ATOM   97   C CA  . VAL A 1 51  ? -14.599 -14.507 6.180   1.00 34.45  ? 216 VAL A CA  1 
ATOM   98   C C   . VAL A 1 51  ? -15.402 -15.166 7.286   1.00 36.51  ? 216 VAL A C   1 
ATOM   99   O O   . VAL A 1 51  ? -15.049 -16.247 7.752   1.00 38.30  ? 216 VAL A O   1 
ATOM   100  C CB  . VAL A 1 51  ? -15.184 -14.882 4.811   1.00 35.04  ? 216 VAL A CB  1 
ATOM   101  C CG1 . VAL A 1 51  ? -15.306 -16.399 4.663   1.00 34.62  ? 216 VAL A CG1 1 
ATOM   102  C CG2 . VAL A 1 51  ? -16.519 -14.199 4.564   1.00 35.30  ? 216 VAL A CG2 1 
ATOM   103  N N   . ASN A 1 52  ? -16.473 -14.511 7.714   1.00 38.60  ? 217 ASN A N   1 
ATOM   104  C CA  . ASN A 1 52  ? -17.350 -15.045 8.736   1.00 40.49  ? 217 ASN A CA  1 
ATOM   105  C C   . ASN A 1 52  ? -18.764 -14.683 8.374   1.00 44.36  ? 217 ASN A C   1 
ATOM   106  O O   . ASN A 1 52  ? -19.005 -13.613 7.821   1.00 47.65  ? 217 ASN A O   1 
ATOM   107  C CB  . ASN A 1 52  ? -17.005 -14.445 10.092  1.00 41.80  ? 217 ASN A CB  1 
ATOM   108  C CG  . ASN A 1 52  ? -17.698 -15.149 11.244  1.00 40.50  ? 217 ASN A CG  1 
ATOM   109  O OD1 . ASN A 1 52  ? -18.073 -16.310 11.140  1.00 38.59  ? 217 ASN A OD1 1 
ATOM   110  N ND2 . ASN A 1 52  ? -17.855 -14.444 12.357  1.00 40.61  ? 217 ASN A ND2 1 
ATOM   111  N N   . TYR A 1 53  ? -19.691 -15.583 8.673   1.00 49.05  ? 218 TYR A N   1 
ATOM   112  C CA  . TYR A 1 53  ? -21.107 -15.377 8.379   1.00 52.18  ? 218 TYR A CA  1 
ATOM   113  C C   . TYR A 1 53  ? -21.905 -16.195 9.360   1.00 53.39  ? 218 TYR A C   1 
ATOM   114  O O   . TYR A 1 53  ? -21.343 -17.039 10.062  1.00 55.81  ? 218 TYR A O   1 
ATOM   115  C CB  . TYR A 1 53  ? -21.450 -15.801 6.945   1.00 53.30  ? 218 TYR A CB  1 
ATOM   116  C CG  . TYR A 1 53  ? -20.620 -16.950 6.464   1.00 54.51  ? 218 TYR A CG  1 
ATOM   117  C CD1 . TYR A 1 53  ? -20.886 -18.241 6.874   1.00 56.20  ? 218 TYR A CD1 1 
ATOM   118  C CD2 . TYR A 1 53  ? -19.556 -16.739 5.617   1.00 56.31  ? 218 TYR A CD2 1 
ATOM   119  C CE1 . TYR A 1 53  ? -20.111 -19.296 6.448   1.00 58.66  ? 218 TYR A CE1 1 
ATOM   120  C CE2 . TYR A 1 53  ? -18.772 -17.784 5.190   1.00 59.19  ? 218 TYR A CE2 1 
ATOM   121  C CZ  . TYR A 1 53  ? -19.050 -19.059 5.612   1.00 60.14  ? 218 TYR A CZ  1 
ATOM   122  O OH  . TYR A 1 53  ? -18.254 -20.089 5.181   1.00 66.26  ? 218 TYR A OH  1 
ATOM   123  N N   . PRO A 1 54  ? -23.218 -15.946 9.421   1.00 55.78  ? 219 PRO A N   1 
ATOM   124  C CA  . PRO A 1 54  ? -24.106 -16.709 10.281  1.00 55.55  ? 219 PRO A CA  1 
ATOM   125  C C   . PRO A 1 54  ? -23.944 -18.209 10.105  1.00 55.38  ? 219 PRO A C   1 
ATOM   126  O O   . PRO A 1 54  ? -23.786 -18.689 8.982   1.00 54.32  ? 219 PRO A O   1 
ATOM   127  C CB  . PRO A 1 54  ? -25.490 -16.270 9.807   1.00 56.72  ? 219 PRO A CB  1 
ATOM   128  C CG  . PRO A 1 54  ? -25.300 -14.863 9.362   1.00 55.48  ? 219 PRO A CG  1 
ATOM   129  C CD  . PRO A 1 54  ? -23.920 -14.821 8.772   1.00 55.47  ? 219 PRO A CD  1 
ATOM   130  N N   . ALA A 1 55  ? -23.968 -18.936 11.213  1.00 61.50  ? 220 ALA A N   1 
ATOM   131  C CA  . ALA A 1 55  ? -23.901 -20.395 11.179  1.00 65.88  ? 220 ALA A CA  1 
ATOM   132  C C   . ALA A 1 55  ? -25.300 -20.931 10.940  1.00 69.43  ? 220 ALA A C   1 
ATOM   133  O O   . ALA A 1 55  ? -26.114 -20.973 11.862  1.00 75.11  ? 220 ALA A O   1 
ATOM   134  C CB  . ALA A 1 55  ? -23.352 -20.930 12.491  1.00 66.40  ? 220 ALA A CB  1 
ATOM   135  N N   . LYS A 1 56  ? -25.589 -21.320 9.704   1.00 69.65  ? 221 LYS A N   1 
ATOM   136  C CA  . LYS A 1 56  ? -26.909 -21.809 9.361   1.00 73.01  ? 221 LYS A CA  1 
ATOM   137  C C   . LYS A 1 56  ? -26.942 -22.311 7.914   1.00 78.35  ? 221 LYS A C   1 
ATOM   138  O O   . LYS A 1 56  ? -26.147 -21.864 7.086   1.00 69.49  ? 221 LYS A O   1 
ATOM   139  C CB  . LYS A 1 56  ? -27.972 -20.719 9.600   1.00 70.48  ? 221 LYS A CB  1 
ATOM   140  C CG  . LYS A 1 56  ? -28.005 -19.600 8.579   1.00 70.04  ? 221 LYS A CG  1 
ATOM   141  C CD  . LYS A 1 56  ? -28.845 -18.433 9.094   1.00 70.27  ? 221 LYS A CD  1 
ATOM   142  C CE  . LYS A 1 56  ? -29.570 -17.697 7.973   1.00 67.44  ? 221 LYS A CE  1 
ATOM   143  N NZ  . LYS A 1 56  ? -30.144 -16.407 8.438   1.00 65.30  ? 221 LYS A NZ  1 
ATOM   144  N N   . PRO A 1 57  ? -27.862 -23.251 7.611   1.00 88.85  ? 222 PRO A N   1 
ATOM   145  C CA  . PRO A 1 57  ? -27.902 -23.917 6.308   1.00 88.59  ? 222 PRO A CA  1 
ATOM   146  C C   . PRO A 1 57  ? -27.817 -22.991 5.094   1.00 85.52  ? 222 PRO A C   1 
ATOM   147  O O   . PRO A 1 57  ? -27.016 -23.244 4.194   1.00 80.21  ? 222 PRO A O   1 
ATOM   148  C CB  . PRO A 1 57  ? -29.259 -24.650 6.325   1.00 92.79  ? 222 PRO A CB  1 
ATOM   149  C CG  . PRO A 1 57  ? -29.968 -24.205 7.569   1.00 91.36  ? 222 PRO A CG  1 
ATOM   150  C CD  . PRO A 1 57  ? -28.888 -23.806 8.516   1.00 89.88  ? 222 PRO A CD  1 
ATOM   151  N N   . THR A 1 58  ? -28.644 -21.948 5.069   1.00 81.00  ? 223 THR A N   1 
ATOM   152  C CA  . THR A 1 58  ? -28.717 -21.057 3.912   1.00 84.21  ? 223 THR A CA  1 
ATOM   153  C C   . THR A 1 58  ? -28.858 -19.619 4.373   1.00 86.34  ? 223 THR A C   1 
ATOM   154  O O   . THR A 1 58  ? -29.523 -19.346 5.371   1.00 86.63  ? 223 THR A O   1 
ATOM   155  C CB  . THR A 1 58  ? -29.892 -21.440 2.975   1.00 87.23  ? 223 THR A CB  1 
ATOM   156  O OG1 . THR A 1 58  ? -29.556 -22.637 2.266   1.00 84.79  ? 223 THR A OG1 1 
ATOM   157  C CG2 . THR A 1 58  ? -30.207 -20.339 1.939   1.00 85.84  ? 223 THR A CG2 1 
ATOM   158  N N   . LEU A 1 59  ? -28.215 -18.716 3.632   1.00 88.39  ? 224 LEU A N   1 
ATOM   159  C CA  . LEU A 1 59  ? -28.235 -17.278 3.899   1.00 87.68  ? 224 LEU A CA  1 
ATOM   160  C C   . LEU A 1 59  ? -29.172 -16.648 2.883   1.00 86.62  ? 224 LEU A C   1 
ATOM   161  O O   . LEU A 1 59  ? -29.015 -16.878 1.684   1.00 82.16  ? 224 LEU A O   1 
ATOM   162  C CB  . LEU A 1 59  ? -26.827 -16.695 3.742   1.00 88.21  ? 224 LEU A CB  1 
ATOM   163  C CG  . LEU A 1 59  ? -25.678 -17.433 4.451   1.00 89.28  ? 224 LEU A CG  1 
ATOM   164  C CD1 . LEU A 1 59  ? -24.370 -17.304 3.679   1.00 89.80  ? 224 LEU A CD1 1 
ATOM   165  C CD2 . LEU A 1 59  ? -25.509 -16.957 5.888   1.00 88.91  ? 224 LEU A CD2 1 
ATOM   166  N N   . TYR A 1 60  ? -30.132 -15.853 3.347   1.00 89.87  ? 225 TYR A N   1 
ATOM   167  C CA  . TYR A 1 60  ? -31.269 -15.489 2.501   1.00 99.21  ? 225 TYR A CA  1 
ATOM   168  C C   . TYR A 1 60  ? -31.191 -14.109 1.865   1.00 97.88  ? 225 TYR A C   1 
ATOM   169  O O   . TYR A 1 60  ? -31.394 -13.984 0.657   1.00 99.06  ? 225 TYR A O   1 
ATOM   170  C CB  . TYR A 1 60  ? -32.589 -15.613 3.275   1.00 104.67 ? 225 TYR A CB  1 
ATOM   171  C CG  . TYR A 1 60  ? -32.907 -17.025 3.716   1.00 107.59 ? 225 TYR A CG  1 
ATOM   172  C CD1 . TYR A 1 60  ? -33.005 -18.069 2.785   1.00 105.73 ? 225 TYR A CD1 1 
ATOM   173  C CD2 . TYR A 1 60  ? -33.116 -17.319 5.066   1.00 109.35 ? 225 TYR A CD2 1 
ATOM   174  C CE1 . TYR A 1 60  ? -33.289 -19.361 3.192   1.00 105.20 ? 225 TYR A CE1 1 
ATOM   175  C CE2 . TYR A 1 60  ? -33.403 -18.608 5.481   1.00 109.57 ? 225 TYR A CE2 1 
ATOM   176  C CZ  . TYR A 1 60  ? -33.487 -19.622 4.545   1.00 109.47 ? 225 TYR A CZ  1 
ATOM   177  O OH  . TYR A 1 60  ? -33.771 -20.893 4.977   1.00 110.96 ? 225 TYR A OH  1 
ATOM   178  N N   . TYR A 1 61  ? -30.930 -13.084 2.669   1.00 91.48  ? 226 TYR A N   1 
ATOM   179  C CA  . TYR A 1 61  ? -31.087 -11.695 2.221   1.00 93.54  ? 226 TYR A CA  1 
ATOM   180  C C   . TYR A 1 61  ? -31.098 -10.797 3.439   1.00 87.70  ? 226 TYR A C   1 
ATOM   181  O O   . TYR A 1 61  ? -31.640 -11.168 4.468   1.00 92.80  ? 226 TYR A O   1 
ATOM   182  C CB  . TYR A 1 61  ? -32.382 -11.508 1.406   1.00 94.16  ? 226 TYR A CB  1 
ATOM   183  C CG  . TYR A 1 61  ? -32.889 -10.080 1.363   1.00 103.45 ? 226 TYR A CG  1 
ATOM   184  C CD1 . TYR A 1 61  ? -32.403 -9.178  0.422   1.00 107.82 ? 226 TYR A CD1 1 
ATOM   185  C CD2 . TYR A 1 61  ? -33.850 -9.628  2.270   1.00 105.53 ? 226 TYR A CD2 1 
ATOM   186  C CE1 . TYR A 1 61  ? -32.858 -7.868  0.383   1.00 101.55 ? 226 TYR A CE1 1 
ATOM   187  C CE2 . TYR A 1 61  ? -34.307 -8.321  2.235   1.00 101.71 ? 226 TYR A CE2 1 
ATOM   188  C CZ  . TYR A 1 61  ? -33.805 -7.452  1.290   1.00 95.93  ? 226 TYR A CZ  1 
ATOM   189  O OH  . TYR A 1 61  ? -34.249 -6.165  1.248   1.00 92.50  ? 226 TYR A OH  1 
ATOM   190  N N   . LYS A 1 62  ? -30.494 -9.621  3.328   1.00 82.91  ? 227 LYS A N   1 
ATOM   191  C CA  . LYS A 1 62  ? -30.227 -8.783  4.493   1.00 81.80  ? 227 LYS A CA  1 
ATOM   192  C C   . LYS A 1 62  ? -29.274 -9.501  5.482   1.00 80.12  ? 227 LYS A C   1 
ATOM   193  O O   . LYS A 1 62  ? -28.804 -8.890  6.433   1.00 83.17  ? 227 LYS A O   1 
ATOM   194  C CB  . LYS A 1 62  ? -31.534 -8.334  5.171   1.00 74.30  ? 227 LYS A CB  1 
ATOM   195  N N   . ASP A 1 63  ? -28.971 -10.780 5.249   1.00 77.08  ? 228 ASP A N   1 
ATOM   196  C CA  . ASP A 1 63  ? -27.900 -11.458 5.983   1.00 77.58  ? 228 ASP A CA  1 
ATOM   197  C C   . ASP A 1 63  ? -26.542 -10.839 5.640   1.00 77.22  ? 228 ASP A C   1 
ATOM   198  O O   . ASP A 1 63  ? -26.295 -10.422 4.499   1.00 72.49  ? 228 ASP A O   1 
ATOM   199  C CB  . ASP A 1 63  ? -27.862 -12.961 5.665   1.00 78.90  ? 228 ASP A CB  1 
ATOM   200  C CG  . ASP A 1 63  ? -28.910 -13.760 6.422   1.00 78.09  ? 228 ASP A CG  1 
ATOM   201  O OD1 . ASP A 1 63  ? -29.504 -13.234 7.383   1.00 79.29  ? 228 ASP A OD1 1 
ATOM   202  O OD2 . ASP A 1 63  ? -29.137 -14.931 6.051   1.00 75.72  ? 228 ASP A OD2 1 
ATOM   203  N N   . LYS A 1 64  ? -25.666 -10.812 6.642   1.00 75.55  ? 229 LYS A N   1 
ATOM   204  C CA  . LYS A 1 64  ? -24.362 -10.167 6.548   1.00 69.59  ? 229 LYS A CA  1 
ATOM   205  C C   . LYS A 1 64  ? -23.229 -11.182 6.457   1.00 62.23  ? 229 LYS A C   1 
ATOM   206  O O   . LYS A 1 64  ? -23.331 -12.290 6.974   1.00 60.79  ? 229 LYS A O   1 
ATOM   207  C CB  . LYS A 1 64  ? -24.124 -9.305  7.784   1.00 75.31  ? 229 LYS A CB  1 
ATOM   208  C CG  . LYS A 1 64  ? -25.245 -8.337  8.106   1.00 83.37  ? 229 LYS A CG  1 
ATOM   209  C CD  . LYS A 1 64  ? -25.399 -7.312  7.000   1.00 90.27  ? 229 LYS A CD  1 
ATOM   210  C CE  . LYS A 1 64  ? -26.485 -6.301  7.315   1.00 93.99  ? 229 LYS A CE  1 
ATOM   211  N NZ  . LYS A 1 64  ? -27.773 -6.691  6.680   1.00 95.05  ? 229 LYS A NZ  1 
ATOM   212  N N   . ALA A 1 65  ? -22.154 -10.786 5.783   1.00 54.93  ? 230 ALA A N   1 
ATOM   213  C CA  . ALA A 1 65  ? -20.873 -11.475 5.867   1.00 48.98  ? 230 ALA A CA  1 
ATOM   214  C C   . ALA A 1 65  ? -19.830 -10.433 6.191   1.00 45.86  ? 230 ALA A C   1 
ATOM   215  O O   . ALA A 1 65  ? -20.102 -9.239  6.125   1.00 42.94  ? 230 ALA A O   1 
ATOM   216  C CB  . ALA A 1 65  ? -20.541 -12.170 4.568   1.00 50.99  ? 230 ALA A CB  1 
ATOM   217  N N   . THR A 1 66  ? -18.626 -10.890 6.507   1.00 45.25  ? 231 THR A N   1 
ATOM   218  C CA  . THR A 1 66  ? -17.664 -10.071 7.224   1.00 44.32  ? 231 THR A CA  1 
ATOM   219  C C   . THR A 1 66  ? -16.266 -10.611 6.940   1.00 41.49  ? 231 THR A C   1 
ATOM   220  O O   . THR A 1 66  ? -16.117 -11.821 6.810   1.00 38.04  ? 231 THR A O   1 
ATOM   221  C CB  . THR A 1 66  ? -18.060 -10.074 8.729   1.00 46.13  ? 231 THR A CB  1 
ATOM   222  O OG1 . THR A 1 66  ? -18.430 -8.753  9.138   1.00 46.36  ? 231 THR A OG1 1 
ATOM   223  C CG2 . THR A 1 66  ? -16.974 -10.549 9.598   1.00 46.20  ? 231 THR A CG2 1 
ATOM   224  N N   . PHE A 1 67  ? -15.267 -9.725  6.814   1.00 40.96  ? 232 PHE A N   1 
ATOM   225  C CA  . PHE A 1 67  ? -13.911 -10.117 6.320   1.00 40.01  ? 232 PHE A CA  1 
ATOM   226  C C   . PHE A 1 67  ? -12.741 -9.594  7.122   1.00 39.81  ? 232 PHE A C   1 
ATOM   227  O O   . PHE A 1 67  ? -12.818 -8.538  7.753   1.00 43.77  ? 232 PHE A O   1 
ATOM   228  C CB  . PHE A 1 67  ? -13.684 -9.629  4.895   1.00 38.83  ? 232 PHE A CB  1 
ATOM   229  C CG  . PHE A 1 67  ? -14.592 -10.254 3.906   1.00 39.18  ? 232 PHE A CG  1 
ATOM   230  C CD1 . PHE A 1 67  ? -15.869 -9.759  3.718   1.00 39.10  ? 232 PHE A CD1 1 
ATOM   231  C CD2 . PHE A 1 67  ? -14.184 -11.361 3.179   1.00 39.87  ? 232 PHE A CD2 1 
ATOM   232  C CE1 . PHE A 1 67  ? -16.720 -10.354 2.812   1.00 39.86  ? 232 PHE A CE1 1 
ATOM   233  C CE2 . PHE A 1 67  ? -15.031 -11.968 2.269   1.00 39.68  ? 232 PHE A CE2 1 
ATOM   234  C CZ  . PHE A 1 67  ? -16.303 -11.461 2.085   1.00 39.74  ? 232 PHE A CZ  1 
ATOM   235  N N   . GLY A 1 68  ? -11.633 -10.308 7.041   1.00 37.26  ? 233 GLY A N   1 
ATOM   236  C CA  . GLY A 1 68  ? -10.432 -9.903  7.739   1.00 38.07  ? 233 GLY A CA  1 
ATOM   237  C C   . GLY A 1 68  ? -9.275  -10.512 7.008   1.00 39.62  ? 233 GLY A C   1 
ATOM   238  O O   . GLY A 1 68  ? -9.481  -11.352 6.138   1.00 40.12  ? 233 GLY A O   1 
ATOM   239  N N   . CYS A 1 69  ? -8.063  -10.089 7.350   1.00 40.16  ? 234 CYS A N   1 
ATOM   240  C CA  . CYS A 1 69  ? -6.891  -10.490 6.592   1.00 41.51  ? 234 CYS A CA  1 
ATOM   241  C C   . CYS A 1 69  ? -5.793  -10.961 7.498   1.00 39.64  ? 234 CYS A C   1 
ATOM   242  O O   . CYS A 1 69  ? -5.742  -10.601 8.665   1.00 38.76  ? 234 CYS A O   1 
ATOM   243  C CB  . CYS A 1 69  ? -6.366  -9.328  5.732   1.00 44.10  ? 234 CYS A CB  1 
ATOM   244  S SG  . CYS A 1 69  ? -7.593  -8.627  4.601   1.00 50.99  ? 234 CYS A SG  1 
ATOM   245  N N   . HIS A 1 70  ? -4.885  -11.741 6.932   1.00 39.09  ? 235 HIS A N   1 
ATOM   246  C CA  . HIS A 1 70  ? -3.748  -12.200 7.658   1.00 39.79  ? 235 HIS A CA  1 
ATOM   247  C C   . HIS A 1 70  ? -2.777  -11.069 7.910   1.00 42.42  ? 235 HIS A C   1 
ATOM   248  O O   . HIS A 1 70  ? -2.828  -10.005 7.287   1.00 39.78  ? 235 HIS A O   1 
ATOM   249  C CB  . HIS A 1 70  ? -3.050  -13.306 6.885   1.00 43.11  ? 235 HIS A CB  1 
ATOM   250  C CG  . HIS A 1 70  ? -3.834  -14.579 6.803   1.00 47.74  ? 235 HIS A CG  1 
ATOM   251  N ND1 . HIS A 1 70  ? -3.531  -15.583 5.911   1.00 50.65  ? 235 HIS A ND1 1 
ATOM   252  C CD2 . HIS A 1 70  ? -4.907  -15.015 7.507   1.00 49.91  ? 235 HIS A CD2 1 
ATOM   253  C CE1 . HIS A 1 70  ? -4.377  -16.583 6.070   1.00 50.74  ? 235 HIS A CE1 1 
ATOM   254  N NE2 . HIS A 1 70  ? -5.225  -16.263 7.029   1.00 50.48  ? 235 HIS A NE2 1 
ATOM   255  N N   . ASP A 1 71  ? -1.881  -11.315 8.855   1.00 47.98  ? 236 ASP A N   1 
ATOM   256  C CA  . ASP A 1 71  ? -0.695  -10.502 9.026   1.00 49.19  ? 236 ASP A CA  1 
ATOM   257  C C   . ASP A 1 71  ? -0.093  -10.244 7.644   1.00 48.03  ? 236 ASP A C   1 
ATOM   258  O O   . ASP A 1 71  ? -0.010  -11.164 6.810   1.00 42.25  ? 236 ASP A O   1 
ATOM   259  C CB  . ASP A 1 71  ? 0.329   -11.239 9.894   1.00 52.20  ? 236 ASP A CB  1 
ATOM   260  C CG  . ASP A 1 71  ? 1.131   -10.305 10.783  1.00 56.35  ? 236 ASP A CG  1 
ATOM   261  O OD1 . ASP A 1 71  ? 0.505   -9.722  11.717  1.00 52.23  ? 236 ASP A OD1 1 
ATOM   262  O OD2 . ASP A 1 71  ? 2.373   -10.177 10.542  1.00 55.51  ? 236 ASP A OD2 1 
ATOM   263  N N   . GLY A 1 72  ? 0.293   -8.986  7.412   1.00 47.73  ? 237 GLY A N   1 
ATOM   264  C CA  . GLY A 1 72  ? 0.991   -8.563  6.191   1.00 44.94  ? 237 GLY A CA  1 
ATOM   265  C C   . GLY A 1 72  ? 0.071   -8.198  5.034   1.00 43.13  ? 237 GLY A C   1 
ATOM   266  O O   . GLY A 1 72  ? 0.549   -7.953  3.911   1.00 42.72  ? 237 GLY A O   1 
ATOM   267  N N   . TYR A 1 73  ? -1.239  -8.194  5.290   1.00 37.06  ? 238 TYR A N   1 
ATOM   268  C CA  . TYR A 1 73  ? -2.210  -7.856  4.273   1.00 35.60  ? 238 TYR A CA  1 
ATOM   269  C C   . TYR A 1 73  ? -3.202  -6.887  4.890   1.00 36.21  ? 238 TYR A C   1 
ATOM   270  O O   . TYR A 1 73  ? -3.243  -6.751  6.109   1.00 36.34  ? 238 TYR A O   1 
ATOM   271  C CB  . TYR A 1 73  ? -2.924  -9.110  3.790   1.00 35.50  ? 238 TYR A CB  1 
ATOM   272  C CG  . TYR A 1 73  ? -2.046  -10.050 3.000   1.00 35.15  ? 238 TYR A CG  1 
ATOM   273  C CD1 . TYR A 1 73  ? -1.041  -10.798 3.625   1.00 35.10  ? 238 TYR A CD1 1 
ATOM   274  C CD2 . TYR A 1 73  ? -2.225  -10.211 1.630   1.00 34.91  ? 238 TYR A CD2 1 
ATOM   275  C CE1 . TYR A 1 73  ? -0.219  -11.653 2.906   1.00 34.82  ? 238 TYR A CE1 1 
ATOM   276  C CE2 . TYR A 1 73  ? -1.414  -11.073 0.895   1.00 35.01  ? 238 TYR A CE2 1 
ATOM   277  C CZ  . TYR A 1 73  ? -0.414  -11.788 1.534   1.00 35.06  ? 238 TYR A CZ  1 
ATOM   278  O OH  . TYR A 1 73  ? 0.380   -12.649 0.808   1.00 33.84  ? 238 TYR A OH  1 
ATOM   279  N N   . SER A 1 74  ? -3.978  -6.191  4.068   1.00 35.79  ? 239 SER A N   1 
ATOM   280  C CA  . SER A 1 74  ? -5.027  -5.348  4.616   1.00 38.07  ? 239 SER A CA  1 
ATOM   281  C C   . SER A 1 74  ? -6.252  -5.313  3.716   1.00 39.18  ? 239 SER A C   1 
ATOM   282  O O   . SER A 1 74  ? -6.174  -5.487  2.497   1.00 37.29  ? 239 SER A O   1 
ATOM   283  C CB  . SER A 1 74  ? -4.521  -3.936  4.963   1.00 39.24  ? 239 SER A CB  1 
ATOM   284  O OG  . SER A 1 74  ? -3.300  -3.632  4.304   1.00 41.40  ? 239 SER A OG  1 
ATOM   285  N N   . LEU A 1 75  ? -7.392  -5.107  4.354   1.00 40.19  ? 240 LEU A N   1 
ATOM   286  C CA  . LEU A 1 75  ? -8.646  -5.218  3.676   1.00 42.80  ? 240 LEU A CA  1 
ATOM   287  C C   . LEU A 1 75  ? -8.797  -4.100  2.654   1.00 44.43  ? 240 LEU A C   1 
ATOM   288  O O   . LEU A 1 75  ? -8.489  -2.958  2.924   1.00 45.54  ? 240 LEU A O   1 
ATOM   289  C CB  . LEU A 1 75  ? -9.783  -5.167  4.688   1.00 43.91  ? 240 LEU A CB  1 
ATOM   290  C CG  . LEU A 1 75  ? -11.099 -5.683  4.120   1.00 46.37  ? 240 LEU A CG  1 
ATOM   291  C CD1 . LEU A 1 75  ? -11.020 -7.179  3.832   1.00 47.28  ? 240 LEU A CD1 1 
ATOM   292  C CD2 . LEU A 1 75  ? -12.253 -5.371  5.055   1.00 48.04  ? 240 LEU A CD2 1 
ATOM   293  N N   . ASP A 1 76  ? -9.272  -4.449  1.472   1.00 46.48  ? 241 ASP A N   1 
ATOM   294  C CA  . ASP A 1 76  ? -9.520  -3.483  0.422   1.00 46.41  ? 241 ASP A CA  1 
ATOM   295  C C   . ASP A 1 76  ? -10.968 -3.642  -0.003  1.00 44.27  ? 241 ASP A C   1 
ATOM   296  O O   . ASP A 1 76  ? -11.279 -4.387  -0.921  1.00 46.21  ? 241 ASP A O   1 
ATOM   297  C CB  . ASP A 1 76  ? -8.549  -3.734  -0.737  1.00 49.04  ? 241 ASP A CB  1 
ATOM   298  C CG  . ASP A 1 76  ? -8.832  -2.869  -1.950  1.00 50.71  ? 241 ASP A CG  1 
ATOM   299  O OD1 . ASP A 1 76  ? -9.663  -1.937  -1.853  1.00 50.40  ? 241 ASP A OD1 1 
ATOM   300  O OD2 . ASP A 1 76  ? -8.208  -3.130  -3.002  1.00 53.49  ? 241 ASP A OD2 1 
ATOM   301  N N   . GLY A 1 77  ? -11.854 -2.938  0.683   1.00 44.24  ? 242 GLY A N   1 
ATOM   302  C CA  . GLY A 1 77  ? -13.297 -3.040  0.437   1.00 44.82  ? 242 GLY A CA  1 
ATOM   303  C C   . GLY A 1 77  ? -14.004 -2.953  1.770   1.00 46.23  ? 242 GLY A C   1 
ATOM   304  O O   . GLY A 1 77  ? -13.354 -2.837  2.802   1.00 52.03  ? 242 GLY A O   1 
ATOM   305  N N   . PRO A 1 78  ? -15.334 -3.014  1.774   1.00 46.86  ? 243 PRO A N   1 
ATOM   306  C CA  . PRO A 1 78  ? -15.984 -2.899  3.078   1.00 48.29  ? 243 PRO A CA  1 
ATOM   307  C C   . PRO A 1 78  ? -15.756 -4.144  3.957   1.00 51.49  ? 243 PRO A C   1 
ATOM   308  O O   . PRO A 1 78  ? -15.632 -5.252  3.448   1.00 49.63  ? 243 PRO A O   1 
ATOM   309  C CB  . PRO A 1 78  ? -17.459 -2.725  2.717   1.00 48.02  ? 243 PRO A CB  1 
ATOM   310  C CG  . PRO A 1 78  ? -17.621 -3.375  1.372   1.00 47.69  ? 243 PRO A CG  1 
ATOM   311  C CD  . PRO A 1 78  ? -16.264 -3.431  0.709   1.00 47.17  ? 243 PRO A CD  1 
ATOM   312  N N   . GLU A 1 79  ? -15.676 -3.941  5.266   1.00 55.39  ? 244 GLU A N   1 
ATOM   313  C CA  . GLU A 1 79  ? -15.490 -5.034  6.224   1.00 56.28  ? 244 GLU A CA  1 
ATOM   314  C C   . GLU A 1 79  ? -16.707 -5.965  6.325   1.00 58.60  ? 244 GLU A C   1 
ATOM   315  O O   . GLU A 1 79  ? -16.540 -7.189  6.343   1.00 59.61  ? 244 GLU A O   1 
ATOM   316  C CB  . GLU A 1 79  ? -15.095 -4.461  7.588   1.00 59.73  ? 244 GLU A CB  1 
ATOM   317  C CG  . GLU A 1 79  ? -15.935 -4.887  8.789   1.00 62.66  ? 244 GLU A CG  1 
ATOM   318  C CD  . GLU A 1 79  ? -15.350 -4.353  10.082  1.00 65.03  ? 244 GLU A CD  1 
ATOM   319  O OE1 . GLU A 1 79  ? -14.121 -4.560  10.269  1.00 63.03  ? 244 GLU A OE1 1 
ATOM   320  O OE2 . GLU A 1 79  ? -16.102 -3.730  10.885  1.00 59.82  ? 244 GLU A OE2 1 
ATOM   321  N N   . GLU A 1 80  ? -17.907 -5.384  6.402   1.00 58.40  ? 245 GLU A N   1 
ATOM   322  C CA  . GLU A 1 80  ? -19.168 -6.136  6.351   1.00 61.14  ? 245 GLU A CA  1 
ATOM   323  C C   . GLU A 1 80  ? -19.745 -6.063  4.925   1.00 59.73  ? 245 GLU A C   1 
ATOM   324  O O   . GLU A 1 80  ? -19.435 -5.126  4.208   1.00 62.09  ? 245 GLU A O   1 
ATOM   325  C CB  . GLU A 1 80  ? -20.166 -5.574  7.382   1.00 66.34  ? 245 GLU A CB  1 
ATOM   326  C CG  . GLU A 1 80  ? -21.641 -5.728  6.987   1.00 75.01  ? 245 GLU A CG  1 
ATOM   327  C CD  . GLU A 1 80  ? -22.617 -5.603  8.152   1.00 82.17  ? 245 GLU A CD  1 
ATOM   328  O OE1 . GLU A 1 80  ? -23.349 -4.584  8.215   1.00 85.86  ? 245 GLU A OE1 1 
ATOM   329  O OE2 . GLU A 1 80  ? -22.680 -6.541  8.983   1.00 82.72  ? 245 GLU A OE2 1 
ATOM   330  N N   . ILE A 1 81  ? -20.544 -7.053  4.503   1.00 57.59  ? 246 ILE A N   1 
ATOM   331  C CA  . ILE A 1 81  ? -21.326 -6.944  3.252   1.00 58.55  ? 246 ILE A CA  1 
ATOM   332  C C   . ILE A 1 81  ? -22.742 -7.513  3.346   1.00 64.83  ? 246 ILE A C   1 
ATOM   333  O O   . ILE A 1 81  ? -22.951 -8.608  3.841   1.00 66.38  ? 246 ILE A O   1 
ATOM   334  C CB  . ILE A 1 81  ? -20.648 -7.609  2.036   1.00 55.40  ? 246 ILE A CB  1 
ATOM   335  C CG1 . ILE A 1 81  ? -20.341 -9.076  2.304   1.00 55.07  ? 246 ILE A CG1 1 
ATOM   336  C CG2 . ILE A 1 81  ? -19.376 -6.873  1.664   1.00 55.94  ? 246 ILE A CG2 1 
ATOM   337  C CD1 . ILE A 1 81  ? -19.835 -9.805  1.083   1.00 55.35  ? 246 ILE A CD1 1 
ATOM   338  N N   . GLU A 1 82  ? -23.708 -6.757  2.839   1.00 76.02  ? 247 GLU A N   1 
ATOM   339  C CA  . GLU A 1 82  ? -25.098 -7.195  2.791   1.00 84.73  ? 247 GLU A CA  1 
ATOM   340  C C   . GLU A 1 82  ? -25.290 -8.141  1.613   1.00 87.03  ? 247 GLU A C   1 
ATOM   341  O O   . GLU A 1 82  ? -24.596 -8.044  0.602   1.00 92.47  ? 247 GLU A O   1 
ATOM   342  C CB  . GLU A 1 82  ? -26.045 -5.985  2.653   1.00 92.73  ? 247 GLU A CB  1 
ATOM   343  C CG  . GLU A 1 82  ? -26.178 -5.111  3.907   1.00 100.75 ? 247 GLU A CG  1 
ATOM   344  C CD  . GLU A 1 82  ? -25.116 -4.012  4.055   1.00 102.35 ? 247 GLU A CD  1 
ATOM   345  O OE1 . GLU A 1 82  ? -25.494 -2.836  4.250   1.00 100.70 ? 247 GLU A OE1 1 
ATOM   346  O OE2 . GLU A 1 82  ? -23.904 -4.306  4.007   1.00 100.94 ? 247 GLU A OE2 1 
ATOM   347  N N   . CYS A 1 83  ? -26.216 -9.076  1.758   1.00 88.81  ? 248 CYS A N   1 
ATOM   348  C CA  . CYS A 1 83  ? -26.754 -9.800  0.611   1.00 88.66  ? 248 CYS A CA  1 
ATOM   349  C C   . CYS A 1 83  ? -27.922 -8.944  0.094   1.00 94.11  ? 248 CYS A C   1 
ATOM   350  O O   . CYS A 1 83  ? -28.584 -8.260  0.886   1.00 92.08  ? 248 CYS A O   1 
ATOM   351  C CB  . CYS A 1 83  ? -27.191 -11.204 1.031   1.00 86.58  ? 248 CYS A CB  1 
ATOM   352  S SG  . CYS A 1 83  ? -28.265 -12.068 -0.128  1.00 85.21  ? 248 CYS A SG  1 
ATOM   353  N N   . THR A 1 84  ? -28.157 -8.961  -1.223  1.00 98.46  ? 249 THR A N   1 
ATOM   354  C CA  . THR A 1 84  ? -29.056 -7.980  -1.877  1.00 97.19  ? 249 THR A CA  1 
ATOM   355  C C   . THR A 1 84  ? -30.359 -8.551  -2.447  1.00 99.76  ? 249 THR A C   1 
ATOM   356  O O   . THR A 1 84  ? -30.491 -9.767  -2.641  1.00 90.83  ? 249 THR A O   1 
ATOM   357  C CB  . THR A 1 84  ? -28.346 -7.257  -3.040  1.00 90.14  ? 249 THR A CB  1 
ATOM   358  O OG1 . THR A 1 84  ? -27.819 -8.228  -3.957  1.00 80.54  ? 249 THR A OG1 1 
ATOM   359  C CG2 . THR A 1 84  ? -27.235 -6.363  -2.517  1.00 86.65  ? 249 THR A CG2 1 
ATOM   360  N N   . LYS A 1 85  ? -31.297 -7.638  -2.726  1.00 102.28 ? 250 LYS A N   1 
ATOM   361  C CA  . LYS A 1 85  ? -32.599 -7.967  -3.326  1.00 104.86 ? 250 LYS A CA  1 
ATOM   362  C C   . LYS A 1 85  ? -32.467 -8.822  -4.602  1.00 106.38 ? 250 LYS A C   1 
ATOM   363  O O   . LYS A 1 85  ? -33.158 -9.831  -4.741  1.00 99.64  ? 250 LYS A O   1 
ATOM   364  C CB  . LYS A 1 85  ? -33.393 -6.685  -3.629  1.00 96.96  ? 250 LYS A CB  1 
ATOM   365  N N   . LEU A 1 86  ? -31.566 -8.437  -5.509  1.00 105.29 ? 251 LEU A N   1 
ATOM   366  C CA  . LEU A 1 86  ? -31.369 -9.175  -6.768  1.00 100.61 ? 251 LEU A CA  1 
ATOM   367  C C   . LEU A 1 86  ? -30.798 -10.605 -6.589  1.00 98.96  ? 251 LEU A C   1 
ATOM   368  O O   . LEU A 1 86  ? -30.824 -11.388 -7.533  1.00 94.46  ? 251 LEU A O   1 
ATOM   369  C CB  . LEU A 1 86  ? -30.498 -8.361  -7.743  1.00 93.59  ? 251 LEU A CB  1 
ATOM   370  N N   . GLY A 1 87  ? -30.288 -10.941 -5.400  1.00 99.65  ? 252 GLY A N   1 
ATOM   371  C CA  . GLY A 1 87  ? -29.820 -12.311 -5.096  1.00 101.44 ? 252 GLY A CA  1 
ATOM   372  C C   . GLY A 1 87  ? -28.305 -12.542 -5.097  1.00 109.05 ? 252 GLY A C   1 
ATOM   373  O O   . GLY A 1 87  ? -27.843 -13.693 -5.157  1.00 104.39 ? 252 GLY A O   1 
ATOM   374  N N   . ASN A 1 88  ? -27.534 -11.453 -5.004  1.00 109.35 ? 253 ASN A N   1 
ATOM   375  C CA  . ASN A 1 88  ? -26.058 -11.499 -5.030  1.00 99.37  ? 253 ASN A CA  1 
ATOM   376  C C   . ASN A 1 88  ? -25.462 -10.596 -3.927  1.00 95.18  ? 253 ASN A C   1 
ATOM   377  O O   . ASN A 1 88  ? -26.203 -9.900  -3.226  1.00 101.70 ? 253 ASN A O   1 
ATOM   378  C CB  . ASN A 1 88  ? -25.503 -11.177 -6.445  1.00 97.27  ? 253 ASN A CB  1 
ATOM   379  C CG  . ASN A 1 88  ? -25.775 -9.740  -6.907  1.00 99.01  ? 253 ASN A CG  1 
ATOM   380  O OD1 . ASN A 1 88  ? -24.901 -9.093  -7.492  1.00 96.87  ? 253 ASN A OD1 1 
ATOM   381  N ND2 . ASN A 1 88  ? -26.988 -9.248  -6.678  1.00 99.82  ? 253 ASN A ND2 1 
ATOM   382  N N   . TRP A 1 89  ? -24.139 -10.618 -3.765  1.00 83.20  ? 254 TRP A N   1 
ATOM   383  C CA  . TRP A 1 89  ? -23.473 -9.972  -2.619  1.00 73.06  ? 254 TRP A CA  1 
ATOM   384  C C   . TRP A 1 89  ? -23.088 -8.512  -2.857  1.00 67.15  ? 254 TRP A C   1 
ATOM   385  O O   . TRP A 1 89  ? -22.440 -8.183  -3.850  1.00 66.28  ? 254 TRP A O   1 
ATOM   386  C CB  . TRP A 1 89  ? -22.216 -10.759 -2.248  1.00 73.57  ? 254 TRP A CB  1 
ATOM   387  C CG  . TRP A 1 89  ? -22.482 -12.011 -1.451  1.00 74.50  ? 254 TRP A CG  1 
ATOM   388  C CD1 . TRP A 1 89  ? -22.303 -13.309 -1.855  1.00 73.02  ? 254 TRP A CD1 1 
ATOM   389  C CD2 . TRP A 1 89  ? -22.962 -12.074 -0.104  1.00 72.94  ? 254 TRP A CD2 1 
ATOM   390  N NE1 . TRP A 1 89  ? -22.642 -14.172 -0.840  1.00 72.87  ? 254 TRP A NE1 1 
ATOM   391  C CE2 . TRP A 1 89  ? -23.050 -13.440 0.246   1.00 72.81  ? 254 TRP A CE2 1 
ATOM   392  C CE3 . TRP A 1 89  ? -23.328 -11.107 0.841   1.00 72.39  ? 254 TRP A CE3 1 
ATOM   393  C CZ2 . TRP A 1 89  ? -23.493 -13.859 1.499   1.00 71.27  ? 254 TRP A CZ2 1 
ATOM   394  C CZ3 . TRP A 1 89  ? -23.762 -11.523 2.082   1.00 72.91  ? 254 TRP A CZ3 1 
ATOM   395  C CH2 . TRP A 1 89  ? -23.843 -12.890 2.402   1.00 73.40  ? 254 TRP A CH2 1 
ATOM   396  N N   . SER A 1 90  ? -23.417 -7.645  -1.907  1.00 64.18  ? 255 SER A N   1 
ATOM   397  C CA  . SER A 1 90  ? -23.230 -6.195  -2.093  1.00 65.27  ? 255 SER A CA  1 
ATOM   398  C C   . SER A 1 90  ? -21.801 -5.708  -2.392  1.00 66.86  ? 255 SER A C   1 
ATOM   399  O O   . SER A 1 90  ? -21.605 -4.522  -2.641  1.00 76.18  ? 255 SER A O   1 
ATOM   400  C CB  . SER A 1 90  ? -23.754 -5.408  -0.882  1.00 65.43  ? 255 SER A CB  1 
ATOM   401  O OG  . SER A 1 90  ? -22.747 -5.240  0.100   1.00 63.55  ? 255 SER A OG  1 
ATOM   402  N N   . ALA A 1 91  ? -20.810 -6.592  -2.331  1.00 63.08  ? 256 ALA A N   1 
ATOM   403  C CA  . ALA A 1 91  ? -19.418 -6.245  -2.637  1.00 60.28  ? 256 ALA A CA  1 
ATOM   404  C C   . ALA A 1 91  ? -18.562 -7.490  -2.442  1.00 59.79  ? 256 ALA A C   1 
ATOM   405  O O   . ALA A 1 91  ? -19.074 -8.545  -2.059  1.00 59.08  ? 256 ALA A O   1 
ATOM   406  C CB  . ALA A 1 91  ? -18.919 -5.117  -1.738  1.00 59.19  ? 256 ALA A CB  1 
ATOM   407  N N   . MET A 1 92  ? -17.265 -7.386  -2.704  1.00 57.65  ? 257 MET A N   1 
ATOM   408  C CA  . MET A 1 92  ? -16.379 -8.502  -2.419  1.00 59.25  ? 257 MET A CA  1 
ATOM   409  C C   . MET A 1 92  ? -14.956 -8.028  -2.158  1.00 56.26  ? 257 MET A C   1 
ATOM   410  O O   . MET A 1 92  ? -14.132 -8.023  -3.076  1.00 58.51  ? 257 MET A O   1 
ATOM   411  C CB  . MET A 1 92  ? -16.411 -9.529  -3.554  1.00 64.89  ? 257 MET A CB  1 
ATOM   412  C CG  . MET A 1 92  ? -15.684 -10.842 -3.228  1.00 72.82  ? 257 MET A CG  1 
ATOM   413  S SD  . MET A 1 92  ? -16.266 -11.759 -1.768  1.00 73.23  ? 257 MET A SD  1 
ATOM   414  C CE  . MET A 1 92  ? -18.027 -11.931 -2.122  1.00 67.58  ? 257 MET A CE  1 
ATOM   415  N N   . PRO A 1 93  ? -14.651 -7.668  -0.894  1.00 50.88  ? 258 PRO A N   1 
ATOM   416  C CA  . PRO A 1 93  ? -13.361 -7.090  -0.545  1.00 47.38  ? 258 PRO A CA  1 
ATOM   417  C C   . PRO A 1 93  ? -12.287 -8.113  -0.690  1.00 44.85  ? 258 PRO A C   1 
ATOM   418  O O   . PRO A 1 93  ? -12.564 -9.297  -0.571  1.00 46.25  ? 258 PRO A O   1 
ATOM   419  C CB  . PRO A 1 93  ? -13.504 -6.734  0.932   1.00 49.59  ? 258 PRO A CB  1 
ATOM   420  C CG  . PRO A 1 93  ? -14.870 -7.168  1.343   1.00 51.99  ? 258 PRO A CG  1 
ATOM   421  C CD  . PRO A 1 93  ? -15.380 -8.100  0.306   1.00 51.37  ? 258 PRO A CD  1 
ATOM   422  N N   . SER A 1 94  ? -11.072 -7.664  -0.962  1.00 44.08  ? 259 SER A N   1 
ATOM   423  C CA  . SER A 1 94  ? -9.927  -8.562  -1.037  1.00 45.54  ? 259 SER A CA  1 
ATOM   424  C C   . SER A 1 94  ? -8.909  -8.156  0.013   1.00 45.66  ? 259 SER A C   1 
ATOM   425  O O   . SER A 1 94  ? -9.096  -7.173  0.736   1.00 46.30  ? 259 SER A O   1 
ATOM   426  C CB  . SER A 1 94  ? -9.304  -8.516  -2.416  1.00 45.84  ? 259 SER A CB  1 
ATOM   427  O OG  . SER A 1 94  ? -8.967  -7.184  -2.732  1.00 50.24  ? 259 SER A OG  1 
ATOM   428  N N   . CYS A 1 95  ? -7.848  -8.938  0.122   1.00 44.35  ? 260 CYS A N   1 
ATOM   429  C CA  . CYS A 1 95  ? -6.789  -8.612  1.042   1.00 45.11  ? 260 CYS A CA  1 
ATOM   430  C C   . CYS A 1 95  ? -5.575  -8.286  0.227   1.00 44.18  ? 260 CYS A C   1 
ATOM   431  O O   . CYS A 1 95  ? -5.037  -9.156  -0.441  1.00 43.59  ? 260 CYS A O   1 
ATOM   432  C CB  . CYS A 1 95  ? -6.519  -9.787  1.978   1.00 46.13  ? 260 CYS A CB  1 
ATOM   433  S SG  . CYS A 1 95  ? -7.869  -10.067 3.138   1.00 48.46  ? 260 CYS A SG  1 
ATOM   434  N N   . LYS A 1 96  ? -5.147  -7.030  0.272   1.00 47.74  ? 261 LYS A N   1 
ATOM   435  C CA  . LYS A 1 96  ? -3.969  -6.595  -0.486  1.00 47.95  ? 261 LYS A CA  1 
ATOM   436  C C   . LYS A 1 96  ? -2.717  -6.591  0.384   1.00 43.87  ? 261 LYS A C   1 
ATOM   437  O O   . LYS A 1 96  ? -2.737  -6.119  1.518   1.00 42.36  ? 261 LYS A O   1 
ATOM   438  C CB  . LYS A 1 96  ? -4.189  -5.209  -1.072  1.00 50.62  ? 261 LYS A CB  1 
ATOM   439  C CG  . LYS A 1 96  ? -5.460  -5.073  -1.893  1.00 54.78  ? 261 LYS A CG  1 
ATOM   440  C CD  . LYS A 1 96  ? -5.366  -5.833  -3.209  1.00 57.87  ? 261 LYS A CD  1 
ATOM   441  C CE  . LYS A 1 96  ? -6.559  -5.488  -4.097  1.00 57.68  ? 261 LYS A CE  1 
ATOM   442  N NZ  . LYS A 1 96  ? -6.768  -6.487  -5.175  1.00 57.33  ? 261 LYS A NZ  1 
ATOM   443  N N   . ALA A 1 97  ? -1.633  -7.102  -0.189  1.00 41.81  ? 262 ALA A N   1 
ATOM   444  C CA  . ALA A 1 97  ? -0.365  -7.275  0.501   1.00 42.34  ? 262 ALA A CA  1 
ATOM   445  C C   . ALA A 1 97  ? 0.356   -5.970  0.807   1.00 43.23  ? 262 ALA A C   1 
ATOM   446  O O   . ALA A 1 97  ? 0.287   -5.010  0.042   1.00 42.54  ? 262 ALA A O   1 
ATOM   447  C CB  . ALA A 1 97  ? 0.554   -8.175  -0.315  1.00 41.26  ? 262 ALA A CB  1 
ATOM   448  N N   . SER A 1 98  ? 1.056   -5.980  1.941   1.00 45.28  ? 263 SER A N   1 
ATOM   449  C CA  . SER A 1 98  ? 2.011   -4.946  2.326   1.00 44.17  ? 263 SER A CA  1 
ATOM   450  C C   . SER A 1 98  ? 3.325   -5.104  1.569   1.00 43.48  ? 263 SER A C   1 
ATOM   451  O O   . SER A 1 98  ? 3.539   -6.120  0.925   1.00 43.12  ? 263 SER A O   1 
ATOM   452  C CB  . SER A 1 98  ? 2.265   -5.030  3.827   1.00 42.60  ? 263 SER A CB  1 
ATOM   453  O OG  . SER A 1 98  ? 1.080   -4.711  4.529   1.00 44.07  ? 263 SER A OG  1 
ATOM   454  N N   . CYS A 1 99  ? 4.189   -4.090  1.671   1.00 46.65  ? 264 CYS A N   1 
ATOM   455  C CA  . CYS A 1 99  ? 5.433   -3.961  0.898   1.00 46.31  ? 264 CYS A CA  1 
ATOM   456  C C   . CYS A 1 99  ? 6.632   -3.809  1.817   1.00 45.77  ? 264 CYS A C   1 
ATOM   457  O O   . CYS A 1 99  ? 6.573   -3.062  2.798   1.00 44.42  ? 264 CYS A O   1 
ATOM   458  C CB  . CYS A 1 99  ? 5.377   -2.702  0.039   1.00 47.88  ? 264 CYS A CB  1 
ATOM   459  S SG  . CYS A 1 99  ? 4.114   -2.690  -1.252  1.00 56.17  ? 264 CYS A SG  1 
ATOM   460  N N   . LYS A 1 100 ? 7.718   -4.506  1.484   1.00 47.12  ? 265 LYS A N   1 
ATOM   461  C CA  . LYS A 1 100 ? 9.046   -4.210  2.029   1.00 47.82  ? 265 LYS A CA  1 
ATOM   462  C C   . LYS A 1 100 ? 9.473   -2.827  1.584   1.00 45.30  ? 265 LYS A C   1 
ATOM   463  O O   . LYS A 1 100 ? 9.322   -2.472  0.419   1.00 43.76  ? 265 LYS A O   1 
ATOM   464  C CB  . LYS A 1 100 ? 10.087  -5.185  1.483   1.00 54.22  ? 265 LYS A CB  1 
ATOM   465  C CG  . LYS A 1 100 ? 10.393  -6.381  2.359   1.00 63.49  ? 265 LYS A CG  1 
ATOM   466  C CD  . LYS A 1 100 ? 11.758  -6.971  2.003   1.00 71.29  ? 265 LYS A CD  1 
ATOM   467  C CE  . LYS A 1 100 ? 11.989  -8.325  2.668   1.00 78.18  ? 265 LYS A CE  1 
ATOM   468  N NZ  . LYS A 1 100 ? 11.125  -9.392  2.082   1.00 78.74  ? 265 LYS A NZ  1 
ATOM   469  N N   . VAL A 1 101 ? 10.026  -2.043  2.492   1.00 44.51  ? 266 VAL A N   1 
ATOM   470  C CA  . VAL A 1 101 ? 10.647  -0.803  2.074   1.00 44.04  ? 266 VAL A CA  1 
ATOM   471  C C   . VAL A 1 101 ? 11.703  -1.146  1.023   1.00 43.89  ? 266 VAL A C   1 
ATOM   472  O O   . VAL A 1 101 ? 12.562  -1.980  1.279   1.00 46.90  ? 266 VAL A O   1 
ATOM   473  C CB  . VAL A 1 101 ? 11.291  -0.092  3.255   1.00 44.20  ? 266 VAL A CB  1 
ATOM   474  C CG1 . VAL A 1 101 ? 12.296  0.942   2.781   1.00 45.44  ? 266 VAL A CG1 1 
ATOM   475  C CG2 . VAL A 1 101 ? 10.204  0.565   4.081   1.00 46.80  ? 266 VAL A CG2 1 
ATOM   476  N N   . PRO A 1 102 ? 11.653  -0.503  -0.160  1.00 40.47  ? 267 PRO A N   1 
ATOM   477  C CA  . PRO A 1 102 ? 12.422  -0.992  -1.310  1.00 40.55  ? 267 PRO A CA  1 
ATOM   478  C C   . PRO A 1 102 ? 13.848  -0.431  -1.488  1.00 42.59  ? 267 PRO A C   1 
ATOM   479  O O   . PRO A 1 102 ? 14.443  -0.608  -2.557  1.00 43.38  ? 267 PRO A O   1 
ATOM   480  C CB  . PRO A 1 102 ? 11.549  -0.556  -2.480  1.00 39.85  ? 267 PRO A CB  1 
ATOM   481  C CG  . PRO A 1 102 ? 10.975  0.737   -2.011  1.00 39.50  ? 267 PRO A CG  1 
ATOM   482  C CD  . PRO A 1 102 ? 10.857  0.682   -0.513  1.00 38.19  ? 267 PRO A CD  1 
ATOM   483  N N   . VAL A 1 103 ? 14.373  0.244   -0.470  1.00 43.46  ? 268 VAL A N   1 
ATOM   484  C CA  . VAL A 1 103 ? 15.732  0.782   -0.486  1.00 47.04  ? 268 VAL A CA  1 
ATOM   485  C C   . VAL A 1 103 ? 16.272  0.701   0.929   1.00 49.10  ? 268 VAL A C   1 
ATOM   486  O O   . VAL A 1 103 ? 15.502  0.634   1.873   1.00 49.51  ? 268 VAL A O   1 
ATOM   487  C CB  . VAL A 1 103 ? 15.782  2.267   -0.947  1.00 48.71  ? 268 VAL A CB  1 
ATOM   488  C CG1 . VAL A 1 103 ? 15.128  2.447   -2.305  1.00 48.82  ? 268 VAL A CG1 1 
ATOM   489  C CG2 . VAL A 1 103 ? 15.129  3.201   0.071   1.00 49.61  ? 268 VAL A CG2 1 
ATOM   490  N N   . LYS A 1 104 ? 17.585  0.730   1.096   1.00 52.85  ? 269 LYS A N   1 
ATOM   491  C CA  . LYS A 1 104 ? 18.134  0.698   2.444   1.00 57.40  ? 269 LYS A CA  1 
ATOM   492  C C   . LYS A 1 104 ? 18.043  2.062   3.112   1.00 55.88  ? 269 LYS A C   1 
ATOM   493  O O   . LYS A 1 104 ? 17.731  2.131   4.289   1.00 58.85  ? 269 LYS A O   1 
ATOM   494  C CB  . LYS A 1 104 ? 19.557  0.148   2.457   1.00 64.94  ? 269 LYS A CB  1 
ATOM   495  C CG  . LYS A 1 104 ? 19.597  -1.372  2.326   1.00 73.47  ? 269 LYS A CG  1 
ATOM   496  C CD  . LYS A 1 104 ? 20.837  -1.853  1.578   1.00 82.23  ? 269 LYS A CD  1 
ATOM   497  C CE  . LYS A 1 104 ? 20.714  -3.312  1.148   1.00 87.04  ? 269 LYS A CE  1 
ATOM   498  N NZ  . LYS A 1 104 ? 21.902  -3.756  0.360   1.00 86.50  ? 269 LYS A NZ  1 
ATOM   499  N N   . LYS A 1 105 ? 18.293  3.143   2.380   1.00 53.80  ? 270 LYS A N   1 
ATOM   500  C CA  . LYS A 1 105 ? 18.128  4.488   2.948   1.00 53.11  ? 270 LYS A CA  1 
ATOM   501  C C   . LYS A 1 105 ? 17.628  5.528   1.927   1.00 46.69  ? 270 LYS A C   1 
ATOM   502  O O   . LYS A 1 105 ? 18.089  5.566   0.776   1.00 43.10  ? 270 LYS A O   1 
ATOM   503  C CB  . LYS A 1 105 ? 19.435  4.953   3.600   1.00 58.31  ? 270 LYS A CB  1 
ATOM   504  C CG  . LYS A 1 105 ? 19.721  4.261   4.934   1.00 66.46  ? 270 LYS A CG  1 
ATOM   505  C CD  . LYS A 1 105 ? 21.009  4.724   5.622   1.00 72.81  ? 270 LYS A CD  1 
ATOM   506  C CE  . LYS A 1 105 ? 22.175  3.796   5.287   1.00 76.49  ? 270 LYS A CE  1 
ATOM   507  N NZ  . LYS A 1 105 ? 23.495  4.319   5.733   1.00 80.59  ? 270 LYS A NZ  1 
ATOM   508  N N   . ALA A 1 106 ? 16.670  6.354   2.357   1.00 37.79  ? 271 ALA A N   1 
ATOM   509  C CA  . ALA A 1 106 ? 16.192  7.448   1.533   1.00 34.55  ? 271 ALA A CA  1 
ATOM   510  C C   . ALA A 1 106 ? 15.407  8.420   2.349   1.00 31.85  ? 271 ALA A C   1 
ATOM   511  O O   . ALA A 1 106 ? 14.704  8.023   3.251   1.00 31.93  ? 271 ALA A O   1 
ATOM   512  C CB  . ALA A 1 106 ? 15.313  6.929   0.411   1.00 35.76  ? 271 ALA A CB  1 
ATOM   513  N N   . THR A 1 107 ? 15.527  9.698   2.034   1.00 31.37  ? 272 THR A N   1 
ATOM   514  C CA  . THR A 1 107 ? 14.576  10.662  2.541   1.00 32.60  ? 272 THR A CA  1 
ATOM   515  C C   . THR A 1 107 ? 13.490  10.836  1.490   1.00 35.02  ? 272 THR A C   1 
ATOM   516  O O   . THR A 1 107 ? 13.745  10.906  0.261   1.00 35.15  ? 272 THR A O   1 
ATOM   517  C CB  . THR A 1 107 ? 15.217  12.005  2.906   1.00 31.73  ? 272 THR A CB  1 
ATOM   518  O OG1 . THR A 1 107 ? 15.931  11.840  4.121   1.00 33.20  ? 272 THR A OG1 1 
ATOM   519  C CG2 . THR A 1 107 ? 14.174  13.080  3.149   1.00 30.54  ? 272 THR A CG2 1 
ATOM   520  N N   . VAL A 1 108 ? 12.265  10.880  1.988   1.00 34.35  ? 273 VAL A N   1 
ATOM   521  C CA  . VAL A 1 108 ? 11.117  10.955  1.131   1.00 33.77  ? 273 VAL A CA  1 
ATOM   522  C C   . VAL A 1 108 ? 10.127  11.833  1.824   1.00 33.50  ? 273 VAL A C   1 
ATOM   523  O O   . VAL A 1 108 ? 10.227  12.055  3.036   1.00 36.49  ? 273 VAL A O   1 
ATOM   524  C CB  . VAL A 1 108 ? 10.505  9.570   0.931   1.00 34.50  ? 273 VAL A CB  1 
ATOM   525  C CG1 . VAL A 1 108 ? 11.555  8.566   0.444   1.00 34.37  ? 273 VAL A CG1 1 
ATOM   526  C CG2 . VAL A 1 108 ? 9.880   9.091   2.230   1.00 36.23  ? 273 VAL A CG2 1 
ATOM   527  N N   . VAL A 1 109 ? 9.168   12.330  1.067   1.00 32.00  ? 274 VAL A N   1 
ATOM   528  C CA  . VAL A 1 109 ? 8.078   13.070  1.651   1.00 31.80  ? 274 VAL A CA  1 
ATOM   529  C C   . VAL A 1 109 ? 6.923   12.099  1.862   1.00 33.60  ? 274 VAL A C   1 
ATOM   530  O O   . VAL A 1 109 ? 6.623   11.295  0.984   1.00 33.13  ? 274 VAL A O   1 
ATOM   531  C CB  . VAL A 1 109 ? 7.661   14.227  0.756   1.00 30.99  ? 274 VAL A CB  1 
ATOM   532  C CG1 . VAL A 1 109 ? 6.617   15.085  1.443   1.00 31.51  ? 274 VAL A CG1 1 
ATOM   533  C CG2 . VAL A 1 109 ? 8.876   15.062  0.407   1.00 30.74  ? 274 VAL A CG2 1 
ATOM   534  N N   . TYR A 1 110 ? 6.334   12.144  3.054   1.00 36.17  ? 275 TYR A N   1 
ATOM   535  C CA  . TYR A 1 110 ? 5.146   11.383  3.385   1.00 38.57  ? 275 TYR A CA  1 
ATOM   536  C C   . TYR A 1 110 ? 4.188   12.311  4.082   1.00 40.95  ? 275 TYR A C   1 
ATOM   537  O O   . TYR A 1 110 ? 4.529   12.967  5.057   1.00 39.07  ? 275 TYR A O   1 
ATOM   538  C CB  . TYR A 1 110 ? 5.470   10.243  4.313   1.00 41.14  ? 275 TYR A CB  1 
ATOM   539  C CG  . TYR A 1 110 ? 4.258   9.425   4.705   1.00 47.98  ? 275 TYR A CG  1 
ATOM   540  C CD1 . TYR A 1 110 ? 3.474   8.813   3.736   1.00 49.04  ? 275 TYR A CD1 1 
ATOM   541  C CD2 . TYR A 1 110 ? 3.907   9.231   6.048   1.00 49.61  ? 275 TYR A CD2 1 
ATOM   542  C CE1 . TYR A 1 110 ? 2.376   8.044   4.085   1.00 49.12  ? 275 TYR A CE1 1 
ATOM   543  C CE2 . TYR A 1 110 ? 2.805   8.464   6.401   1.00 47.88  ? 275 TYR A CE2 1 
ATOM   544  C CZ  . TYR A 1 110 ? 2.045   7.875   5.413   1.00 47.60  ? 275 TYR A CZ  1 
ATOM   545  O OH  . TYR A 1 110 ? 0.946   7.113   5.731   1.00 47.74  ? 275 TYR A OH  1 
ATOM   546  N N   . GLN A 1 111 ? 2.975   12.375  3.569   1.00 44.76  ? 276 GLN A N   1 
ATOM   547  C CA  . GLN A 1 111 ? 1.990   13.269  4.117   1.00 44.35  ? 276 GLN A CA  1 
ATOM   548  C C   . GLN A 1 111 ? 2.564   14.663  4.383   1.00 42.95  ? 276 GLN A C   1 
ATOM   549  O O   . GLN A 1 111 ? 2.310   15.267  5.406   1.00 43.91  ? 276 GLN A O   1 
ATOM   550  C CB  . GLN A 1 111 ? 1.409   12.639  5.372   1.00 47.03  ? 276 GLN A CB  1 
ATOM   551  C CG  . GLN A 1 111 ? 0.404   11.542  5.053   1.00 49.55  ? 276 GLN A CG  1 
ATOM   552  C CD  . GLN A 1 111 ? 0.145   10.603  6.213   1.00 50.65  ? 276 GLN A CD  1 
ATOM   553  O OE1 . GLN A 1 111 ? -0.428  9.545   6.031   1.00 49.83  ? 276 GLN A OE1 1 
ATOM   554  N NE2 . GLN A 1 111 ? 0.572   10.979  7.410   1.00 56.01  ? 276 GLN A NE2 1 
ATOM   555  N N   . GLY A 1 112 ? 3.327   15.179  3.430   1.00 44.42  ? 277 GLY A N   1 
ATOM   556  C CA  . GLY A 1 112 ? 3.750   16.589  3.453   1.00 44.09  ? 277 GLY A CA  1 
ATOM   557  C C   . GLY A 1 112 ? 4.963   16.872  4.318   1.00 42.14  ? 277 GLY A C   1 
ATOM   558  O O   . GLY A 1 112 ? 5.248   18.019  4.630   1.00 40.98  ? 277 GLY A O   1 
ATOM   559  N N   . GLU A 1 113 ? 5.707   15.835  4.664   1.00 40.32  ? 278 GLU A N   1 
ATOM   560  C CA  . GLU A 1 113 ? 6.717   15.960  5.662   1.00 41.44  ? 278 GLU A CA  1 
ATOM   561  C C   . GLU A 1 113 ? 7.903   15.100  5.331   1.00 37.82  ? 278 GLU A C   1 
ATOM   562  O O   . GLU A 1 113 ? 7.750   13.935  5.026   1.00 36.90  ? 278 GLU A O   1 
ATOM   563  C CB  . GLU A 1 113 ? 6.109   15.508  6.974   1.00 50.63  ? 278 GLU A CB  1 
ATOM   564  C CG  . GLU A 1 113 ? 6.923   15.897  8.188   1.00 62.11  ? 278 GLU A CG  1 
ATOM   565  C CD  . GLU A 1 113 ? 6.077   16.591  9.223   1.00 71.33  ? 278 GLU A CD  1 
ATOM   566  O OE1 . GLU A 1 113 ? 5.953   16.019  10.331  1.00 83.21  ? 278 GLU A OE1 1 
ATOM   567  O OE2 . GLU A 1 113 ? 5.526   17.687  8.911   1.00 69.75  ? 278 GLU A OE2 1 
ATOM   568  N N   . ARG A 1 114 ? 9.103   15.653  5.395   1.00 37.66  ? 279 ARG A N   1 
ATOM   569  C CA  . ARG A 1 114 ? 10.294  14.853  5.100   1.00 36.78  ? 279 ARG A CA  1 
ATOM   570  C C   . ARG A 1 114 ? 10.524  13.847  6.194   1.00 37.35  ? 279 ARG A C   1 
ATOM   571  O O   . ARG A 1 114 ? 10.468  14.203  7.374   1.00 37.78  ? 279 ARG A O   1 
ATOM   572  C CB  . ARG A 1 114 ? 11.524  15.722  4.956   1.00 36.17  ? 279 ARG A CB  1 
ATOM   573  C CG  . ARG A 1 114 ? 11.575  16.420  3.609   1.00 37.01  ? 279 ARG A CG  1 
ATOM   574  C CD  . ARG A 1 114 ? 12.382  17.695  3.686   1.00 38.12  ? 279 ARG A CD  1 
ATOM   575  N NE  . ARG A 1 114 ? 12.677  18.237  2.366   1.00 38.00  ? 279 ARG A NE  1 
ATOM   576  C CZ  . ARG A 1 114 ? 13.807  18.014  1.700   1.00 38.58  ? 279 ARG A CZ  1 
ATOM   577  N NH1 . ARG A 1 114 ? 13.960  18.552  0.504   1.00 39.40  ? 279 ARG A NH1 1 
ATOM   578  N NH2 . ARG A 1 114 ? 14.781  17.257  2.209   1.00 37.46  ? 279 ARG A NH2 1 
ATOM   579  N N   . VAL A 1 115 ? 10.751  12.596  5.791   1.00 36.43  ? 280 VAL A N   1 
ATOM   580  C CA  . VAL A 1 115 ? 11.073  11.517  6.723   1.00 37.45  ? 280 VAL A CA  1 
ATOM   581  C C   . VAL A 1 115 ? 12.067  10.559  6.114   1.00 37.96  ? 280 VAL A C   1 
ATOM   582  O O   . VAL A 1 115 ? 12.301  10.587  4.910   1.00 40.33  ? 280 VAL A O   1 
ATOM   583  C CB  . VAL A 1 115 ? 9.831   10.682  7.103   1.00 38.51  ? 280 VAL A CB  1 
ATOM   584  C CG1 . VAL A 1 115 ? 8.699   11.588  7.557   1.00 37.80  ? 280 VAL A CG1 1 
ATOM   585  C CG2 . VAL A 1 115 ? 9.399   9.765   5.950   1.00 37.19  ? 280 VAL A CG2 1 
ATOM   586  N N   . LYS A 1 116 ? 12.626  9.695   6.943   1.00 39.39  ? 281 LYS A N   1 
ATOM   587  C CA  . LYS A 1 116 ? 13.492  8.650   6.446   1.00 43.71  ? 281 LYS A CA  1 
ATOM   588  C C   . LYS A 1 116 ? 12.612  7.441   6.245   1.00 43.87  ? 281 LYS A C   1 
ATOM   589  O O   . LYS A 1 116 ? 11.985  6.957   7.182   1.00 43.81  ? 281 LYS A O   1 
ATOM   590  C CB  . LYS A 1 116 ? 14.615  8.328   7.428   1.00 48.09  ? 281 LYS A CB  1 
ATOM   591  C CG  . LYS A 1 116 ? 15.305  9.554   7.992   1.00 52.87  ? 281 LYS A CG  1 
ATOM   592  C CD  . LYS A 1 116 ? 16.747  9.249   8.356   1.00 55.72  ? 281 LYS A CD  1 
ATOM   593  C CE  . LYS A 1 116 ? 17.556  10.527  8.440   1.00 57.95  ? 281 LYS A CE  1 
ATOM   594  N NZ  . LYS A 1 116 ? 18.842  10.263  9.130   1.00 60.44  ? 281 LYS A NZ  1 
ATOM   595  N N   . ILE A 1 117 ? 12.562  6.951   5.016   1.00 44.01  ? 282 ILE A N   1 
ATOM   596  C CA  . ILE A 1 117 ? 11.698  5.835   4.701   1.00 43.59  ? 282 ILE A CA  1 
ATOM   597  C C   . ILE A 1 117 ? 11.939  4.655   5.648   1.00 44.15  ? 282 ILE A C   1 
ATOM   598  O O   . ILE A 1 117 ? 10.993  4.049   6.117   1.00 43.79  ? 282 ILE A O   1 
ATOM   599  C CB  . ILE A 1 117 ? 11.818  5.441   3.215   1.00 42.80  ? 282 ILE A CB  1 
ATOM   600  C CG1 . ILE A 1 117 ? 10.762  4.404   2.856   1.00 43.55  ? 282 ILE A CG1 1 
ATOM   601  C CG2 . ILE A 1 117 ? 13.209  4.924   2.885   1.00 42.85  ? 282 ILE A CG2 1 
ATOM   602  C CD1 . ILE A 1 117 ? 10.576  4.234   1.365   1.00 45.08  ? 282 ILE A CD1 1 
ATOM   603  N N   . GLN A 1 118 ? 13.200  4.375   5.962   1.00 47.76  ? 283 GLN A N   1 
ATOM   604  C CA  . GLN A 1 118 ? 13.580  3.256   6.852   1.00 51.83  ? 283 GLN A CA  1 
ATOM   605  C C   . GLN A 1 118 ? 12.976  3.412   8.252   1.00 54.40  ? 283 GLN A C   1 
ATOM   606  O O   . GLN A 1 118 ? 12.503  2.446   8.837   1.00 57.99  ? 283 GLN A O   1 
ATOM   607  C CB  . GLN A 1 118 ? 15.112  3.110   7.029   1.00 52.69  ? 283 GLN A CB  1 
ATOM   608  C CG  . GLN A 1 118 ? 16.033  3.700   5.955   1.00 53.64  ? 283 GLN A CG  1 
ATOM   609  C CD  . GLN A 1 118 ? 16.184  5.218   6.048   1.00 53.98  ? 283 GLN A CD  1 
ATOM   610  O OE1 . GLN A 1 118 ? 15.317  5.973   5.601   1.00 54.54  ? 283 GLN A OE1 1 
ATOM   611  N NE2 . GLN A 1 118 ? 17.280  5.665   6.623   1.00 53.00  ? 283 GLN A NE2 1 
ATOM   612  N N   . GLU A 1 119 ? 13.011  4.618   8.799   1.00 54.64  ? 284 GLU A N   1 
ATOM   613  C CA  . GLU A 1 119 ? 12.476  4.839   10.134  1.00 58.36  ? 284 GLU A CA  1 
ATOM   614  C C   . GLU A 1 119 ? 10.966  4.794   10.113  1.00 57.60  ? 284 GLU A C   1 
ATOM   615  O O   . GLU A 1 119 ? 10.350  4.016   10.841  1.00 63.79  ? 284 GLU A O   1 
ATOM   616  C CB  . GLU A 1 119 ? 12.933  6.180   10.698  1.00 62.29  ? 284 GLU A CB  1 
ATOM   617  C CG  . GLU A 1 119 ? 14.415  6.208   11.042  1.00 66.80  ? 284 GLU A CG  1 
ATOM   618  C CD  . GLU A 1 119 ? 14.901  7.586   11.442  1.00 70.65  ? 284 GLU A CD  1 
ATOM   619  O OE1 . GLU A 1 119 ? 14.176  8.584   11.199  1.00 73.34  ? 284 GLU A OE1 1 
ATOM   620  O OE2 . GLU A 1 119 ? 16.017  7.666   11.997  1.00 73.60  ? 284 GLU A OE2 1 
ATOM   621  N N   . LYS A 1 120 ? 10.372  5.622   9.267   1.00 52.85  ? 285 LYS A N   1 
ATOM   622  C CA  . LYS A 1 120 ? 8.930   5.778   9.257   1.00 49.38  ? 285 LYS A CA  1 
ATOM   623  C C   . LYS A 1 120 ? 8.218   4.482   8.937   1.00 48.54  ? 285 LYS A C   1 
ATOM   624  O O   . LYS A 1 120 ? 7.170   4.217   9.493   1.00 50.18  ? 285 LYS A O   1 
ATOM   625  C CB  . LYS A 1 120 ? 8.516   6.838   8.253   1.00 49.70  ? 285 LYS A CB  1 
ATOM   626  C CG  . LYS A 1 120 ? 7.037   7.166   8.265   1.00 51.28  ? 285 LYS A CG  1 
ATOM   627  C CD  . LYS A 1 120 ? 6.649   8.014   9.459   1.00 51.77  ? 285 LYS A CD  1 
ATOM   628  C CE  . LYS A 1 120 ? 5.138   8.032   9.636   1.00 51.90  ? 285 LYS A CE  1 
ATOM   629  N NZ  . LYS A 1 120 ? 4.771   8.897   10.784  1.00 52.44  ? 285 LYS A NZ  1 
ATOM   630  N N   . PHE A 1 121 ? 8.786   3.678   8.047   1.00 48.47  ? 286 PHE A N   1 
ATOM   631  C CA  . PHE A 1 121 ? 8.175   2.418   7.650   1.00 47.85  ? 286 PHE A CA  1 
ATOM   632  C C   . PHE A 1 121 ? 9.080   1.261   8.009   1.00 49.48  ? 286 PHE A C   1 
ATOM   633  O O   . PHE A 1 121 ? 9.299   0.360   7.195   1.00 49.32  ? 286 PHE A O   1 
ATOM   634  C CB  . PHE A 1 121 ? 7.900   2.410   6.145   1.00 48.65  ? 286 PHE A CB  1 
ATOM   635  C CG  . PHE A 1 121 ? 6.986   3.504   5.698   1.00 48.38  ? 286 PHE A CG  1 
ATOM   636  C CD1 . PHE A 1 121 ? 7.468   4.760   5.457   1.00 48.97  ? 286 PHE A CD1 1 
ATOM   637  C CD2 . PHE A 1 121 ? 5.642   3.276   5.538   1.00 50.24  ? 286 PHE A CD2 1 
ATOM   638  C CE1 . PHE A 1 121 ? 6.626   5.779   5.056   1.00 51.61  ? 286 PHE A CE1 1 
ATOM   639  C CE2 . PHE A 1 121 ? 4.789   4.286   5.140   1.00 52.32  ? 286 PHE A CE2 1 
ATOM   640  C CZ  . PHE A 1 121 ? 5.281   5.546   4.896   1.00 52.31  ? 286 PHE A CZ  1 
ATOM   641  N N   . LYS A 1 122 ? 9.609   1.276   9.228   1.00 50.93  ? 287 LYS A N   1 
ATOM   642  C CA  . LYS A 1 122 ? 10.405  0.139   9.699   1.00 53.77  ? 287 LYS A CA  1 
ATOM   643  C C   . LYS A 1 122 ? 9.642   -1.193  9.605   1.00 51.40  ? 287 LYS A C   1 
ATOM   644  O O   . LYS A 1 122 ? 10.245  -2.227  9.328   1.00 45.40  ? 287 LYS A O   1 
ATOM   645  C CB  . LYS A 1 122 ? 10.971  0.374   11.112  1.00 59.72  ? 287 LYS A CB  1 
ATOM   646  C CG  . LYS A 1 122 ? 9.971   0.850   12.161  1.00 66.87  ? 287 LYS A CG  1 
ATOM   647  C CD  . LYS A 1 122 ? 10.642  1.502   13.374  1.00 68.21  ? 287 LYS A CD  1 
ATOM   648  C CE  . LYS A 1 122 ? 9.626   2.360   14.126  1.00 73.03  ? 287 LYS A CE  1 
ATOM   649  N NZ  . LYS A 1 122 ? 9.982   2.623   15.548  1.00 74.48  ? 287 LYS A NZ  1 
ATOM   650  N N   . ASN A 1 123 ? 8.320   -1.158  9.780   1.00 53.80  ? 288 ASN A N   1 
ATOM   651  C CA  . ASN A 1 123 ? 7.511   -2.380  9.745   1.00 56.97  ? 288 ASN A CA  1 
ATOM   652  C C   . ASN A 1 123 ? 6.863   -2.663  8.397   1.00 56.47  ? 288 ASN A C   1 
ATOM   653  O O   . ASN A 1 123 ? 5.952   -3.484  8.301   1.00 58.63  ? 288 ASN A O   1 
ATOM   654  C CB  . ASN A 1 123 ? 6.431   -2.330  10.826  1.00 59.65  ? 288 ASN A CB  1 
ATOM   655  C CG  . ASN A 1 123 ? 7.012   -2.146  12.215  1.00 59.89  ? 288 ASN A CG  1 
ATOM   656  O OD1 . ASN A 1 123 ? 7.976   -2.821  12.582  1.00 59.27  ? 288 ASN A OD1 1 
ATOM   657  N ND2 . ASN A 1 123 ? 6.437   -1.226  12.992  1.00 58.05  ? 288 ASN A ND2 1 
ATOM   658  N N   . GLY A 1 124 ? 7.335   -1.995  7.353   1.00 54.50  ? 289 GLY A N   1 
ATOM   659  C CA  . GLY A 1 124 ? 6.820   -2.231  6.007   1.00 49.58  ? 289 GLY A CA  1 
ATOM   660  C C   . GLY A 1 124 ? 5.797   -1.176  5.659   1.00 43.96  ? 289 GLY A C   1 
ATOM   661  O O   . GLY A 1 124 ? 5.587   -0.228  6.430   1.00 38.77  ? 289 GLY A O   1 
ATOM   662  N N   . MET A 1 125 ? 5.172   -1.345  4.496   1.00 39.32  ? 290 MET A N   1 
ATOM   663  C CA  . MET A 1 125 ? 4.283   -0.336  3.952   1.00 40.58  ? 290 MET A CA  1 
ATOM   664  C C   . MET A 1 125 ? 2.933   -0.954  3.677   1.00 38.65  ? 290 MET A C   1 
ATOM   665  O O   . MET A 1 125 ? 2.855   -2.049  3.144   1.00 36.96  ? 290 MET A O   1 
ATOM   666  C CB  . MET A 1 125 ? 4.847   0.206   2.647   1.00 43.43  ? 290 MET A CB  1 
ATOM   667  C CG  . MET A 1 125 ? 6.259   0.770   2.757   1.00 46.42  ? 290 MET A CG  1 
ATOM   668  S SD  . MET A 1 125 ? 6.813   1.711   1.311   1.00 48.03  ? 290 MET A SD  1 
ATOM   669  C CE  . MET A 1 125 ? 5.650   3.072   1.279   1.00 46.51  ? 290 MET A CE  1 
ATOM   670  N N   . LEU A 1 126 ? 1.860   -0.261  4.022   1.00 35.39  ? 291 LEU A N   1 
ATOM   671  C CA  . LEU A 1 126 ? 0.553   -0.808  3.723   1.00 35.71  ? 291 LEU A CA  1 
ATOM   672  C C   . LEU A 1 126 ? 0.205   -0.532  2.285   1.00 35.75  ? 291 LEU A C   1 
ATOM   673  O O   . LEU A 1 126 ? 0.545   0.509   1.752   1.00 38.56  ? 291 LEU A O   1 
ATOM   674  C CB  . LEU A 1 126 ? -0.522  -0.223  4.635   1.00 35.27  ? 291 LEU A CB  1 
ATOM   675  C CG  . LEU A 1 126 ? -0.358  -0.639  6.098   1.00 33.96  ? 291 LEU A CG  1 
ATOM   676  C CD1 . LEU A 1 126 ? -1.386  0.091   6.939   1.00 32.90  ? 291 LEU A CD1 1 
ATOM   677  C CD2 . LEU A 1 126 ? -0.461  -2.145  6.257   1.00 33.67  ? 291 LEU A CD2 1 
ATOM   678  N N   . HIS A 1 127 ? -0.467  -1.480  1.654   1.00 34.91  ? 292 HIS A N   1 
ATOM   679  C CA  . HIS A 1 127 ? -1.066  -1.241  0.361   1.00 34.03  ? 292 HIS A CA  1 
ATOM   680  C C   . HIS A 1 127 ? -1.786  0.098   0.395   1.00 35.12  ? 292 HIS A C   1 
ATOM   681  O O   . HIS A 1 127 ? -2.519  0.379   1.340   1.00 32.01  ? 292 HIS A O   1 
ATOM   682  C CB  . HIS A 1 127 ? -2.048  -2.345  0.041   1.00 33.61  ? 292 HIS A CB  1 
ATOM   683  C CG  . HIS A 1 127 ? -2.942  -2.043  -1.107  1.00 34.55  ? 292 HIS A CG  1 
ATOM   684  N ND1 . HIS A 1 127 ? -2.681  -2.491  -2.387  1.00 35.04  ? 292 HIS A ND1 1 
ATOM   685  C CD2 . HIS A 1 127 ? -4.104  -1.350  -1.173  1.00 34.31  ? 292 HIS A CD2 1 
ATOM   686  C CE1 . HIS A 1 127 ? -3.649  -2.091  -3.193  1.00 35.90  ? 292 HIS A CE1 1 
ATOM   687  N NE2 . HIS A 1 127 ? -4.525  -1.398  -2.480  1.00 36.67  ? 292 HIS A NE2 1 
ATOM   688  N N   . GLY A 1 128 ? -1.543  0.922   -0.632  1.00 36.73  ? 293 GLY A N   1 
ATOM   689  C CA  . GLY A 1 128 ? -2.095  2.264   -0.702  1.00 36.50  ? 293 GLY A CA  1 
ATOM   690  C C   . GLY A 1 128 ? -1.169  3.356   -0.177  1.00 37.58  ? 293 GLY A C   1 
ATOM   691  O O   . GLY A 1 128 ? -1.345  4.527   -0.538  1.00 37.73  ? 293 GLY A O   1 
ATOM   692  N N   . ASP A 1 129 ? -0.202  2.999   0.677   1.00 37.01  ? 294 ASP A N   1 
ATOM   693  C CA  . ASP A 1 129 ? 0.757   3.978   1.218   1.00 37.64  ? 294 ASP A CA  1 
ATOM   694  C C   . ASP A 1 129 ? 1.616   4.596   0.113   1.00 38.08  ? 294 ASP A C   1 
ATOM   695  O O   . ASP A 1 129 ? 2.337   3.888   -0.606  1.00 35.17  ? 294 ASP A O   1 
ATOM   696  C CB  . ASP A 1 129 ? 1.709   3.340   2.242   1.00 39.69  ? 294 ASP A CB  1 
ATOM   697  C CG  . ASP A 1 129 ? 1.135   3.284   3.665   1.00 41.58  ? 294 ASP A CG  1 
ATOM   698  O OD1 . ASP A 1 129 ? 0.207   4.085   4.002   1.00 41.06  ? 294 ASP A OD1 1 
ATOM   699  O OD2 . ASP A 1 129 ? 1.658   2.436   4.446   1.00 39.45  ? 294 ASP A OD2 1 
ATOM   700  N N   . LYS A 1 130 ? 1.547   5.922   0.019   1.00 38.10  ? 295 LYS A N   1 
ATOM   701  C CA  . LYS A 1 130 ? 2.188   6.688   -1.036  1.00 38.40  ? 295 LYS A CA  1 
ATOM   702  C C   . LYS A 1 130 ? 3.326   7.484   -0.434  1.00 36.92  ? 295 LYS A C   1 
ATOM   703  O O   . LYS A 1 130 ? 3.177   8.106   0.610   1.00 35.67  ? 295 LYS A O   1 
ATOM   704  C CB  . LYS A 1 130 ? 1.184   7.661   -1.618  1.00 42.23  ? 295 LYS A CB  1 
ATOM   705  C CG  . LYS A 1 130 ? 1.426   8.092   -3.041  1.00 47.58  ? 295 LYS A CG  1 
ATOM   706  C CD  . LYS A 1 130 ? 0.710   9.417   -3.299  1.00 54.05  ? 295 LYS A CD  1 
ATOM   707  C CE  . LYS A 1 130 ? -0.068  9.418   -4.607  1.00 59.65  ? 295 LYS A CE  1 
ATOM   708  N NZ  . LYS A 1 130 ? -1.396  8.781   -4.370  1.00 64.05  ? 295 LYS A NZ  1 
ATOM   709  N N   . VAL A 1 131 ? 4.467   7.472   -1.103  1.00 36.31  ? 296 VAL A N   1 
ATOM   710  C CA  . VAL A 1 131 ? 5.635   8.198   -0.637  1.00 32.65  ? 296 VAL A CA  1 
ATOM   711  C C   . VAL A 1 131 ? 6.243   8.949   -1.830  1.00 31.19  ? 296 VAL A C   1 
ATOM   712  O O   . VAL A 1 131 ? 5.831   8.736   -2.958  1.00 31.66  ? 296 VAL A O   1 
ATOM   713  C CB  . VAL A 1 131 ? 6.551   7.208   0.087   1.00 31.54  ? 296 VAL A CB  1 
ATOM   714  C CG1 . VAL A 1 131 ? 7.909   7.068   -0.560  1.00 33.45  ? 296 VAL A CG1 1 
ATOM   715  C CG2 . VAL A 1 131 ? 6.669   7.609   1.534   1.00 31.71  ? 296 VAL A CG2 1 
ATOM   716  N N   . SER A 1 132 ? 7.168   9.867   -1.587  1.00 29.95  ? 297 SER A N   1 
ATOM   717  C CA  . SER A 1 132 ? 7.752   10.664  -2.684  1.00 29.18  ? 297 SER A CA  1 
ATOM   718  C C   . SER A 1 132 ? 9.256   10.665  -2.623  1.00 28.75  ? 297 SER A C   1 
ATOM   719  O O   . SER A 1 132 ? 9.831   11.172  -1.686  1.00 28.62  ? 297 SER A O   1 
ATOM   720  C CB  . SER A 1 132 ? 7.271   12.100  -2.622  1.00 28.85  ? 297 SER A CB  1 
ATOM   721  O OG  . SER A 1 132 ? 5.862   12.144  -2.686  1.00 30.02  ? 297 SER A OG  1 
ATOM   722  N N   . PHE A 1 133 ? 9.887   10.089  -3.628  1.00 29.61  ? 298 PHE A N   1 
ATOM   723  C CA  . PHE A 1 133 ? 11.326  10.074  -3.710  1.00 30.26  ? 298 PHE A CA  1 
ATOM   724  C C   . PHE A 1 133 ? 11.836  11.319  -4.430  1.00 31.36  ? 298 PHE A C   1 
ATOM   725  O O   . PHE A 1 133 ? 11.138  11.906  -5.279  1.00 29.18  ? 298 PHE A O   1 
ATOM   726  C CB  . PHE A 1 133 ? 11.773  8.837   -4.458  1.00 31.05  ? 298 PHE A CB  1 
ATOM   727  C CG  . PHE A 1 133 ? 11.533  7.561   -3.711  1.00 31.08  ? 298 PHE A CG  1 
ATOM   728  C CD1 . PHE A 1 133 ? 10.318  6.904   -3.818  1.00 31.66  ? 298 PHE A CD1 1 
ATOM   729  C CD2 . PHE A 1 133 ? 12.530  7.011   -2.927  1.00 30.80  ? 298 PHE A CD2 1 
ATOM   730  C CE1 . PHE A 1 133 ? 10.092  5.718   -3.152  1.00 32.22  ? 298 PHE A CE1 1 
ATOM   731  C CE2 . PHE A 1 133 ? 12.316  5.838   -2.246  1.00 32.43  ? 298 PHE A CE2 1 
ATOM   732  C CZ  . PHE A 1 133 ? 11.093  5.187   -2.358  1.00 33.59  ? 298 PHE A CZ  1 
ATOM   733  N N   . PHE A 1 134 ? 13.065  11.703  -4.084  1.00 31.63  ? 299 PHE A N   1 
ATOM   734  C CA  . PHE A 1 134 ? 13.694  12.886  -4.653  1.00 31.49  ? 299 PHE A CA  1 
ATOM   735  C C   . PHE A 1 134 ? 14.531  12.505  -5.859  1.00 31.78  ? 299 PHE A C   1 
ATOM   736  O O   . PHE A 1 134 ? 15.197  11.491  -5.854  1.00 31.98  ? 299 PHE A O   1 
ATOM   737  C CB  . PHE A 1 134 ? 14.578  13.576  -3.605  1.00 30.71  ? 299 PHE A CB  1 
ATOM   738  C CG  . PHE A 1 134 ? 13.815  14.397  -2.615  1.00 28.59  ? 299 PHE A CG  1 
ATOM   739  C CD1 . PHE A 1 134 ? 13.499  15.714  -2.895  1.00 28.40  ? 299 PHE A CD1 1 
ATOM   740  C CD2 . PHE A 1 134 ? 13.416  13.862  -1.412  1.00 28.38  ? 299 PHE A CD2 1 
ATOM   741  C CE1 . PHE A 1 134 ? 12.784  16.487  -1.998  1.00 27.71  ? 299 PHE A CE1 1 
ATOM   742  C CE2 . PHE A 1 134 ? 12.696  14.632  -0.506  1.00 28.98  ? 299 PHE A CE2 1 
ATOM   743  C CZ  . PHE A 1 134 ? 12.375  15.948  -0.800  1.00 27.34  ? 299 PHE A CZ  1 
ATOM   744  N N   . CYS A 1 135 ? 14.503  13.340  -6.882  1.00 35.07  ? 300 CYS A N   1 
ATOM   745  C CA  . CYS A 1 135 ? 15.281  13.121  -8.091  1.00 38.34  ? 300 CYS A CA  1 
ATOM   746  C C   . CYS A 1 135 ? 15.947  14.402  -8.533  1.00 38.98  ? 300 CYS A C   1 
ATOM   747  O O   . CYS A 1 135 ? 15.417  15.473  -8.306  1.00 42.46  ? 300 CYS A O   1 
ATOM   748  C CB  . CYS A 1 135 ? 14.359  12.681  -9.202  1.00 41.27  ? 300 CYS A CB  1 
ATOM   749  S SG  . CYS A 1 135 ? 13.566  11.102  -8.894  1.00 44.98  ? 300 CYS A SG  1 
ATOM   750  N N   . LYS A 1 136 ? 17.080  14.277  -9.211  1.00 40.30  ? 301 LYS A N   1 
ATOM   751  C CA  . LYS A 1 136 ? 17.863  15.420  -9.690  1.00 39.35  ? 301 LYS A CA  1 
ATOM   752  C C   . LYS A 1 136 ? 17.511  15.806  -11.098 1.00 40.42  ? 301 LYS A C   1 
ATOM   753  O O   . LYS A 1 136 ? 17.541  14.979  -11.984 1.00 40.08  ? 301 LYS A O   1 
ATOM   754  C CB  . LYS A 1 136 ? 19.353  15.088  -9.664  1.00 39.64  ? 301 LYS A CB  1 
ATOM   755  C CG  . LYS A 1 136 ? 20.019  15.485  -8.365  1.00 42.99  ? 301 LYS A CG  1 
ATOM   756  C CD  . LYS A 1 136 ? 20.809  14.355  -7.728  1.00 47.16  ? 301 LYS A CD  1 
ATOM   757  C CE  . LYS A 1 136 ? 22.230  14.248  -8.248  1.00 51.40  ? 301 LYS A CE  1 
ATOM   758  N NZ  . LYS A 1 136 ? 23.073  13.590  -7.205  1.00 55.02  ? 301 LYS A NZ  1 
ATOM   759  N N   . ASN A 1 137 ? 17.163  17.072  -11.294 1.00 45.36  ? 302 ASN A N   1 
ATOM   760  C CA  . ASN A 1 137 ? 17.260  17.696  -12.602 1.00 48.00  ? 302 ASN A CA  1 
ATOM   761  C C   . ASN A 1 137 ? 18.670  18.287  -12.704 1.00 51.03  ? 302 ASN A C   1 
ATOM   762  O O   . ASN A 1 137 ? 18.924  19.400  -12.225 1.00 50.28  ? 302 ASN A O   1 
ATOM   763  C CB  . ASN A 1 137 ? 16.200  18.781  -12.772 1.00 47.82  ? 302 ASN A CB  1 
ATOM   764  C CG  . ASN A 1 137 ? 16.227  19.406  -14.153 1.00 50.46  ? 302 ASN A CG  1 
ATOM   765  O OD1 . ASN A 1 137 ? 17.196  19.260  -14.901 1.00 48.35  ? 302 ASN A OD1 1 
ATOM   766  N ND2 . ASN A 1 137 ? 15.155  20.107  -14.506 1.00 54.19  ? 302 ASN A ND2 1 
ATOM   767  N N   . LYS A 1 138 ? 19.583  17.541  -13.324 1.00 54.46  ? 303 LYS A N   1 
ATOM   768  C CA  . LYS A 1 138 ? 20.994  17.963  -13.408 1.00 55.33  ? 303 LYS A CA  1 
ATOM   769  C C   . LYS A 1 138 ? 21.148  19.232  -14.277 1.00 55.10  ? 303 LYS A C   1 
ATOM   770  O O   . LYS A 1 138 ? 21.935  20.121  -13.938 1.00 47.47  ? 303 LYS A O   1 
ATOM   771  C CB  . LYS A 1 138 ? 21.879  16.825  -13.930 1.00 55.62  ? 303 LYS A CB  1 
ATOM   772  C CG  . LYS A 1 138 ? 21.511  15.433  -13.412 1.00 57.40  ? 303 LYS A CG  1 
ATOM   773  C CD  . LYS A 1 138 ? 22.722  14.569  -13.068 1.00 58.68  ? 303 LYS A CD  1 
ATOM   774  C CE  . LYS A 1 138 ? 23.365  15.029  -11.758 1.00 63.82  ? 303 LYS A CE  1 
ATOM   775  N NZ  . LYS A 1 138 ? 24.588  14.265  -11.365 1.00 66.11  ? 303 LYS A NZ  1 
ATOM   776  N N   . GLU A 1 139 ? 20.373  19.318  -15.370 1.00 57.10  ? 304 GLU A N   1 
ATOM   777  C CA  . GLU A 1 139 ? 20.295  20.540  -16.188 1.00 57.70  ? 304 GLU A CA  1 
ATOM   778  C C   . GLU A 1 139 ? 20.140  21.779  -15.303 1.00 56.33  ? 304 GLU A C   1 
ATOM   779  O O   . GLU A 1 139 ? 21.025  22.607  -15.316 1.00 61.92  ? 304 GLU A O   1 
ATOM   780  C CB  . GLU A 1 139 ? 19.179  20.481  -17.244 1.00 57.66  ? 304 GLU A CB  1 
ATOM   781  N N   . LYS A 1 140 ? 19.076  21.897  -14.505 1.00 53.85  ? 305 LYS A N   1 
ATOM   782  C CA  . LYS A 1 140 ? 18.890  23.119  -13.677 1.00 51.27  ? 305 LYS A CA  1 
ATOM   783  C C   . LYS A 1 140 ? 19.458  22.985  -12.262 1.00 46.91  ? 305 LYS A C   1 
ATOM   784  O O   . LYS A 1 140 ? 19.142  23.784  -11.394 1.00 44.68  ? 305 LYS A O   1 
ATOM   785  C CB  . LYS A 1 140 ? 17.421  23.571  -13.620 1.00 53.95  ? 305 LYS A CB  1 
ATOM   786  C CG  . LYS A 1 140 ? 16.602  23.289  -14.876 1.00 62.93  ? 305 LYS A CG  1 
ATOM   787  C CD  . LYS A 1 140 ? 17.279  23.753  -16.171 1.00 72.65  ? 305 LYS A CD  1 
ATOM   788  C CE  . LYS A 1 140 ? 16.870  25.166  -16.570 1.00 76.39  ? 305 LYS A CE  1 
ATOM   789  N NZ  . LYS A 1 140 ? 15.487  25.189  -17.127 1.00 80.29  ? 305 LYS A NZ  1 
ATOM   790  N N   . LYS A 1 141 ? 20.297  21.979  -12.035 1.00 45.09  ? 306 LYS A N   1 
ATOM   791  C CA  . LYS A 1 141 ? 20.986  21.794  -10.752 1.00 45.51  ? 306 LYS A CA  1 
ATOM   792  C C   . LYS A 1 141 ? 20.048  21.868  -9.541  1.00 45.42  ? 306 LYS A C   1 
ATOM   793  O O   . LYS A 1 141 ? 20.398  22.435  -8.518  1.00 45.56  ? 306 LYS A O   1 
ATOM   794  C CB  . LYS A 1 141 ? 22.144  22.800  -10.601 1.00 45.67  ? 306 LYS A CB  1 
ATOM   795  N N   . CYS A 1 142 ? 18.872  21.259  -9.654  1.00 48.23  ? 307 CYS A N   1 
ATOM   796  C CA  . CYS A 1 142 ? 17.882  21.243  -8.569  1.00 49.13  ? 307 CYS A CA  1 
ATOM   797  C C   . CYS A 1 142 ? 17.219  19.872  -8.451  1.00 45.04  ? 307 CYS A C   1 
ATOM   798  O O   . CYS A 1 142 ? 17.448  19.007  -9.294  1.00 42.83  ? 307 CYS A O   1 
ATOM   799  C CB  . CYS A 1 142 ? 16.814  22.288  -8.832  1.00 52.31  ? 307 CYS A CB  1 
ATOM   800  S SG  . CYS A 1 142 ? 15.996  21.972  -10.396 1.00 59.46  ? 307 CYS A SG  1 
ATOM   801  N N   . SER A 1 143 ? 16.381  19.697  -7.424  1.00 41.05  ? 308 SER A N   1 
ATOM   802  C CA  . SER A 1 143 ? 15.673  18.428  -7.172  1.00 38.23  ? 308 SER A CA  1 
ATOM   803  C C   . SER A 1 143 ? 14.147  18.524  -7.317  1.00 35.82  ? 308 SER A C   1 
ATOM   804  O O   . SER A 1 143 ? 13.560  19.575  -7.216  1.00 35.47  ? 308 SER A O   1 
ATOM   805  C CB  . SER A 1 143 ? 16.007  17.904  -5.783  1.00 37.51  ? 308 SER A CB  1 
ATOM   806  O OG  . SER A 1 143 ? 15.446  18.749  -4.783  1.00 40.50  ? 308 SER A OG  1 
ATOM   807  N N   . TYR A 1 144 ? 13.508  17.402  -7.562  1.00 34.58  ? 309 TYR A N   1 
ATOM   808  C CA  . TYR A 1 144 ? 12.064  17.364  -7.634  1.00 34.34  ? 309 TYR A CA  1 
ATOM   809  C C   . TYR A 1 144 ? 11.665  16.000  -7.083  1.00 32.28  ? 309 TYR A C   1 
ATOM   810  O O   . TYR A 1 144 ? 12.545  15.176  -6.801  1.00 30.11  ? 309 TYR A O   1 
ATOM   811  C CB  . TYR A 1 144 ? 11.582  17.582  -9.062  1.00 36.02  ? 309 TYR A CB  1 
ATOM   812  C CG  . TYR A 1 144 ? 12.050  16.528  -10.033 1.00 39.29  ? 309 TYR A CG  1 
ATOM   813  C CD1 . TYR A 1 144 ? 13.373  16.485  -10.459 1.00 41.14  ? 309 TYR A CD1 1 
ATOM   814  C CD2 . TYR A 1 144 ? 11.172  15.573  -10.535 1.00 42.36  ? 309 TYR A CD2 1 
ATOM   815  C CE1 . TYR A 1 144 ? 13.813  15.520  -11.353 1.00 41.20  ? 309 TYR A CE1 1 
ATOM   816  C CE2 . TYR A 1 144 ? 11.598  14.607  -11.438 1.00 42.18  ? 309 TYR A CE2 1 
ATOM   817  C CZ  . TYR A 1 144 ? 12.922  14.586  -11.843 1.00 41.33  ? 309 TYR A CZ  1 
ATOM   818  O OH  . TYR A 1 144 ? 13.365  13.616  -12.717 1.00 40.49  ? 309 TYR A OH  1 
ATOM   819  N N   . THR A 1 145 ? 10.366  15.780  -6.872  1.00 29.48  ? 310 THR A N   1 
ATOM   820  C CA  . THR A 1 145 ? 9.913   14.513  -6.319  1.00 28.43  ? 310 THR A CA  1 
ATOM   821  C C   . THR A 1 145 ? 9.031   13.736  -7.287  1.00 28.76  ? 310 THR A C   1 
ATOM   822  O O   . THR A 1 145 ? 8.429   14.313  -8.176  1.00 28.37  ? 310 THR A O   1 
ATOM   823  C CB  . THR A 1 145 ? 9.161   14.712  -5.002  1.00 27.52  ? 310 THR A CB  1 
ATOM   824  O OG1 . THR A 1 145 ? 7.996   15.483  -5.226  1.00 25.75  ? 310 THR A OG1 1 
ATOM   825  C CG2 . THR A 1 145 ? 10.013  15.419  -3.999  1.00 28.39  ? 310 THR A CG2 1 
ATOM   826  N N   . GLU A 1 146 ? 8.989   12.423  -7.125  1.00 30.02  ? 311 GLU A N   1 
ATOM   827  C CA  . GLU A 1 146 ? 8.022   11.588  -7.824  1.00 32.55  ? 311 GLU A CA  1 
ATOM   828  C C   . GLU A 1 146 ? 7.483   10.564  -6.857  1.00 29.99  ? 311 GLU A C   1 
ATOM   829  O O   . GLU A 1 146 ? 8.237   9.993   -6.097  1.00 27.74  ? 311 GLU A O   1 
ATOM   830  C CB  . GLU A 1 146 ? 8.678   10.867  -8.986  1.00 39.20  ? 311 GLU A CB  1 
ATOM   831  C CG  . GLU A 1 146 ? 8.178   11.312  -10.345 1.00 46.54  ? 311 GLU A CG  1 
ATOM   832  C CD  . GLU A 1 146 ? 8.688   10.412  -11.454 1.00 53.70  ? 311 GLU A CD  1 
ATOM   833  O OE1 . GLU A 1 146 ? 8.120   9.296   -11.665 1.00 56.99  ? 311 GLU A OE1 1 
ATOM   834  O OE2 . GLU A 1 146 ? 9.667   10.832  -12.109 1.00 56.44  ? 311 GLU A OE2 1 
ATOM   835  N N   . ASP A 1 147 ? 6.185   10.316  -6.907  1.00 30.01  ? 312 ASP A N   1 
ATOM   836  C CA  . ASP A 1 147 ? 5.538   9.460   -5.920  1.00 31.22  ? 312 ASP A CA  1 
ATOM   837  C C   . ASP A 1 147 ? 5.678   7.979   -6.251  1.00 30.14  ? 312 ASP A C   1 
ATOM   838  O O   . ASP A 1 147 ? 5.812   7.606   -7.395  1.00 28.65  ? 312 ASP A O   1 
ATOM   839  C CB  . ASP A 1 147 ? 4.042   9.784   -5.806  1.00 32.53  ? 312 ASP A CB  1 
ATOM   840  C CG  . ASP A 1 147 ? 3.773   11.242  -5.539  1.00 32.88  ? 312 ASP A CG  1 
ATOM   841  O OD1 . ASP A 1 147 ? 4.682   11.919  -5.013  1.00 34.88  ? 312 ASP A OD1 1 
ATOM   842  O OD2 . ASP A 1 147 ? 2.651   11.698  -5.866  1.00 33.04  ? 312 ASP A OD2 1 
ATOM   843  N N   . ALA A 1 148 ? 5.651   7.147   -5.227  1.00 31.35  ? 313 ALA A N   1 
ATOM   844  C CA  . ALA A 1 148 ? 5.493   5.719   -5.408  1.00 35.23  ? 313 ALA A CA  1 
ATOM   845  C C   . ALA A 1 148 ? 4.466   5.192   -4.394  1.00 38.69  ? 313 ALA A C   1 
ATOM   846  O O   . ALA A 1 148 ? 4.354   5.708   -3.265  1.00 40.07  ? 313 ALA A O   1 
ATOM   847  C CB  . ALA A 1 148 ? 6.824   5.017   -5.244  1.00 35.41  ? 313 ALA A CB  1 
ATOM   848  N N   . GLN A 1 149 ? 3.716   4.171   -4.801  1.00 39.59  ? 314 GLN A N   1 
ATOM   849  C CA  . GLN A 1 149 ? 2.665   3.602   -3.955  1.00 39.76  ? 314 GLN A CA  1 
ATOM   850  C C   . GLN A 1 149 ? 2.846   2.098   -3.732  1.00 40.43  ? 314 GLN A C   1 
ATOM   851  O O   . GLN A 1 149 ? 3.133   1.357   -4.664  1.00 42.35  ? 314 GLN A O   1 
ATOM   852  C CB  . GLN A 1 149 ? 1.310   3.852   -4.592  1.00 38.05  ? 314 GLN A CB  1 
ATOM   853  C CG  . GLN A 1 149 ? 0.224   4.103   -3.572  1.00 38.22  ? 314 GLN A CG  1 
ATOM   854  C CD  . GLN A 1 149 ? -1.118  4.391   -4.206  1.00 37.00  ? 314 GLN A CD  1 
ATOM   855  O OE1 . GLN A 1 149 ? -1.311  4.204   -5.394  1.00 35.55  ? 314 GLN A OE1 1 
ATOM   856  N NE2 . GLN A 1 149 ? -2.056  4.844   -3.399  1.00 38.89  ? 314 GLN A NE2 1 
ATOM   857  N N   . CYS A 1 150 ? 2.678   1.643   -2.500  1.00 41.65  ? 315 CYS A N   1 
ATOM   858  C CA  . CYS A 1 150 ? 2.582   0.214   -2.266  1.00 44.01  ? 315 CYS A CA  1 
ATOM   859  C C   . CYS A 1 150 ? 1.293   -0.262  -2.917  1.00 43.25  ? 315 CYS A C   1 
ATOM   860  O O   . CYS A 1 150 ? 0.209   0.246   -2.613  1.00 42.23  ? 315 CYS A O   1 
ATOM   861  C CB  . CYS A 1 150 ? 2.562   -0.088  -0.780  1.00 47.88  ? 315 CYS A CB  1 
ATOM   862  S SG  . CYS A 1 150 ? 2.453   -1.846  -0.391  1.00 52.07  ? 315 CYS A SG  1 
ATOM   863  N N   . ILE A 1 151 ? 1.424   -1.195  -3.854  1.00 44.14  ? 316 ILE A N   1 
ATOM   864  C CA  . ILE A 1 151 ? 0.268   -1.802  -4.512  1.00 46.21  ? 316 ILE A CA  1 
ATOM   865  C C   . ILE A 1 151 ? 0.441   -3.308  -4.489  1.00 45.39  ? 316 ILE A C   1 
ATOM   866  O O   . ILE A 1 151 ? 1.212   -3.859  -5.280  1.00 41.28  ? 316 ILE A O   1 
ATOM   867  C CB  . ILE A 1 151 ? 0.084   -1.324  -5.959  1.00 48.36  ? 316 ILE A CB  1 
ATOM   868  C CG1 . ILE A 1 151 ? -0.442  0.110   -5.966  1.00 53.54  ? 316 ILE A CG1 1 
ATOM   869  C CG2 . ILE A 1 151 ? -0.899  -2.222  -6.703  1.00 48.13  ? 316 ILE A CG2 1 
ATOM   870  C CD1 . ILE A 1 151 ? -0.258  0.820   -7.293  1.00 56.90  ? 316 ILE A CD1 1 
ATOM   871  N N   . ASP A 1 152 ? -0.233  -3.928  -3.514  1.00 43.47  ? 317 ASP A N   1 
ATOM   872  C CA  . ASP A 1 152 ? -0.365  -5.361  -3.397  1.00 42.82  ? 317 ASP A CA  1 
ATOM   873  C C   . ASP A 1 152 ? 1.002   -6.018  -3.327  1.00 41.80  ? 317 ASP A C   1 
ATOM   874  O O   . ASP A 1 152 ? 1.248   -7.036  -3.964  1.00 41.28  ? 317 ASP A O   1 
ATOM   875  C CB  . ASP A 1 152 ? -1.191  -5.899  -4.568  1.00 44.10  ? 317 ASP A CB  1 
ATOM   876  C CG  . ASP A 1 152 ? -1.698  -7.327  -4.351  1.00 44.09  ? 317 ASP A CG  1 
ATOM   877  O OD1 . ASP A 1 152 ? -1.639  -7.878  -3.218  1.00 43.32  ? 317 ASP A OD1 1 
ATOM   878  O OD2 . ASP A 1 152 ? -2.170  -7.894  -5.355  1.00 44.62  ? 317 ASP A OD2 1 
ATOM   879  N N   . GLY A 1 153 ? 1.903   -5.418  -2.567  1.00 43.61  ? 318 GLY A N   1 
ATOM   880  C CA  . GLY A 1 153 ? 3.194   -6.035  -2.319  1.00 46.28  ? 318 GLY A CA  1 
ATOM   881  C C   . GLY A 1 153 ? 4.341   -5.519  -3.153  1.00 48.00  ? 318 GLY A C   1 
ATOM   882  O O   . GLY A 1 153 ? 5.488   -5.702  -2.770  1.00 48.67  ? 318 GLY A O   1 
ATOM   883  N N   . THR A 1 154 ? 4.047   -4.876  -4.283  1.00 50.98  ? 319 THR A N   1 
ATOM   884  C CA  . THR A 1 154 ? 5.081   -4.189  -5.067  1.00 52.62  ? 319 THR A CA  1 
ATOM   885  C C   . THR A 1 154 ? 4.874   -2.696  -4.927  1.00 50.46  ? 319 THR A C   1 
ATOM   886  O O   . THR A 1 154 ? 3.748   -2.218  -4.994  1.00 48.84  ? 319 THR A O   1 
ATOM   887  C CB  . THR A 1 154 ? 5.044   -4.552  -6.566  1.00 55.14  ? 319 THR A CB  1 
ATOM   888  O OG1 . THR A 1 154 ? 3.738   -5.029  -6.901  1.00 64.57  ? 319 THR A OG1 1 
ATOM   889  C CG2 . THR A 1 154 ? 6.071   -5.638  -6.907  1.00 55.90  ? 319 THR A CG2 1 
ATOM   890  N N   . ILE A 1 155 ? 5.972   -1.990  -4.665  1.00 49.71  ? 320 ILE A N   1 
ATOM   891  C CA  . ILE A 1 155 ? 6.037   -0.536  -4.763  1.00 47.63  ? 320 ILE A CA  1 
ATOM   892  C C   . ILE A 1 155 ? 7.184   -0.231  -5.699  1.00 46.86  ? 320 ILE A C   1 
ATOM   893  O O   . ILE A 1 155 ? 8.338   -0.524  -5.386  1.00 43.47  ? 320 ILE A O   1 
ATOM   894  C CB  . ILE A 1 155 ? 6.301   0.168   -3.402  1.00 47.68  ? 320 ILE A CB  1 
ATOM   895  C CG1 . ILE A 1 155 ? 6.453   1.675   -3.612  1.00 47.73  ? 320 ILE A CG1 1 
ATOM   896  C CG2 . ILE A 1 155 ? 7.550   -0.352  -2.696  1.00 46.14  ? 320 ILE A CG2 1 
ATOM   897  C CD1 . ILE A 1 155 ? 6.454   2.470   -2.334  1.00 48.67  ? 320 ILE A CD1 1 
ATOM   898  N N   . GLU A 1 156 ? 6.880   0.359   -6.847  1.00 48.16  ? 321 GLU A N   1 
ATOM   899  C CA  . GLU A 1 156 ? 7.928   0.608   -7.832  1.00 50.28  ? 321 GLU A CA  1 
ATOM   900  C C   . GLU A 1 156 ? 8.571   1.962   -7.556  1.00 45.83  ? 321 GLU A C   1 
ATOM   901  O O   . GLU A 1 156 ? 7.910   2.991   -7.615  1.00 43.17  ? 321 GLU A O   1 
ATOM   902  C CB  . GLU A 1 156 ? 7.363   0.531   -9.256  1.00 55.23  ? 321 GLU A CB  1 
ATOM   903  C CG  . GLU A 1 156 ? 8.146   -0.401  -10.177 1.00 61.83  ? 321 GLU A CG  1 
ATOM   904  C CD  . GLU A 1 156 ? 7.248   -1.391  -10.908 1.00 68.08  ? 321 GLU A CD  1 
ATOM   905  O OE1 . GLU A 1 156 ? 6.081   -1.029  -11.208 1.00 70.68  ? 321 GLU A OE1 1 
ATOM   906  O OE2 . GLU A 1 156 ? 7.706   -2.534  -11.169 1.00 67.85  ? 321 GLU A OE2 1 
ATOM   907  N N   . VAL A 1 157 ? 9.861   1.945   -7.233  1.00 43.89  ? 322 VAL A N   1 
ATOM   908  C CA  . VAL A 1 157 ? 10.610  3.181   -6.958  1.00 42.26  ? 322 VAL A CA  1 
ATOM   909  C C   . VAL A 1 157 ? 10.819  3.872   -8.296  1.00 39.75  ? 322 VAL A C   1 
ATOM   910  O O   . VAL A 1 157 ? 10.963  3.192   -9.300  1.00 41.62  ? 322 VAL A O   1 
ATOM   911  C CB  . VAL A 1 157 ? 11.950  2.939   -6.180  1.00 42.69  ? 322 VAL A CB  1 
ATOM   912  C CG1 . VAL A 1 157 ? 12.217  1.459   -5.913  1.00 44.58  ? 322 VAL A CG1 1 
ATOM   913  C CG2 . VAL A 1 157 ? 13.146  3.562   -6.881  1.00 41.70  ? 322 VAL A CG2 1 
ATOM   914  N N   . PRO A 1 158 ? 10.819  5.219   -8.330  1.00 38.64  ? 323 PRO A N   1 
ATOM   915  C CA  . PRO A 1 158 ? 10.845  5.887   -9.636  1.00 38.60  ? 323 PRO A CA  1 
ATOM   916  C C   . PRO A 1 158 ? 12.178  5.723   -10.381 1.00 39.45  ? 323 PRO A C   1 
ATOM   917  O O   . PRO A 1 158 ? 13.210  5.528   -9.753  1.00 38.56  ? 323 PRO A O   1 
ATOM   918  C CB  . PRO A 1 158 ? 10.584  7.354   -9.279  1.00 38.87  ? 323 PRO A CB  1 
ATOM   919  C CG  . PRO A 1 158 ? 10.104  7.351   -7.863  1.00 38.06  ? 323 PRO A CG  1 
ATOM   920  C CD  . PRO A 1 158 ? 10.813  6.201   -7.237  1.00 37.81  ? 323 PRO A CD  1 
ATOM   921  N N   . LYS A 1 159 ? 12.143  5.786   -11.709 1.00 42.95  ? 324 LYS A N   1 
ATOM   922  C CA  . LYS A 1 159 ? 13.337  5.520   -12.538 1.00 46.24  ? 324 LYS A CA  1 
ATOM   923  C C   . LYS A 1 159 ? 14.411  6.596   -12.321 1.00 43.68  ? 324 LYS A C   1 
ATOM   924  O O   . LYS A 1 159 ? 15.603  6.275   -12.244 1.00 40.88  ? 324 LYS A O   1 
ATOM   925  C CB  . LYS A 1 159 ? 12.995  5.402   -14.042 1.00 52.45  ? 324 LYS A CB  1 
ATOM   926  C CG  . LYS A 1 159 ? 11.710  4.631   -14.390 1.00 61.59  ? 324 LYS A CG  1 
ATOM   927  C CD  . LYS A 1 159 ? 10.473  5.544   -14.534 1.00 68.19  ? 324 LYS A CD  1 
ATOM   928  C CE  . LYS A 1 159 ? 9.293   5.099   -13.658 1.00 71.61  ? 324 LYS A CE  1 
ATOM   929  N NZ  . LYS A 1 159 ? 8.689   6.231   -12.882 1.00 73.81  ? 324 LYS A NZ  1 
ATOM   930  N N   . CYS A 1 160 ? 13.986  7.860   -12.186 1.00 41.37  ? 325 CYS A N   1 
ATOM   931  C CA  . CYS A 1 160 ? 14.911  8.963   -11.904 1.00 41.21  ? 325 CYS A CA  1 
ATOM   932  C C   . CYS A 1 160 ? 15.650  8.870   -10.563 1.00 37.44  ? 325 CYS A C   1 
ATOM   933  O O   . CYS A 1 160 ? 16.517  9.677   -10.270 1.00 37.87  ? 325 CYS A O   1 
ATOM   934  C CB  . CYS A 1 160 ? 14.181  10.302  -11.951 1.00 44.26  ? 325 CYS A CB  1 
ATOM   935  S SG  . CYS A 1 160 ? 12.834  10.478  -10.752 1.00 56.61  ? 325 CYS A SG  1 
ATOM   936  N N   . PHE A 1 161 ? 15.315  7.904   -9.740  1.00 36.26  ? 326 PHE A N   1 
ATOM   937  C CA  . PHE A 1 161 ? 15.875  7.847   -8.411  1.00 37.07  ? 326 PHE A CA  1 
ATOM   938  C C   . PHE A 1 161 ? 17.122  6.990   -8.363  1.00 39.10  ? 326 PHE A C   1 
ATOM   939  O O   . PHE A 1 161 ? 17.065  5.840   -8.744  1.00 41.35  ? 326 PHE A O   1 
ATOM   940  C CB  . PHE A 1 161 ? 14.852  7.252   -7.461  1.00 35.82  ? 326 PHE A CB  1 
ATOM   941  C CG  . PHE A 1 161 ? 15.377  7.038   -6.085  1.00 34.57  ? 326 PHE A CG  1 
ATOM   942  C CD1 . PHE A 1 161 ? 15.364  8.064   -5.164  1.00 32.84  ? 326 PHE A CD1 1 
ATOM   943  C CD2 . PHE A 1 161 ? 15.900  5.816   -5.718  1.00 35.07  ? 326 PHE A CD2 1 
ATOM   944  C CE1 . PHE A 1 161 ? 15.844  7.881   -3.889  1.00 31.94  ? 326 PHE A CE1 1 
ATOM   945  C CE2 . PHE A 1 161 ? 16.385  5.625   -4.439  1.00 35.22  ? 326 PHE A CE2 1 
ATOM   946  C CZ  . PHE A 1 161 ? 16.359  6.669   -3.526  1.00 33.17  ? 326 PHE A CZ  1 
ATOM   947  N N   . LYS A 1 162 ? 18.223  7.540   -7.854  1.00 41.27  ? 327 LYS A N   1 
ATOM   948  C CA  . LYS A 1 162 ? 19.451  6.798   -7.653  1.00 45.31  ? 327 LYS A CA  1 
ATOM   949  C C   . LYS A 1 162 ? 19.829  6.840   -6.187  1.00 44.60  ? 327 LYS A C   1 
ATOM   950  O O   . LYS A 1 162 ? 20.069  7.895   -5.645  1.00 44.92  ? 327 LYS A O   1 
ATOM   951  C CB  . LYS A 1 162 ? 20.599  7.401   -8.465  1.00 53.15  ? 327 LYS A CB  1 
ATOM   952  C CG  . LYS A 1 162 ? 20.247  7.895   -9.865  1.00 61.62  ? 327 LYS A CG  1 
ATOM   953  C CD  . LYS A 1 162 ? 20.106  6.786   -10.906 1.00 69.62  ? 327 LYS A CD  1 
ATOM   954  C CE  . LYS A 1 162 ? 19.448  7.311   -12.183 1.00 73.45  ? 327 LYS A CE  1 
ATOM   955  N NZ  . LYS A 1 162 ? 20.067  8.591   -12.650 1.00 74.52  ? 327 LYS A NZ  1 
ATOM   956  N N   . GLU A 1 163 ? 19.877  5.683   -5.548  1.00 48.48  ? 328 GLU A N   1 
ATOM   957  C CA  . GLU A 1 163 ? 20.325  5.573   -4.163  1.00 51.78  ? 328 GLU A CA  1 
ATOM   958  C C   . GLU A 1 163 ? 21.842  5.472   -4.155  1.00 51.56  ? 328 GLU A C   1 
ATOM   959  O O   . GLU A 1 163 ? 22.407  4.685   -4.899  1.00 50.99  ? 328 GLU A O   1 
ATOM   960  C CB  . GLU A 1 163 ? 19.709  4.323   -3.506  1.00 54.05  ? 328 GLU A CB  1 
ATOM   961  C CG  . GLU A 1 163 ? 20.322  3.901   -2.171  1.00 55.23  ? 328 GLU A CG  1 
ATOM   962  C CD  . GLU A 1 163 ? 19.538  2.786   -1.479  1.00 57.28  ? 328 GLU A CD  1 
ATOM   963  O OE1 . GLU A 1 163 ? 18.967  1.900   -2.170  1.00 56.33  ? 328 GLU A OE1 1 
ATOM   964  O OE2 . GLU A 1 163 ? 19.489  2.792   -0.231  1.00 58.60  ? 328 GLU A OE2 1 
ATOM   965  N N   . HIS A 1 164 ? 22.492  6.250   -3.298  1.00 53.14  ? 329 HIS A N   1 
ATOM   966  C CA  . HIS A 1 164 ? 23.952  6.243   -3.190  1.00 52.57  ? 329 HIS A CA  1 
ATOM   967  C C   . HIS A 1 164 ? 24.384  5.710   -1.841  1.00 51.84  ? 329 HIS A C   1 
ATOM   968  O O   . HIS A 1 164 ? 23.896  6.156   -0.798  1.00 48.06  ? 329 HIS A O   1 
ATOM   969  C CB  . HIS A 1 164 ? 24.513  7.661   -3.345  1.00 54.11  ? 329 HIS A CB  1 
ATOM   970  C CG  . HIS A 1 164 ? 24.162  8.308   -4.646  1.00 55.11  ? 329 HIS A CG  1 
ATOM   971  N ND1 . HIS A 1 164 ? 24.650  7.855   -5.855  1.00 56.43  ? 329 HIS A ND1 1 
ATOM   972  C CD2 . HIS A 1 164 ? 23.364  9.365   -4.930  1.00 54.33  ? 329 HIS A CD2 1 
ATOM   973  C CE1 . HIS A 1 164 ? 24.161  8.601   -6.828  1.00 58.22  ? 329 HIS A CE1 1 
ATOM   974  N NE2 . HIS A 1 164 ? 23.376  9.525   -6.294  1.00 56.70  ? 329 HIS A NE2 1 
ATOM   975  N N   . SER A 1 165 ? 25.321  4.770   -1.857  1.00 53.00  ? 330 SER A N   1 
ATOM   976  C CA  . SER A 1 165 ? 25.971  4.336   -0.633  1.00 51.54  ? 330 SER A CA  1 
ATOM   977  C C   . SER A 1 165 ? 26.571  5.543   0.060   1.00 50.87  ? 330 SER A C   1 
ATOM   978  O O   . SER A 1 165 ? 26.924  6.523   -0.599  1.00 49.70  ? 330 SER A O   1 
ATOM   979  C CB  . SER A 1 165 ? 27.077  3.346   -0.949  1.00 52.33  ? 330 SER A CB  1 
ATOM   980  O OG  . SER A 1 165 ? 27.791  3.026   0.223   1.00 55.51  ? 330 SER A OG  1 
ATOM   981  N N   . SER A 1 166 ? 26.697  5.477   1.382   1.00 50.95  ? 331 SER A N   1 
ATOM   982  C CA  . SER A 1 166 ? 27.410  6.528   2.118   1.00 52.63  ? 331 SER A CA  1 
ATOM   983  C C   . SER A 1 166 ? 28.930  6.455   1.833   1.00 52.53  ? 331 SER A C   1 
ATOM   984  O O   . SER A 1 166 ? 29.676  7.403   2.105   1.00 51.11  ? 331 SER A O   1 
ATOM   985  C CB  . SER A 1 166 ? 27.153  6.419   3.618   1.00 53.88  ? 331 SER A CB  1 
ATOM   986  O OG  . SER A 1 166 ? 28.269  5.830   4.248   1.00 57.90  ? 331 SER A OG  1 
ATOM   987  N N   . LEU A 1 167 ? 29.375  5.318   1.300   1.00 51.02  ? 332 LEU A N   1 
ATOM   988  C CA  . LEU A 1 167 ? 30.728  5.175   0.781   1.00 51.26  ? 332 LEU A CA  1 
ATOM   989  C C   . LEU A 1 167 ? 31.022  6.054   -0.428  1.00 52.96  ? 332 LEU A C   1 
ATOM   990  O O   . LEU A 1 167 ? 32.173  6.422   -0.661  1.00 55.39  ? 332 LEU A O   1 
ATOM   991  C CB  . LEU A 1 167 ? 30.968  3.738   0.371   1.00 51.35  ? 332 LEU A CB  1 
ATOM   992  C CG  . LEU A 1 167 ? 31.006  2.739   1.512   1.00 50.56  ? 332 LEU A CG  1 
ATOM   993  C CD1 . LEU A 1 167 ? 30.943  1.342   0.926   1.00 51.35  ? 332 LEU A CD1 1 
ATOM   994  C CD2 . LEU A 1 167 ? 32.267  2.914   2.349   1.00 50.74  ? 332 LEU A CD2 1 
ATOM   995  N N   . ALA A 1 168 ? 30.003  6.363   -1.219  1.00 53.51  ? 333 ALA A N   1 
ATOM   996  C CA  . ALA A 1 168 ? 30.192  7.236   -2.375  1.00 56.31  ? 333 ALA A CA  1 
ATOM   997  C C   . ALA A 1 168 ? 29.988  8.667   -1.939  1.00 53.85  ? 333 ALA A C   1 
ATOM   998  O O   . ALA A 1 168 ? 29.101  9.347   -2.443  1.00 57.85  ? 333 ALA A O   1 
ATOM   999  C CB  . ALA A 1 168 ? 29.216  6.880   -3.497  1.00 57.58  ? 333 ALA A CB  1 
ATOM   1000 N N   . PHE A 1 169 ? 30.817  9.133   -1.014  1.00 51.72  ? 334 PHE A N   1 
ATOM   1001 C CA  . PHE A 1 169 ? 30.617  10.453  -0.411  1.00 51.19  ? 334 PHE A CA  1 
ATOM   1002 C C   . PHE A 1 169 ? 30.815  11.600  -1.396  1.00 50.64  ? 334 PHE A C   1 
ATOM   1003 O O   . PHE A 1 169 ? 30.462  12.737  -1.101  1.00 54.33  ? 334 PHE A O   1 
ATOM   1004 C CB  . PHE A 1 169 ? 31.503  10.655  0.823   1.00 51.09  ? 334 PHE A CB  1 
ATOM   1005 C CG  . PHE A 1 169 ? 32.968  10.498  0.556   1.00 50.44  ? 334 PHE A CG  1 
ATOM   1006 C CD1 . PHE A 1 169 ? 33.698  11.535  -0.010  1.00 51.15  ? 334 PHE A CD1 1 
ATOM   1007 C CD2 . PHE A 1 169 ? 33.623  9.315   0.878   1.00 49.90  ? 334 PHE A CD2 1 
ATOM   1008 C CE1 . PHE A 1 169 ? 35.054  11.397  -0.252  1.00 51.59  ? 334 PHE A CE1 1 
ATOM   1009 C CE2 . PHE A 1 169 ? 34.976  9.167   0.631   1.00 50.38  ? 334 PHE A CE2 1 
ATOM   1010 C CZ  . PHE A 1 169 ? 35.692  10.211  0.070   1.00 51.34  ? 334 PHE A CZ  1 
ATOM   1011 N N   . TRP A 1 170 ? 31.370  11.308  -2.565  1.00 49.20  ? 335 TRP A N   1 
ATOM   1012 C CA  . TRP A 1 170 ? 31.474  12.324  -3.612  1.00 49.73  ? 335 TRP A CA  1 
ATOM   1013 C C   . TRP A 1 170 ? 30.155  12.639  -4.288  1.00 49.66  ? 335 TRP A C   1 
ATOM   1014 O O   . TRP A 1 170 ? 30.020  13.658  -4.982  1.00 47.77  ? 335 TRP A O   1 
ATOM   1015 C CB  . TRP A 1 170 ? 32.495  11.936  -4.681  1.00 51.40  ? 335 TRP A CB  1 
ATOM   1016 C CG  . TRP A 1 170 ? 32.421  10.567  -5.198  1.00 50.30  ? 335 TRP A CG  1 
ATOM   1017 C CD1 . TRP A 1 170 ? 31.811  10.139  -6.337  1.00 48.86  ? 335 TRP A CD1 1 
ATOM   1018 C CD2 . TRP A 1 170 ? 33.041  9.435   -4.618  1.00 51.45  ? 335 TRP A CD2 1 
ATOM   1019 N NE1 . TRP A 1 170 ? 32.011  8.788   -6.494  1.00 47.78  ? 335 TRP A NE1 1 
ATOM   1020 C CE2 . TRP A 1 170 ? 32.760  8.332   -5.445  1.00 48.43  ? 335 TRP A CE2 1 
ATOM   1021 C CE3 . TRP A 1 170 ? 33.803  9.241   -3.464  1.00 53.85  ? 335 TRP A CE3 1 
ATOM   1022 C CZ2 . TRP A 1 170 ? 33.213  7.060   -5.158  1.00 50.73  ? 335 TRP A CZ2 1 
ATOM   1023 C CZ3 . TRP A 1 170 ? 34.245  7.976   -3.174  1.00 56.61  ? 335 TRP A CZ3 1 
ATOM   1024 C CH2 . TRP A 1 170 ? 33.957  6.900   -4.019  1.00 54.16  ? 335 TRP A CH2 1 
ATOM   1025 N N   . LYS A 1 171 ? 29.194  11.752  -4.098  1.00 51.75  ? 336 LYS A N   1 
ATOM   1026 C CA  . LYS A 1 171 ? 27.899  11.907  -4.703  1.00 50.68  ? 336 LYS A CA  1 
ATOM   1027 C C   . LYS A 1 171 ? 26.940  12.482  -3.676  1.00 48.08  ? 336 LYS A C   1 
ATOM   1028 O O   . LYS A 1 171 ? 27.140  12.326  -2.472  1.00 43.77  ? 336 LYS A O   1 
ATOM   1029 C CB  . LYS A 1 171 ? 27.433  10.573  -5.269  1.00 52.73  ? 336 LYS A CB  1 
ATOM   1030 C CG  . LYS A 1 171 ? 27.121  10.698  -6.745  1.00 58.29  ? 336 LYS A CG  1 
ATOM   1031 C CD  . LYS A 1 171 ? 27.949  9.757   -7.599  1.00 62.83  ? 336 LYS A CD  1 
ATOM   1032 C CE  . LYS A 1 171 ? 28.065  10.252  -9.044  1.00 66.96  ? 336 LYS A CE  1 
ATOM   1033 N NZ  . LYS A 1 171 ? 26.792  10.823  -9.584  1.00 67.23  ? 336 LYS A NZ  1 
ATOM   1034 N N   . THR A 1 172 ? 25.925  13.184  -4.164  1.00 48.35  ? 337 THR A N   1 
ATOM   1035 C CA  . THR A 1 172 ? 25.032  13.952  -3.305  1.00 50.78  ? 337 THR A CA  1 
ATOM   1036 C C   . THR A 1 172 ? 23.606  13.439  -3.434  1.00 47.96  ? 337 THR A C   1 
ATOM   1037 O O   . THR A 1 172 ? 23.117  13.196  -4.543  1.00 47.88  ? 337 THR A O   1 
ATOM   1038 C CB  . THR A 1 172 ? 25.077  15.457  -3.650  1.00 53.28  ? 337 THR A CB  1 
ATOM   1039 O OG1 . THR A 1 172 ? 26.440  15.868  -3.759  1.00 55.61  ? 337 THR A OG1 1 
ATOM   1040 C CG2 . THR A 1 172 ? 24.411  16.285  -2.563  1.00 55.68  ? 337 THR A CG2 1 
ATOM   1041 N N   . ASP A 1 173 ? 22.949  13.287  -2.287  1.00 43.80  ? 338 ASP A N   1 
ATOM   1042 C CA  . ASP A 1 173 ? 21.570  12.850  -2.250  1.00 42.40  ? 338 ASP A CA  1 
ATOM   1043 C C   . ASP A 1 173 ? 20.658  13.923  -2.791  1.00 38.46  ? 338 ASP A C   1 
ATOM   1044 O O   . ASP A 1 173 ? 20.668  15.048  -2.293  1.00 39.10  ? 338 ASP A O   1 
ATOM   1045 C CB  . ASP A 1 173 ? 21.150  12.499  -0.826  1.00 44.39  ? 338 ASP A CB  1 
ATOM   1046 C CG  . ASP A 1 173 ? 21.888  11.290  -0.298  1.00 50.57  ? 338 ASP A CG  1 
ATOM   1047 O OD1 . ASP A 1 173 ? 22.415  10.476  -1.119  1.00 51.58  ? 338 ASP A OD1 1 
ATOM   1048 O OD2 . ASP A 1 173 ? 21.960  11.160  0.945   1.00 56.70  ? 338 ASP A OD2 1 
ATOM   1049 N N   . ALA A 1 174 ? 19.864  13.549  -3.794  1.00 33.93  ? 339 ALA A N   1 
ATOM   1050 C CA  . ALA A 1 174 ? 18.853  14.415  -4.385  1.00 32.94  ? 339 ALA A CA  1 
ATOM   1051 C C   . ALA A 1 174 ? 18.059  15.196  -3.356  1.00 31.94  ? 339 ALA A C   1 
ATOM   1052 O O   . ALA A 1 174 ? 17.653  16.336  -3.630  1.00 29.05  ? 339 ALA A O   1 
ATOM   1053 C CB  . ALA A 1 174 ? 17.903  13.606  -5.262  1.00 33.87  ? 339 ALA A CB  1 
ATOM   1054 N N   . SER A 1 175 ? 17.843  14.594  -2.182  1.00 32.47  ? 340 SER A N   1 
ATOM   1055 C CA  . SER A 1 175 ? 17.078  15.248  -1.117  1.00 34.37  ? 340 SER A CA  1 
ATOM   1056 C C   . SER A 1 175 ? 17.797  16.437  -0.475  1.00 35.72  ? 340 SER A C   1 
ATOM   1057 O O   . SER A 1 175 ? 17.193  17.170  0.302   1.00 36.44  ? 340 SER A O   1 
ATOM   1058 C CB  . SER A 1 175 ? 16.632  14.248  -0.051  1.00 33.56  ? 340 SER A CB  1 
ATOM   1059 O OG  . SER A 1 175 ? 17.731  13.740  0.661   1.00 35.55  ? 340 SER A OG  1 
ATOM   1060 N N   . ASP A 1 176 ? 19.061  16.642  -0.821  1.00 38.99  ? 341 ASP A N   1 
ATOM   1061 C CA  . ASP A 1 176 ? 19.827  17.788  -0.332  1.00 43.40  ? 341 ASP A CA  1 
ATOM   1062 C C   . ASP A 1 176 ? 20.041  18.886  -1.364  1.00 42.18  ? 341 ASP A C   1 
ATOM   1063 O O   . ASP A 1 176 ? 20.436  20.002  -1.028  1.00 45.26  ? 341 ASP A O   1 
ATOM   1064 C CB  . ASP A 1 176 ? 21.159  17.299  0.175   1.00 47.17  ? 341 ASP A CB  1 
ATOM   1065 C CG  . ASP A 1 176 ? 21.000  16.365  1.346   1.00 53.68  ? 341 ASP A CG  1 
ATOM   1066 O OD1 . ASP A 1 176 ? 20.129  16.678  2.202   1.00 52.79  ? 341 ASP A OD1 1 
ATOM   1067 O OD2 . ASP A 1 176 ? 21.726  15.330  1.400   1.00 59.72  ? 341 ASP A OD2 1 
ATOM   1068 N N   . VAL A 1 177 ? 19.769  18.581  -2.617  1.00 37.92  ? 342 VAL A N   1 
ATOM   1069 C CA  . VAL A 1 177 ? 19.884  19.569  -3.653  1.00 36.84  ? 342 VAL A CA  1 
ATOM   1070 C C   . VAL A 1 177 ? 18.708  20.560  -3.533  1.00 38.09  ? 342 VAL A C   1 
ATOM   1071 O O   . VAL A 1 177 ? 17.578  20.177  -3.228  1.00 36.84  ? 342 VAL A O   1 
ATOM   1072 C CB  . VAL A 1 177 ? 19.899  18.867  -5.022  1.00 35.65  ? 342 VAL A CB  1 
ATOM   1073 C CG1 . VAL A 1 177 ? 19.803  19.865  -6.176  1.00 36.10  ? 342 VAL A CG1 1 
ATOM   1074 C CG2 . VAL A 1 177 ? 21.118  17.979  -5.135  1.00 33.99  ? 342 VAL A CG2 1 
ATOM   1075 N N   . LYS A 1 178 ? 18.980  21.833  -3.776  1.00 39.67  ? 343 LYS A N   1 
ATOM   1076 C CA  . LYS A 1 178 ? 17.929  22.840  -3.780  1.00 43.28  ? 343 LYS A CA  1 
ATOM   1077 C C   . LYS A 1 178 ? 16.761  22.431  -4.664  1.00 43.80  ? 343 LYS A C   1 
ATOM   1078 O O   . LYS A 1 178 ? 16.972  21.872  -5.727  1.00 43.51  ? 343 LYS A O   1 
ATOM   1079 C CB  . LYS A 1 178 ? 18.478  24.203  -4.234  1.00 45.84  ? 343 LYS A CB  1 
ATOM   1080 C CG  . LYS A 1 178 ? 19.137  24.224  -5.608  1.00 46.68  ? 343 LYS A CG  1 
ATOM   1081 C CD  . LYS A 1 178 ? 19.550  25.637  -6.001  1.00 47.61  ? 343 LYS A CD  1 
ATOM   1082 C CE  . LYS A 1 178 ? 19.702  25.787  -7.507  1.00 49.19  ? 343 LYS A CE  1 
ATOM   1083 N NZ  . LYS A 1 178 ? 20.890  25.043  -8.008  1.00 51.45  ? 343 LYS A NZ  1 
ATOM   1084 N N   . PRO A 1 179 ? 15.522  22.719  -4.237  1.00 47.13  ? 344 PRO A N   1 
ATOM   1085 C CA  . PRO A 1 179 ? 14.371  22.163  -4.931  1.00 48.21  ? 344 PRO A CA  1 
ATOM   1086 C C   . PRO A 1 179 ? 14.048  23.015  -6.098  1.00 46.82  ? 344 PRO A C   1 
ATOM   1087 O O   . PRO A 1 179 ? 14.274  24.188  -6.029  1.00 50.05  ? 344 PRO A O   1 
ATOM   1088 C CB  . PRO A 1 179 ? 13.252  22.255  -3.887  1.00 50.96  ? 344 PRO A CB  1 
ATOM   1089 C CG  . PRO A 1 179 ? 13.919  22.704  -2.613  1.00 52.24  ? 344 PRO A CG  1 
ATOM   1090 C CD  . PRO A 1 179 ? 15.079  23.522  -3.093  1.00 49.83  ? 344 PRO A CD  1 
ATOM   1091 N N   . CYS A 1 180 ? 13.524  22.428  -7.161  1.00 53.82  ? 345 CYS A N   1 
ATOM   1092 C CA  . CYS A 1 180 ? 13.294  23.154  -8.408  1.00 60.40  ? 345 CYS A CA  1 
ATOM   1093 C C   . CYS A 1 180 ? 12.135  24.131  -8.299  1.00 63.86  ? 345 CYS A C   1 
ATOM   1094 O O   . CYS A 1 180 ? 11.988  24.970  -9.180  1.00 68.73  ? 345 CYS A O   1 
ATOM   1095 C CB  . CYS A 1 180 ? 13.033  22.191  -9.576  1.00 63.16  ? 345 CYS A CB  1 
ATOM   1096 S SG  . CYS A 1 180 ? 14.320  20.934  -9.845  1.00 75.77  ? 345 CYS A SG  1 
ATOM   1097 O OXT . CYS A 1 180 ? 11.331  24.124  -7.362  1.00 67.42  ? 345 CYS A OXT 1 
HETATM 1098 S S   . SO4 B 2 .   ? 23.408  10.990  -9.809  1.00 68.25  ? 401 SO4 A S   1 
HETATM 1099 O O1  . SO4 B 2 .   ? 24.352  11.796  -10.608 1.00 66.08  ? 401 SO4 A O1  1 
HETATM 1100 O O2  . SO4 B 2 .   ? 23.567  11.395  -8.401  1.00 74.61  ? 401 SO4 A O2  1 
HETATM 1101 O O3  . SO4 B 2 .   ? 22.012  11.241  -10.247 1.00 65.74  ? 401 SO4 A O3  1 
HETATM 1102 O O4  . SO4 B 2 .   ? 23.738  9.548   -9.917  1.00 67.16  ? 401 SO4 A O4  1 
HETATM 1103 S S   . SO4 C 2 .   ? 26.339  14.738  -7.478  1.00 81.83  ? 402 SO4 A S   1 
HETATM 1104 O O1  . SO4 C 2 .   ? 26.817  13.653  -8.380  1.00 74.78  ? 402 SO4 A O1  1 
HETATM 1105 O O2  . SO4 C 2 .   ? 27.447  15.398  -6.750  1.00 69.66  ? 402 SO4 A O2  1 
HETATM 1106 O O3  . SO4 C 2 .   ? 25.595  15.745  -8.277  1.00 82.11  ? 402 SO4 A O3  1 
HETATM 1107 O O4  . SO4 C 2 .   ? 25.441  14.136  -6.472  1.00 88.87  ? 402 SO4 A O4  1 
HETATM 1108 S S   . SO4 D 2 .   ? -3.959  -18.339 1.634   1.00 85.32  ? 403 SO4 A S   1 
HETATM 1109 O O1  . SO4 D 2 .   ? -2.609  -18.201 1.043   1.00 94.98  ? 403 SO4 A O1  1 
HETATM 1110 O O2  . SO4 D 2 .   ? -4.053  -17.454 2.821   1.00 80.04  ? 403 SO4 A O2  1 
HETATM 1111 O O3  . SO4 D 2 .   ? -4.978  -18.012 0.596   1.00 77.68  ? 403 SO4 A O3  1 
HETATM 1112 O O4  . SO4 D 2 .   ? -4.121  -19.738 2.080   1.00 88.78  ? 403 SO4 A O4  1 
# 
